data_4MNO
# 
_entry.id   4MNO 
# 
_audit_conform.dict_name       mmcif_pdbx.dic 
_audit_conform.dict_version    5.379 
_audit_conform.dict_location   http://mmcif.pdb.org/dictionaries/ascii/mmcif_pdbx.dic 
# 
loop_
_database_2.database_id 
_database_2.database_code 
_database_2.pdbx_database_accession 
_database_2.pdbx_DOI 
PDB   4MNO         pdb_00004mno 10.2210/pdb4mno/pdb 
RCSB  RCSB082138   ?            ?                   
WWPDB D_1000082138 ?            ?                   
# 
_pdbx_database_related.db_name        PDB 
_pdbx_database_related.db_id          4MO0 
_pdbx_database_related.details        . 
_pdbx_database_related.content_type   unspecified 
# 
_pdbx_database_status.status_code                     REL 
_pdbx_database_status.entry_id                        4MNO 
_pdbx_database_status.recvd_initial_deposition_date   2013-09-11 
_pdbx_database_status.deposit_site                    RCSB 
_pdbx_database_status.process_site                    RCSB 
_pdbx_database_status.status_code_sf                  REL 
_pdbx_database_status.status_code_mr                  ? 
_pdbx_database_status.SG_entry                        ? 
_pdbx_database_status.status_code_cs                  ? 
_pdbx_database_status.methods_development_category    ? 
_pdbx_database_status.pdb_format_compatible           Y 
_pdbx_database_status.status_code_nmr_data            ? 
# 
loop_
_audit_author.name 
_audit_author.pdbx_ordinal 
'Schmitt, E.'  1 
'Mechulam, Y.' 2 
# 
_citation.id                        primary 
_citation.title                     'Crystal structure of aIF1A from Pyrococcus abyssi' 
_citation.journal_abbrev            'To be Published' 
_citation.journal_volume            ? 
_citation.page_first                ? 
_citation.page_last                 ? 
_citation.year                      ? 
_citation.journal_id_ASTM           ? 
_citation.country                   ? 
_citation.journal_id_ISSN           ? 
_citation.journal_id_CSD            0353 
_citation.book_publisher            ? 
_citation.pdbx_database_id_PubMed   ? 
_citation.pdbx_database_id_DOI      ? 
# 
loop_
_citation_author.citation_id 
_citation_author.name 
_citation_author.ordinal 
_citation_author.identifier_ORCID 
primary 'Coureux, P.-D.'  1 ? 
primary 'Schmitt, E.'     2 ? 
primary 'Monestier, A.'   3 ? 
primary 'Larquet, E.'     4 ? 
primary 'Cladiere, L.'    5 ? 
primary 'Menetret, J.-F.' 6 ? 
primary 'Klaholz, B.'     7 ? 
primary 'Mechulam, Y.'    8 ? 
# 
_cell.entry_id           4MNO 
_cell.length_a           36.430 
_cell.length_b           46.770 
_cell.length_c           57.940 
_cell.angle_alpha        90.00 
_cell.angle_beta         90.00 
_cell.angle_gamma        90.00 
_cell.Z_PDB              4 
_cell.pdbx_unique_axis   ? 
_cell.length_a_esd       ? 
_cell.length_b_esd       ? 
_cell.length_c_esd       ? 
_cell.angle_alpha_esd    ? 
_cell.angle_beta_esd     ? 
_cell.angle_gamma_esd    ? 
# 
_symmetry.entry_id                         4MNO 
_symmetry.space_group_name_H-M             'P 21 21 21' 
_symmetry.pdbx_full_space_group_name_H-M   ? 
_symmetry.cell_setting                     ? 
_symmetry.Int_Tables_number                19 
_symmetry.space_group_name_Hall            ? 
# 
loop_
_entity.id 
_entity.type 
_entity.src_method 
_entity.pdbx_description 
_entity.formula_weight 
_entity.pdbx_number_of_molecules 
_entity.pdbx_ec 
_entity.pdbx_mutation 
_entity.pdbx_fragment 
_entity.details 
1 polymer man 'Translation initiation factor 1A' 13322.617 1   ? ? ? ? 
2 water   nat water                              18.015    156 ? ? ? ? 
# 
_entity_name_com.entity_id   1 
_entity_name_com.name        aIF-1A 
# 
_entity_poly.entity_id                      1 
_entity_poly.type                           'polypeptide(L)' 
_entity_poly.nstd_linkage                   no 
_entity_poly.nstd_monomer                   no 
_entity_poly.pdbx_seq_one_letter_code       
;MLMPKKERKVEGDEVIRVPLPEGNQLFGVVEQALGAGWMDVRCEDGKIRRCRIPGKLRRRVWIRVGDLVIVQPWPVQSDK
RGDIVYRYTQTQVDWLLRKGKITQEFLTGGSLLVE
;
_entity_poly.pdbx_seq_one_letter_code_can   
;MLMPKKERKVEGDEVIRVPLPEGNQLFGVVEQALGAGWMDVRCEDGKIRRCRIPGKLRRRVWIRVGDLVIVQPWPVQSDK
RGDIVYRYTQTQVDWLLRKGKITQEFLTGGSLLVE
;
_entity_poly.pdbx_strand_id                 A 
_entity_poly.pdbx_target_identifier         ? 
# 
loop_
_entity_poly_seq.entity_id 
_entity_poly_seq.num 
_entity_poly_seq.mon_id 
_entity_poly_seq.hetero 
1 1   MET n 
1 2   LEU n 
1 3   MET n 
1 4   PRO n 
1 5   LYS n 
1 6   LYS n 
1 7   GLU n 
1 8   ARG n 
1 9   LYS n 
1 10  VAL n 
1 11  GLU n 
1 12  GLY n 
1 13  ASP n 
1 14  GLU n 
1 15  VAL n 
1 16  ILE n 
1 17  ARG n 
1 18  VAL n 
1 19  PRO n 
1 20  LEU n 
1 21  PRO n 
1 22  GLU n 
1 23  GLY n 
1 24  ASN n 
1 25  GLN n 
1 26  LEU n 
1 27  PHE n 
1 28  GLY n 
1 29  VAL n 
1 30  VAL n 
1 31  GLU n 
1 32  GLN n 
1 33  ALA n 
1 34  LEU n 
1 35  GLY n 
1 36  ALA n 
1 37  GLY n 
1 38  TRP n 
1 39  MET n 
1 40  ASP n 
1 41  VAL n 
1 42  ARG n 
1 43  CYS n 
1 44  GLU n 
1 45  ASP n 
1 46  GLY n 
1 47  LYS n 
1 48  ILE n 
1 49  ARG n 
1 50  ARG n 
1 51  CYS n 
1 52  ARG n 
1 53  ILE n 
1 54  PRO n 
1 55  GLY n 
1 56  LYS n 
1 57  LEU n 
1 58  ARG n 
1 59  ARG n 
1 60  ARG n 
1 61  VAL n 
1 62  TRP n 
1 63  ILE n 
1 64  ARG n 
1 65  VAL n 
1 66  GLY n 
1 67  ASP n 
1 68  LEU n 
1 69  VAL n 
1 70  ILE n 
1 71  VAL n 
1 72  GLN n 
1 73  PRO n 
1 74  TRP n 
1 75  PRO n 
1 76  VAL n 
1 77  GLN n 
1 78  SER n 
1 79  ASP n 
1 80  LYS n 
1 81  ARG n 
1 82  GLY n 
1 83  ASP n 
1 84  ILE n 
1 85  VAL n 
1 86  TYR n 
1 87  ARG n 
1 88  TYR n 
1 89  THR n 
1 90  GLN n 
1 91  THR n 
1 92  GLN n 
1 93  VAL n 
1 94  ASP n 
1 95  TRP n 
1 96  LEU n 
1 97  LEU n 
1 98  ARG n 
1 99  LYS n 
1 100 GLY n 
1 101 LYS n 
1 102 ILE n 
1 103 THR n 
1 104 GLN n 
1 105 GLU n 
1 106 PHE n 
1 107 LEU n 
1 108 THR n 
1 109 GLY n 
1 110 GLY n 
1 111 SER n 
1 112 LEU n 
1 113 LEU n 
1 114 VAL n 
1 115 GLU n 
# 
_entity_src_gen.entity_id                          1 
_entity_src_gen.pdbx_src_id                        1 
_entity_src_gen.pdbx_alt_source_flag               sample 
_entity_src_gen.pdbx_seq_type                      ? 
_entity_src_gen.pdbx_beg_seq_num                   ? 
_entity_src_gen.pdbx_end_seq_num                   ? 
_entity_src_gen.gene_src_common_name               ? 
_entity_src_gen.gene_src_genus                     ? 
_entity_src_gen.pdbx_gene_src_gene                 'eIF1A, aif1A, PYRAB05910, PAB2441' 
_entity_src_gen.gene_src_species                   ? 
_entity_src_gen.gene_src_strain                    ? 
_entity_src_gen.gene_src_tissue                    ? 
_entity_src_gen.gene_src_tissue_fraction           ? 
_entity_src_gen.gene_src_details                   ? 
_entity_src_gen.pdbx_gene_src_fragment             ? 
_entity_src_gen.pdbx_gene_src_scientific_name      'Pyrococcus abyssi' 
_entity_src_gen.pdbx_gene_src_ncbi_taxonomy_id     29292 
_entity_src_gen.pdbx_gene_src_variant              ? 
_entity_src_gen.pdbx_gene_src_cell_line            ? 
_entity_src_gen.pdbx_gene_src_atcc                 ? 
_entity_src_gen.pdbx_gene_src_organ                ? 
_entity_src_gen.pdbx_gene_src_organelle            ? 
_entity_src_gen.pdbx_gene_src_cell                 ? 
_entity_src_gen.pdbx_gene_src_cellular_location    ? 
_entity_src_gen.host_org_common_name               ? 
_entity_src_gen.pdbx_host_org_scientific_name      'Escherichia coli' 
_entity_src_gen.pdbx_host_org_ncbi_taxonomy_id     511693 
_entity_src_gen.host_org_genus                     ? 
_entity_src_gen.pdbx_host_org_gene                 ? 
_entity_src_gen.pdbx_host_org_organ                ? 
_entity_src_gen.host_org_species                   ? 
_entity_src_gen.pdbx_host_org_tissue               ? 
_entity_src_gen.pdbx_host_org_tissue_fraction      ? 
_entity_src_gen.pdbx_host_org_strain               'BL21 Rosetta' 
_entity_src_gen.pdbx_host_org_variant              ? 
_entity_src_gen.pdbx_host_org_cell_line            ? 
_entity_src_gen.pdbx_host_org_atcc                 ? 
_entity_src_gen.pdbx_host_org_culture_collection   ? 
_entity_src_gen.pdbx_host_org_cell                 ? 
_entity_src_gen.pdbx_host_org_organelle            ? 
_entity_src_gen.pdbx_host_org_cellular_location    ? 
_entity_src_gen.pdbx_host_org_vector_type          plasmid 
_entity_src_gen.pdbx_host_org_vector               ? 
_entity_src_gen.host_org_details                   ? 
_entity_src_gen.expression_system_id               ? 
_entity_src_gen.plasmid_name                       pET3alpa 
_entity_src_gen.plasmid_details                    ? 
_entity_src_gen.pdbx_description                   ? 
# 
_struct_ref.id                         1 
_struct_ref.db_name                    UNP 
_struct_ref.db_code                    IF1A_PYRAB 
_struct_ref.pdbx_db_accession          Q9V138 
_struct_ref.entity_id                  1 
_struct_ref.pdbx_seq_one_letter_code   
;MPKKERKVEGDEVIRVPLPEGNQLFGVVEQALGAGWMDVRCEDGKIRRCRIPGKLRRRVWIRVGDLVIVQPWPVQSDKRG
DIVYRYTQTQVDWLLRKGKITQEFLTGGSLLVE
;
_struct_ref.pdbx_align_begin           1 
_struct_ref.pdbx_db_isoform            ? 
# 
_struct_ref_seq.align_id                      1 
_struct_ref_seq.ref_id                        1 
_struct_ref_seq.pdbx_PDB_id_code              4MNO 
_struct_ref_seq.pdbx_strand_id                A 
_struct_ref_seq.seq_align_beg                 3 
_struct_ref_seq.pdbx_seq_align_beg_ins_code   ? 
_struct_ref_seq.seq_align_end                 115 
_struct_ref_seq.pdbx_seq_align_end_ins_code   ? 
_struct_ref_seq.pdbx_db_accession             Q9V138 
_struct_ref_seq.db_align_beg                  1 
_struct_ref_seq.pdbx_db_align_beg_ins_code    ? 
_struct_ref_seq.db_align_end                  113 
_struct_ref_seq.pdbx_db_align_end_ins_code    ? 
_struct_ref_seq.pdbx_auth_seq_align_beg       1 
_struct_ref_seq.pdbx_auth_seq_align_end       113 
# 
loop_
_struct_ref_seq_dif.align_id 
_struct_ref_seq_dif.pdbx_pdb_id_code 
_struct_ref_seq_dif.mon_id 
_struct_ref_seq_dif.pdbx_pdb_strand_id 
_struct_ref_seq_dif.seq_num 
_struct_ref_seq_dif.pdbx_pdb_ins_code 
_struct_ref_seq_dif.pdbx_seq_db_name 
_struct_ref_seq_dif.pdbx_seq_db_accession_code 
_struct_ref_seq_dif.db_mon_id 
_struct_ref_seq_dif.pdbx_seq_db_seq_num 
_struct_ref_seq_dif.details 
_struct_ref_seq_dif.pdbx_auth_seq_num 
_struct_ref_seq_dif.pdbx_ordinal 
1 4MNO MET A 1 ? UNP Q9V138 ? ? 'cloning artifact' -1 1 
1 4MNO LEU A 2 ? UNP Q9V138 ? ? 'cloning artifact' 0  2 
# 
loop_
_chem_comp.id 
_chem_comp.type 
_chem_comp.mon_nstd_flag 
_chem_comp.name 
_chem_comp.pdbx_synonyms 
_chem_comp.formula 
_chem_comp.formula_weight 
ALA 'L-peptide linking' y ALANINE         ? 'C3 H7 N O2'     89.093  
ARG 'L-peptide linking' y ARGININE        ? 'C6 H15 N4 O2 1' 175.209 
ASN 'L-peptide linking' y ASPARAGINE      ? 'C4 H8 N2 O3'    132.118 
ASP 'L-peptide linking' y 'ASPARTIC ACID' ? 'C4 H7 N O4'     133.103 
CYS 'L-peptide linking' y CYSTEINE        ? 'C3 H7 N O2 S'   121.158 
GLN 'L-peptide linking' y GLUTAMINE       ? 'C5 H10 N2 O3'   146.144 
GLU 'L-peptide linking' y 'GLUTAMIC ACID' ? 'C5 H9 N O4'     147.129 
GLY 'peptide linking'   y GLYCINE         ? 'C2 H5 N O2'     75.067  
HOH non-polymer         . WATER           ? 'H2 O'           18.015  
ILE 'L-peptide linking' y ISOLEUCINE      ? 'C6 H13 N O2'    131.173 
LEU 'L-peptide linking' y LEUCINE         ? 'C6 H13 N O2'    131.173 
LYS 'L-peptide linking' y LYSINE          ? 'C6 H15 N2 O2 1' 147.195 
MET 'L-peptide linking' y METHIONINE      ? 'C5 H11 N O2 S'  149.211 
PHE 'L-peptide linking' y PHENYLALANINE   ? 'C9 H11 N O2'    165.189 
PRO 'L-peptide linking' y PROLINE         ? 'C5 H9 N O2'     115.130 
SER 'L-peptide linking' y SERINE          ? 'C3 H7 N O3'     105.093 
THR 'L-peptide linking' y THREONINE       ? 'C4 H9 N O3'     119.119 
TRP 'L-peptide linking' y TRYPTOPHAN      ? 'C11 H12 N2 O2'  204.225 
TYR 'L-peptide linking' y TYROSINE        ? 'C9 H11 N O3'    181.189 
VAL 'L-peptide linking' y VALINE          ? 'C5 H11 N O2'    117.146 
# 
_exptl.entry_id          4MNO 
_exptl.method            'X-RAY DIFFRACTION' 
_exptl.crystals_number   1 
# 
_exptl_crystal.id                    1 
_exptl_crystal.density_meas          ? 
_exptl_crystal.density_Matthews      1.85 
_exptl_crystal.density_percent_sol   33.60 
_exptl_crystal.description           ? 
_exptl_crystal.F_000                 ? 
_exptl_crystal.preparation           ? 
# 
_exptl_crystal_grow.crystal_id      1 
_exptl_crystal_grow.method          'VAPOR DIFFUSION, HANGING DROP' 
_exptl_crystal_grow.temp            278 
_exptl_crystal_grow.temp_details    ? 
_exptl_crystal_grow.pH              6.7 
_exptl_crystal_grow.pdbx_pH_range   ? 
_exptl_crystal_grow.pdbx_details    '20% PEG3350, 0.2 M formate, pH 6.7, VAPOR DIFFUSION, HANGING DROP, temperature 278K' 
# 
_diffrn.id                     1 
_diffrn.ambient_temp           100 
_diffrn.ambient_temp_details   ? 
_diffrn.crystal_id             1 
# 
_diffrn_detector.diffrn_id              1 
_diffrn_detector.detector               CCD 
_diffrn_detector.type                   'ADSC QUANTUM 4' 
_diffrn_detector.pdbx_collection_date   2004-11-04 
_diffrn_detector.details                ? 
# 
_diffrn_radiation.diffrn_id                        1 
_diffrn_radiation.wavelength_id                    1 
_diffrn_radiation.pdbx_monochromatic_or_laue_m_l   M 
_diffrn_radiation.monochromator                    'diamond(001)' 
_diffrn_radiation.pdbx_diffrn_protocol             'SINGLE WAVELENGTH' 
_diffrn_radiation.pdbx_scattering_type             x-ray 
# 
_diffrn_radiation_wavelength.id           1 
_diffrn_radiation_wavelength.wavelength   0.934 
_diffrn_radiation_wavelength.wt           1.0 
# 
_diffrn_source.diffrn_id                   1 
_diffrn_source.source                      SYNCHROTRON 
_diffrn_source.type                        'ESRF BEAMLINE ID14-1' 
_diffrn_source.pdbx_synchrotron_site       ESRF 
_diffrn_source.pdbx_synchrotron_beamline   ID14-1 
_diffrn_source.pdbx_wavelength             ? 
_diffrn_source.pdbx_wavelength_list        0.934 
# 
_reflns.pdbx_diffrn_id               1 
_reflns.pdbx_ordinal                 1 
_reflns.entry_id                     4MNO 
_reflns.observed_criterion_sigma_I   0 
_reflns.observed_criterion_sigma_F   0 
_reflns.d_resolution_low             57.93 
_reflns.d_resolution_high            1.35 
_reflns.number_obs                   22282 
_reflns.number_all                   22325 
_reflns.percent_possible_obs         99.8 
_reflns.pdbx_Rmerge_I_obs            0.054 
_reflns.pdbx_Rsym_value              0.048 
_reflns.pdbx_netI_over_sigmaI        ? 
_reflns.B_iso_Wilson_estimate        ? 
_reflns.pdbx_redundancy              4.7 
_reflns.R_free_details               ? 
_reflns.limit_h_max                  ? 
_reflns.limit_h_min                  ? 
_reflns.limit_k_max                  ? 
_reflns.limit_k_min                  ? 
_reflns.limit_l_max                  ? 
_reflns.limit_l_min                  ? 
_reflns.observed_criterion_F_max     ? 
_reflns.observed_criterion_F_min     ? 
_reflns.pdbx_chi_squared             ? 
_reflns.pdbx_scaling_rejects         ? 
# 
_reflns_shell.pdbx_diffrn_id         1 
_reflns_shell.pdbx_ordinal           1 
_reflns_shell.d_res_high             1.35 
_reflns_shell.d_res_low              1.42 
_reflns_shell.percent_possible_all   99.8 
_reflns_shell.Rmerge_I_obs           ? 
_reflns_shell.pdbx_Rsym_value        0.362 
_reflns_shell.meanI_over_sigI_obs    ? 
_reflns_shell.pdbx_redundancy        3.9 
_reflns_shell.percent_possible_obs   ? 
_reflns_shell.number_unique_all      ? 
_reflns_shell.number_measured_all    ? 
_reflns_shell.number_measured_obs    ? 
_reflns_shell.number_unique_obs      ? 
_reflns_shell.pdbx_chi_squared       ? 
# 
_refine.pdbx_refine_id                           'X-RAY DIFFRACTION' 
_refine.entry_id                                 4MNO 
_refine.pdbx_diffrn_id                           1 
_refine.pdbx_TLS_residual_ADP_flag               ? 
_refine.ls_number_reflns_obs                     22278 
_refine.ls_number_reflns_all                     ? 
_refine.pdbx_ls_sigma_I                          ? 
_refine.pdbx_ls_sigma_F                          1.36 
_refine.pdbx_data_cutoff_high_absF               ? 
_refine.pdbx_data_cutoff_low_absF                ? 
_refine.pdbx_data_cutoff_high_rms_absF           ? 
_refine.ls_d_res_low                             30.840 
_refine.ls_d_res_high                            1.350 
_refine.ls_percent_reflns_obs                    99.60 
_refine.ls_R_factor_obs                          0.1584 
_refine.ls_R_factor_all                          ? 
_refine.ls_R_factor_R_work                       0.1566 
_refine.ls_R_factor_R_free                       0.1863 
_refine.ls_R_factor_R_free_error                 ? 
_refine.ls_R_factor_R_free_error_details         ? 
_refine.ls_percent_reflns_R_free                 5.87 
_refine.ls_number_reflns_R_free                  1308 
_refine.ls_number_parameters                     ? 
_refine.ls_number_restraints                     ? 
_refine.occupancy_min                            ? 
_refine.occupancy_max                            ? 
_refine.correlation_coeff_Fo_to_Fc               ? 
_refine.correlation_coeff_Fo_to_Fc_free          ? 
_refine.B_iso_mean                               ? 
_refine.aniso_B[1][1]                            -1.0111 
_refine.aniso_B[2][2]                            0.5942 
_refine.aniso_B[3][3]                            0.4168 
_refine.aniso_B[1][2]                            0.0000 
_refine.aniso_B[1][3]                            0.0000 
_refine.aniso_B[2][3]                            0.0000 
_refine.solvent_model_details                    'FLAT BULK SOLVENT MODEL' 
_refine.solvent_model_param_ksol                 0.383 
_refine.solvent_model_param_bsol                 52.430 
_refine.pdbx_solvent_vdw_probe_radii             1.00 
_refine.pdbx_solvent_ion_probe_radii             ? 
_refine.pdbx_solvent_shrinkage_radii             0.73 
_refine.pdbx_ls_cross_valid_method               ? 
_refine.details                                  ? 
_refine.pdbx_starting_model                      'PDB ENTRY 2OQK' 
_refine.pdbx_method_to_determine_struct          'MOLECULAR REPLACEMENT' 
_refine.pdbx_isotropic_thermal_model             ? 
_refine.pdbx_stereochemistry_target_values       ML 
_refine.pdbx_stereochem_target_val_spec_case     ? 
_refine.pdbx_R_Free_selection_details            ? 
_refine.pdbx_overall_ESU_R                       ? 
_refine.pdbx_overall_ESU_R_Free                  ? 
_refine.overall_SU_ML                            0.36 
_refine.pdbx_overall_phase_error                 14.77 
_refine.overall_SU_B                             ? 
_refine.overall_SU_R_Cruickshank_DPI             ? 
_refine.pdbx_overall_SU_R_free_Cruickshank_DPI   ? 
_refine.pdbx_overall_SU_R_Blow_DPI               ? 
_refine.pdbx_overall_SU_R_free_Blow_DPI          ? 
_refine.ls_redundancy_reflns_obs                 ? 
_refine.B_iso_min                                ? 
_refine.B_iso_max                                ? 
_refine.overall_SU_R_free                        ? 
_refine.ls_wR_factor_R_free                      ? 
_refine.ls_wR_factor_R_work                      ? 
_refine.overall_FOM_free_R_set                   ? 
_refine.overall_FOM_work_R_set                   ? 
# 
_refine_hist.pdbx_refine_id                   'X-RAY DIFFRACTION' 
_refine_hist.cycle_id                         LAST 
_refine_hist.pdbx_number_atoms_protein        777 
_refine_hist.pdbx_number_atoms_nucleic_acid   0 
_refine_hist.pdbx_number_atoms_ligand         0 
_refine_hist.number_atoms_solvent             156 
_refine_hist.number_atoms_total               933 
_refine_hist.d_res_high                       1.350 
_refine_hist.d_res_low                        30.840 
# 
loop_
_refine_ls_restr.type 
_refine_ls_restr.dev_ideal 
_refine_ls_restr.dev_ideal_target 
_refine_ls_restr.weight 
_refine_ls_restr.number 
_refine_ls_restr.pdbx_refine_id 
_refine_ls_restr.pdbx_restraint_function 
f_bond_d           0.006  ? ? 811  'X-RAY DIFFRACTION' ? 
f_angle_d          1.025  ? ? 1101 'X-RAY DIFFRACTION' ? 
f_dihedral_angle_d 15.022 ? ? 314  'X-RAY DIFFRACTION' ? 
f_chiral_restr     0.074  ? ? 119  'X-RAY DIFFRACTION' ? 
f_plane_restr      0.004  ? ? 143  'X-RAY DIFFRACTION' ? 
# 
loop_
_refine_ls_shell.pdbx_refine_id 
_refine_ls_shell.pdbx_total_number_of_bins_used 
_refine_ls_shell.d_res_high 
_refine_ls_shell.d_res_low 
_refine_ls_shell.number_reflns_R_work 
_refine_ls_shell.R_factor_R_work 
_refine_ls_shell.percent_reflns_obs 
_refine_ls_shell.R_factor_R_free 
_refine_ls_shell.R_factor_R_free_error 
_refine_ls_shell.percent_reflns_R_free 
_refine_ls_shell.number_reflns_R_free 
_refine_ls_shell.number_reflns_all 
_refine_ls_shell.R_factor_all 
_refine_ls_shell.redundancy_reflns_obs 
_refine_ls_shell.number_reflns_obs 
'X-RAY DIFFRACTION' . 1.350  1.4042  2284 0.2340 100.00 0.2722 . . 149 . . . . 
'X-RAY DIFFRACTION' . 1.4042 1.4681  2299 0.1943 100.00 0.2485 . . 133 . . . . 
'X-RAY DIFFRACTION' . 1.4681 1.5455  2294 0.1406 100.00 0.1978 . . 150 . . . . 
'X-RAY DIFFRACTION' . 1.5455 1.6423  2296 0.1262 100.00 0.1891 . . 149 . . . . 
'X-RAY DIFFRACTION' . 1.6423 1.7691  2307 0.1246 100.00 0.1705 . . 151 . . . . 
'X-RAY DIFFRACTION' . 1.7691 1.9471  2322 0.1250 100.00 0.1675 . . 146 . . . . 
'X-RAY DIFFRACTION' . 1.9471 2.2287  2354 0.1401 100.00 0.1805 . . 139 . . . . 
'X-RAY DIFFRACTION' . 2.2287 2.8077  2363 0.1543 100.00 0.1884 . . 153 . . . . 
'X-RAY DIFFRACTION' . 2.8077 30.8485 2451 0.1759 98.00  0.1770 . . 138 . . . . 
# 
_struct.entry_id                  4MNO 
_struct.title                     'Crystal structure of aIF1A from Pyrococcus abyssi' 
_struct.pdbx_model_details        ? 
_struct.pdbx_CASP_flag            ? 
_struct.pdbx_model_type_details   ? 
# 
_struct_keywords.entry_id        4MNO 
_struct_keywords.pdbx_keywords   TRANSLATION 
_struct_keywords.text            'beta barrel, TRANSLATION' 
# 
loop_
_struct_asym.id 
_struct_asym.pdbx_blank_PDB_chainid_flag 
_struct_asym.pdbx_modified 
_struct_asym.entity_id 
_struct_asym.details 
A N N 1 ? 
B N N 2 ? 
# 
_struct_biol.id        1 
_struct_biol.details   ? 
# 
loop_
_struct_conf.conf_type_id 
_struct_conf.id 
_struct_conf.pdbx_PDB_helix_id 
_struct_conf.beg_label_comp_id 
_struct_conf.beg_label_asym_id 
_struct_conf.beg_label_seq_id 
_struct_conf.pdbx_beg_PDB_ins_code 
_struct_conf.end_label_comp_id 
_struct_conf.end_label_asym_id 
_struct_conf.end_label_seq_id 
_struct_conf.pdbx_end_PDB_ins_code 
_struct_conf.beg_auth_comp_id 
_struct_conf.beg_auth_asym_id 
_struct_conf.beg_auth_seq_id 
_struct_conf.end_auth_comp_id 
_struct_conf.end_auth_asym_id 
_struct_conf.end_auth_seq_id 
_struct_conf.pdbx_PDB_helix_class 
_struct_conf.details 
_struct_conf.pdbx_PDB_helix_length 
HELX_P HELX_P1 1 PRO A 54  ? ARG A 59  ? PRO A 52  ARG A 57  1 ? 6  
HELX_P HELX_P2 2 THR A 89  ? LYS A 99  ? THR A 87  LYS A 97  1 ? 11 
HELX_P HELX_P3 3 THR A 103 ? GLY A 109 ? THR A 101 GLY A 107 1 ? 7  
# 
_struct_conf_type.id          HELX_P 
_struct_conf_type.criteria    ? 
_struct_conf_type.reference   ? 
# 
_struct_sheet.id               A 
_struct_sheet.type             ? 
_struct_sheet.number_strands   6 
_struct_sheet.details          ? 
# 
loop_
_struct_sheet_order.sheet_id 
_struct_sheet_order.range_id_1 
_struct_sheet_order.range_id_2 
_struct_sheet_order.offset 
_struct_sheet_order.sense 
A 1 2 ? anti-parallel 
A 2 3 ? anti-parallel 
A 3 4 ? parallel      
A 4 5 ? anti-parallel 
A 5 6 ? anti-parallel 
# 
loop_
_struct_sheet_range.sheet_id 
_struct_sheet_range.id 
_struct_sheet_range.beg_label_comp_id 
_struct_sheet_range.beg_label_asym_id 
_struct_sheet_range.beg_label_seq_id 
_struct_sheet_range.pdbx_beg_PDB_ins_code 
_struct_sheet_range.end_label_comp_id 
_struct_sheet_range.end_label_asym_id 
_struct_sheet_range.end_label_seq_id 
_struct_sheet_range.pdbx_end_PDB_ins_code 
_struct_sheet_range.beg_auth_comp_id 
_struct_sheet_range.beg_auth_asym_id 
_struct_sheet_range.beg_auth_seq_id 
_struct_sheet_range.end_auth_comp_id 
_struct_sheet_range.end_auth_asym_id 
_struct_sheet_range.end_auth_seq_id 
A 1 LEU A 26 ? GLY A 35 ? LEU A 24 GLY A 33 
A 2 TRP A 38 ? CYS A 43 ? TRP A 36 CYS A 41 
A 3 ILE A 48 ? ARG A 52 ? ILE A 46 ARG A 50 
A 4 ARG A 81 ? ARG A 87 ? ARG A 79 ARG A 85 
A 5 LEU A 68 ? PRO A 73 ? LEU A 66 PRO A 71 
A 6 LEU A 26 ? GLY A 35 ? LEU A 24 GLY A 33 
# 
loop_
_pdbx_struct_sheet_hbond.sheet_id 
_pdbx_struct_sheet_hbond.range_id_1 
_pdbx_struct_sheet_hbond.range_id_2 
_pdbx_struct_sheet_hbond.range_1_label_atom_id 
_pdbx_struct_sheet_hbond.range_1_label_comp_id 
_pdbx_struct_sheet_hbond.range_1_label_asym_id 
_pdbx_struct_sheet_hbond.range_1_label_seq_id 
_pdbx_struct_sheet_hbond.range_1_PDB_ins_code 
_pdbx_struct_sheet_hbond.range_1_auth_atom_id 
_pdbx_struct_sheet_hbond.range_1_auth_comp_id 
_pdbx_struct_sheet_hbond.range_1_auth_asym_id 
_pdbx_struct_sheet_hbond.range_1_auth_seq_id 
_pdbx_struct_sheet_hbond.range_2_label_atom_id 
_pdbx_struct_sheet_hbond.range_2_label_comp_id 
_pdbx_struct_sheet_hbond.range_2_label_asym_id 
_pdbx_struct_sheet_hbond.range_2_label_seq_id 
_pdbx_struct_sheet_hbond.range_2_PDB_ins_code 
_pdbx_struct_sheet_hbond.range_2_auth_atom_id 
_pdbx_struct_sheet_hbond.range_2_auth_comp_id 
_pdbx_struct_sheet_hbond.range_2_auth_asym_id 
_pdbx_struct_sheet_hbond.range_2_auth_seq_id 
A 1 2 N GLU A 31 ? N GLU A 29 O ASP A 40 ? O ASP A 38 
A 2 3 N MET A 39 ? N MET A 37 O CYS A 51 ? O CYS A 49 
A 3 4 N ARG A 52 ? N ARG A 50 O ILE A 84 ? O ILE A 82 
A 4 5 O ASP A 83 ? O ASP A 81 N GLN A 72 ? N GLN A 70 
A 5 6 O VAL A 71 ? O VAL A 69 N LEU A 26 ? N LEU A 24 
# 
_atom_sites.entry_id                    4MNO 
_atom_sites.fract_transf_matrix[1][1]   0.00226416 
_atom_sites.fract_transf_matrix[1][2]   -0.01413255 
_atom_sites.fract_transf_matrix[1][3]   0.02342322 
_atom_sites.fract_transf_matrix[2][1]   0.02103615 
_atom_sites.fract_transf_matrix[2][2]   -0.00201626 
_atom_sites.fract_transf_matrix[2][3]   -0.00324994 
_atom_sites.fract_transf_matrix[3][1]   0.00273944 
_atom_sites.fract_transf_matrix[3][2]   0.01470604 
_atom_sites.fract_transf_matrix[3][3]   0.00860818 
_atom_sites.fract_transf_vector[1]      -0.220937 
_atom_sites.fract_transf_vector[2]      -0.023462 
_atom_sites.fract_transf_vector[3]      0.022116 
# 
loop_
_atom_type.symbol 
C 
N 
O 
S 
# 
loop_
_atom_site.group_PDB 
_atom_site.id 
_atom_site.type_symbol 
_atom_site.label_atom_id 
_atom_site.label_alt_id 
_atom_site.label_comp_id 
_atom_site.label_asym_id 
_atom_site.label_entity_id 
_atom_site.label_seq_id 
_atom_site.pdbx_PDB_ins_code 
_atom_site.Cartn_x 
_atom_site.Cartn_y 
_atom_site.Cartn_z 
_atom_site.occupancy 
_atom_site.B_iso_or_equiv 
_atom_site.pdbx_formal_charge 
_atom_site.auth_seq_id 
_atom_site.auth_comp_id 
_atom_site.auth_asym_id 
_atom_site.auth_atom_id 
_atom_site.pdbx_PDB_model_num 
ATOM   1   N N   . VAL A 1 15  ? 14.385  -12.253 -15.153 1.00 35.04 ? 13  VAL A N   1 
ATOM   2   C CA  . VAL A 1 15  ? 12.974  -11.945 -15.359 1.00 33.51 ? 13  VAL A CA  1 
ATOM   3   C C   . VAL A 1 15  ? 12.359  -11.329 -14.106 1.00 31.26 ? 13  VAL A C   1 
ATOM   4   O O   . VAL A 1 15  ? 11.996  -12.038 -13.162 1.00 32.37 ? 13  VAL A O   1 
ATOM   5   C CB  . VAL A 1 15  ? 12.167  -13.201 -15.746 1.00 34.15 ? 13  VAL A CB  1 
ATOM   6   C CG1 . VAL A 1 15  ? 10.714  -12.836 -16.021 1.00 34.30 ? 13  VAL A CG1 1 
ATOM   7   C CG2 . VAL A 1 15  ? 12.794  -13.883 -16.957 1.00 34.50 ? 13  VAL A CG2 1 
ATOM   8   N N   . ILE A 1 16  ? 12.241  -10.008 -14.095 1.00 27.89 ? 14  ILE A N   1 
ATOM   9   C CA  . ILE A 1 16  ? 11.637  -9.332  -12.954 1.00 24.79 ? 14  ILE A CA  1 
ATOM   10  C C   . ILE A 1 16  ? 10.130  -9.596  -12.905 1.00 21.97 ? 14  ILE A C   1 
ATOM   11  O O   . ILE A 1 16  ? 9.444   -9.514  -13.922 1.00 21.93 ? 14  ILE A O   1 
ATOM   12  C CB  . ILE A 1 16  ? 11.945  -7.811  -12.945 1.00 25.72 ? 14  ILE A CB  1 
ATOM   13  C CG1 . ILE A 1 16  ? 11.450  -7.171  -11.645 1.00 26.00 ? 14  ILE A CG1 1 
ATOM   14  C CG2 . ILE A 1 16  ? 11.363  -7.122  -14.174 1.00 27.20 ? 14  ILE A CG2 1 
ATOM   15  C CD1 . ILE A 1 16  ? 11.885  -5.726  -11.461 1.00 26.58 ? 14  ILE A CD1 1 
ATOM   16  N N   . ARG A 1 17  ? 9.643   -9.957  -11.723 1.00 18.64 ? 15  ARG A N   1 
ATOM   17  C CA  . ARG A 1 17  ? 8.221   -10.171 -11.490 1.00 17.60 ? 15  ARG A CA  1 
ATOM   18  C C   . ARG A 1 17  ? 7.803   -9.382  -10.269 1.00 16.30 ? 15  ARG A C   1 
ATOM   19  O O   . ARG A 1 17  ? 8.504   -9.374  -9.258  1.00 19.03 ? 15  ARG A O   1 
ATOM   20  C CB  . ARG A 1 17  ? 7.926   -11.652 -11.276 1.00 18.21 ? 15  ARG A CB  1 
ATOM   21  C CG  . ARG A 1 17  ? 8.116   -12.474 -12.519 1.00 17.68 ? 15  ARG A CG  1 
ATOM   22  C CD  . ARG A 1 17  ? 7.585   -13.875 -12.361 1.00 18.46 ? 15  ARG A CD  1 
ATOM   23  N NE  . ARG A 1 17  ? 7.408   -14.471 -13.679 1.00 18.69 ? 15  ARG A NE  1 
ATOM   24  C CZ  . ARG A 1 17  ? 8.280   -15.279 -14.268 1.00 18.68 ? 15  ARG A CZ  1 
ATOM   25  N NH1 . ARG A 1 17  ? 9.405   -15.622 -13.648 1.00 19.56 ? 15  ARG A NH1 1 
ATOM   26  N NH2 . ARG A 1 17  ? 8.016   -15.755 -15.476 1.00 18.18 ? 15  ARG A NH2 1 
ATOM   27  N N   . VAL A 1 18  ? 6.651   -8.725  -10.360 1.00 13.86 ? 16  VAL A N   1 
ATOM   28  C CA  . VAL A 1 18  ? 6.192   -7.816  -9.322  1.00 12.03 ? 16  VAL A CA  1 
ATOM   29  C C   . VAL A 1 18  ? 4.716   -8.113  -9.044  1.00 11.79 ? 16  VAL A C   1 
ATOM   30  O O   . VAL A 1 18  ? 3.906   -8.102  -9.963  1.00 12.62 ? 16  VAL A O   1 
ATOM   31  C CB  . VAL A 1 18  ? 6.362   -6.356  -9.791  1.00 12.29 ? 16  VAL A CB  1 
ATOM   32  C CG1 . VAL A 1 18  ? 5.825   -5.394  -8.741  1.00 13.55 ? 16  VAL A CG1 1 
ATOM   33  C CG2 . VAL A 1 18  ? 7.838   -6.041  -10.099 1.00 13.90 ? 16  VAL A CG2 1 
ATOM   34  N N   . PRO A 1 19  ? 4.361   -8.395  -7.777  1.00 11.85 ? 17  PRO A N   1 
ATOM   35  C CA  . PRO A 1 19  ? 2.956   -8.671  -7.454  1.00 13.41 ? 17  PRO A CA  1 
ATOM   36  C C   . PRO A 1 19  ? 2.080   -7.455  -7.699  1.00 11.99 ? 17  PRO A C   1 
ATOM   37  O O   . PRO A 1 19  ? 2.539   -6.327  -7.547  1.00 13.32 ? 17  PRO A O   1 
ATOM   38  C CB  . PRO A 1 19  ? 2.990   -8.964  -5.950  1.00 16.67 ? 17  PRO A CB  1 
ATOM   39  C CG  . PRO A 1 19  ? 4.401   -9.270  -5.625  1.00 17.24 ? 17  PRO A CG  1 
ATOM   40  C CD  . PRO A 1 19  ? 5.235   -8.505  -6.598  1.00 13.83 ? 17  PRO A CD  1 
ATOM   41  N N   . LEU A 1 20  ? 0.828   -7.690  -8.064  1.00 11.71 ? 18  LEU A N   1 
ATOM   42  C CA  . LEU A 1 20  ? -0.111  -6.616  -8.333  1.00 11.49 ? 18  LEU A CA  1 
ATOM   43  C C   . LEU A 1 20  ? -1.352  -6.761  -7.468  1.00 11.90 ? 18  LEU A C   1 
ATOM   44  O O   . LEU A 1 20  ? -1.735  -7.869  -7.105  1.00 13.25 ? 18  LEU A O   1 
ATOM   45  C CB  . LEU A 1 20  ? -0.530  -6.634  -9.807  1.00 12.78 ? 18  LEU A CB  1 
ATOM   46  C CG  . LEU A 1 20  ? 0.551   -6.322  -10.839 1.00 13.32 ? 18  LEU A CG  1 
ATOM   47  C CD1 . LEU A 1 20  ? -0.029  -6.467  -12.234 1.00 13.89 ? 18  LEU A CD1 1 
ATOM   48  C CD2 . LEU A 1 20  ? 1.093   -4.917  -10.628 1.00 13.63 ? 18  LEU A CD2 1 
ATOM   49  N N   . PRO A 1 21  ? -2.005  -5.634  -7.165  1.00 10.80 ? 19  PRO A N   1 
ATOM   50  C CA  . PRO A 1 21  ? -3.335  -5.696  -6.552  1.00 11.73 ? 19  PRO A CA  1 
ATOM   51  C C   . PRO A 1 21  ? -4.278  -6.588  -7.361  1.00 14.70 ? 19  PRO A C   1 
ATOM   52  O O   . PRO A 1 21  ? -4.253  -6.551  -8.595  1.00 18.00 ? 19  PRO A O   1 
ATOM   53  C CB  . PRO A 1 21  ? -3.800  -4.234  -6.578  1.00 12.06 ? 19  PRO A CB  1 
ATOM   54  C CG  . PRO A 1 21  ? -2.512  -3.438  -6.562  1.00 10.77 ? 19  PRO A CG  1 
ATOM   55  C CD  . PRO A 1 21  ? -1.580  -4.246  -7.425  1.00 10.49 ? 19  PRO A CD  1 
ATOM   56  N N   . GLU A 1 22  ? -5.076  -7.388  -6.659  1.00 15.79 ? 20  GLU A N   1 
ATOM   57  C CA  . GLU A 1 22  ? -6.091  -8.237  -7.282  1.00 18.65 ? 20  GLU A CA  1 
ATOM   58  C C   . GLU A 1 22  ? -7.433  -7.934  -6.648  1.00 17.37 ? 20  GLU A C   1 
ATOM   59  O O   . GLU A 1 22  ? -7.486  -7.392  -5.555  1.00 16.30 ? 20  GLU A O   1 
ATOM   60  C CB  . GLU A 1 22  ? -5.777  -9.711  -7.041  1.00 22.72 ? 20  GLU A CB  1 
ATOM   61  C CG  . GLU A 1 22  ? -4.536  -10.211 -7.745  1.00 26.39 ? 20  GLU A CG  1 
ATOM   62  C CD  . GLU A 1 22  ? -4.209  -11.655 -7.399  1.00 29.79 ? 20  GLU A CD  1 
ATOM   63  O OE1 . GLU A 1 22  ? -5.101  -12.382 -6.904  1.00 31.13 ? 20  GLU A OE1 1 
ATOM   64  O OE2 . GLU A 1 22  ? -3.051  -12.060 -7.616  1.00 31.92 ? 20  GLU A OE2 1 
ATOM   65  N N   . GLY A 1 23  ? -8.521  -8.302  -7.317  1.00 18.58 ? 21  GLY A N   1 
ATOM   66  C CA  . GLY A 1 23  ? -9.840  -8.058  -6.763  1.00 18.56 ? 21  GLY A CA  1 
ATOM   67  C C   . GLY A 1 23  ? -10.085 -6.579  -6.530  1.00 17.52 ? 21  GLY A C   1 
ATOM   68  O O   . GLY A 1 23  ? -9.897  -5.767  -7.429  1.00 19.16 ? 21  GLY A O   1 
ATOM   69  N N   . ASN A 1 24  ? -10.484 -6.220  -5.314  1.00 16.03 ? 22  ASN A N   1 
ATOM   70  C CA  . ASN A 1 24  ? -10.704 -4.816  -4.985  1.00 14.46 ? 22  ASN A CA  1 
ATOM   71  C C   . ASN A 1 24  ? -9.523  -4.183  -4.246  1.00 12.14 ? 22  ASN A C   1 
ATOM   72  O O   . ASN A 1 24  ? -9.650  -3.122  -3.648  1.00 12.60 ? 22  ASN A O   1 
ATOM   73  C CB  . ASN A 1 24  ? -12.003 -4.635  -4.195  1.00 16.48 ? 22  ASN A CB  1 
ATOM   74  C CG  . ASN A 1 24  ? -11.923 -5.211  -2.813  1.00 19.67 ? 22  ASN A CG  1 
ATOM   75  O OD1 . ASN A 1 24  ? -11.128 -6.113  -2.550  1.00 21.39 ? 22  ASN A OD1 1 
ATOM   76  N ND2 . ASN A 1 24  ? -12.746 -4.691  -1.911  1.00 22.30 ? 22  ASN A ND2 1 
ATOM   77  N N   . GLN A 1 25  ? -8.365  -4.827  -4.319  1.00 10.86 ? 23  GLN A N   1 
ATOM   78  C CA  . GLN A 1 25  ? -7.164  -4.263  -3.713  1.00 9.79  ? 23  GLN A CA  1 
ATOM   79  C C   . GLN A 1 25  ? -6.706  -3.005  -4.442  1.00 9.78  ? 23  GLN A C   1 
ATOM   80  O O   . GLN A 1 25  ? -7.017  -2.802  -5.629  1.00 11.27 ? 23  GLN A O   1 
ATOM   81  C CB  . GLN A 1 25  ? -6.046  -5.298  -3.725  1.00 9.72  ? 23  GLN A CB  1 
ATOM   82  C CG  . GLN A 1 25  ? -6.354  -6.447  -2.808  1.00 11.04 ? 23  GLN A CG  1 
ATOM   83  C CD  . GLN A 1 25  ? -5.385  -7.591  -2.926  1.00 12.35 ? 23  GLN A CD  1 
ATOM   84  O OE1 . GLN A 1 25  ? -4.537  -7.634  -3.827  1.00 12.67 ? 23  GLN A OE1 1 
ATOM   85  N NE2 . GLN A 1 25  ? -5.504  -8.542  -2.005  1.00 14.66 ? 23  GLN A NE2 1 
ATOM   86  N N   . LEU A 1 26  ? -5.961  -2.170  -3.723  1.00 8.03  ? 24  LEU A N   1 
ATOM   87  C CA  . LEU A 1 26  ? -5.555  -0.862  -4.221  1.00 7.98  ? 24  LEU A CA  1 
ATOM   88  C C   . LEU A 1 26  ? -4.101  -0.599  -3.900  1.00 7.19  ? 24  LEU A C   1 
ATOM   89  O O   . LEU A 1 26  ? -3.608  -0.989  -2.847  1.00 8.18  ? 24  LEU A O   1 
ATOM   90  C CB  . LEU A 1 26  ? -6.366  0.215   -3.497  1.00 8.69  ? 24  LEU A CB  1 
ATOM   91  C CG  . LEU A 1 26  ? -7.887  0.151   -3.672  1.00 10.90 ? 24  LEU A CG  1 
ATOM   92  C CD1 . LEU A 1 26  ? -8.575  1.074   -2.694  1.00 12.01 ? 24  LEU A CD1 1 
ATOM   93  C CD2 . LEU A 1 26  ? -8.267  0.524   -5.089  1.00 12.06 ? 24  LEU A CD2 1 
ATOM   94  N N   . PHE A 1 27  ? -3.417  0.106   -4.786  1.00 6.75  ? 25  PHE A N   1 
ATOM   95  C CA  . PHE A 1 27  ? -2.137  0.693   -4.417  1.00 6.31  ? 25  PHE A CA  1 
ATOM   96  C C   . PHE A 1 27  ? -2.339  1.786   -3.383  1.00 6.04  ? 25  PHE A C   1 
ATOM   97  O O   . PHE A 1 27  ? -3.343  2.513   -3.417  1.00 6.95  ? 25  PHE A O   1 
ATOM   98  C CB  . PHE A 1 27  ? -1.472  1.329   -5.638  1.00 6.95  ? 25  PHE A CB  1 
ATOM   99  C CG  . PHE A 1 27  ? -0.984  0.340   -6.650  1.00 6.99  ? 25  PHE A CG  1 
ATOM   100 C CD1 . PHE A 1 27  ? 0.134   -0.445  -6.391  1.00 7.60  ? 25  PHE A CD1 1 
ATOM   101 C CD2 . PHE A 1 27  ? -1.624  0.214   -7.873  1.00 7.90  ? 25  PHE A CD2 1 
ATOM   102 C CE1 . PHE A 1 27  ? 0.593   -1.353  -7.323  1.00 8.33  ? 25  PHE A CE1 1 
ATOM   103 C CE2 . PHE A 1 27  ? -1.176  -0.698  -8.814  1.00 8.62  ? 25  PHE A CE2 1 
ATOM   104 C CZ  . PHE A 1 27  ? -0.055  -1.473  -8.544  1.00 8.62  ? 25  PHE A CZ  1 
ATOM   105 N N   . GLY A 1 28  ? -1.366  1.957   -2.497  1.00 6.09  ? 26  GLY A N   1 
ATOM   106 C CA  . GLY A 1 28  ? -1.427  3.044   -1.545  1.00 7.13  ? 26  GLY A CA  1 
ATOM   107 C C   . GLY A 1 28  ? -0.038  3.473   -1.139  1.00 5.84  ? 26  GLY A C   1 
ATOM   108 O O   . GLY A 1 28  ? 0.911   2.699   -1.237  1.00 7.29  ? 26  GLY A O   1 
ATOM   109 N N   . VAL A 1 29  ? 0.072   4.714   -0.681  1.00 6.35  ? 27  VAL A N   1 
ATOM   110 C CA  . VAL A 1 29  ? 1.326   5.244   -0.155  1.00 7.77  ? 27  VAL A CA  1 
ATOM   111 C C   . VAL A 1 29  ? 1.132   5.472   1.332   1.00 7.23  ? 27  VAL A C   1 
ATOM   112 O O   . VAL A 1 29  ? 0.181   6.132   1.752   1.00 8.08  ? 27  VAL A O   1 
ATOM   113 C CB  . VAL A 1 29  ? 1.727   6.566   -0.850  1.00 8.89  ? 27  VAL A CB  1 
ATOM   114 C CG1 . VAL A 1 29  ? 2.981   7.166   -0.216  1.00 10.03 ? 27  VAL A CG1 1 
ATOM   115 C CG2 . VAL A 1 29  ? 1.945   6.326   -2.334  1.00 10.08 ? 27  VAL A CG2 1 
ATOM   116 N N   . VAL A 1 30  ? 2.025   4.915   2.138   1.00 7.14  ? 28  VAL A N   1 
ATOM   117 C CA  . VAL A 1 30  ? 1.916   5.071   3.575   1.00 7.51  ? 28  VAL A CA  1 
ATOM   118 C C   . VAL A 1 30  ? 2.122   6.528   3.950   1.00 8.39  ? 28  VAL A C   1 
ATOM   119 O O   . VAL A 1 30  ? 3.140   7.131   3.593   1.00 9.92  ? 28  VAL A O   1 
ATOM   120 C CB  . VAL A 1 30  ? 2.933   4.176   4.306   1.00 8.74  ? 28  VAL A CB  1 
ATOM   121 C CG1 . VAL A 1 30  ? 2.857   4.403   5.807   1.00 10.23 ? 28  VAL A CG1 1 
ATOM   122 C CG2 . VAL A 1 30  ? 2.697   2.702   3.938   1.00 9.46  ? 28  VAL A CG2 1 
ATOM   123 N N   . GLU A 1 31  ? 1.155   7.091   4.670   1.00 9.39  ? 29  GLU A N   1 
ATOM   124 C CA  . GLU A 1 31  ? 1.176   8.510   5.008   1.00 12.47 ? 29  GLU A CA  1 
ATOM   125 C C   . GLU A 1 31  ? 1.618   8.795   6.438   1.00 12.07 ? 29  GLU A C   1 
ATOM   126 O O   . GLU A 1 31  ? 2.272   9.805   6.706   1.00 14.28 ? 29  GLU A O   1 
ATOM   127 C CB  . GLU A 1 31  ? -0.211  9.110   4.774   1.00 17.21 ? 29  GLU A CB  1 
ATOM   128 C CG  . GLU A 1 31  ? -0.494  9.440   3.331   1.00 22.39 ? 29  GLU A CG  1 
ATOM   129 C CD  . GLU A 1 31  ? 0.142   10.740  2.900   1.00 26.25 ? 29  GLU A CD  1 
ATOM   130 O OE1 . GLU A 1 31  ? 0.814   11.382  3.737   1.00 28.54 ? 29  GLU A OE1 1 
ATOM   131 O OE2 . GLU A 1 31  ? -0.038  11.128  1.726   1.00 27.06 ? 29  GLU A OE2 1 
ATOM   132 N N   . GLN A 1 32  ? 1.247   7.922   7.364   1.00 10.92 ? 30  GLN A N   1 
ATOM   133 C CA  . GLN A 1 32  ? 1.569   8.165   8.761   1.00 12.20 ? 30  GLN A CA  1 
ATOM   134 C C   . GLN A 1 32  ? 1.535   6.878   9.550   1.00 12.36 ? 30  GLN A C   1 
ATOM   135 O O   . GLN A 1 32  ? 0.622   6.066   9.380   1.00 12.36 ? 30  GLN A O   1 
ATOM   136 C CB  . GLN A 1 32  ? 0.591   9.176   9.366   1.00 12.48 ? 30  GLN A CB  1 
ATOM   137 C CG  . GLN A 1 32  ? 1.057   9.745   10.704  1.00 13.37 ? 30  GLN A CG  1 
ATOM   138 C CD  . GLN A 1 32  ? 0.214   10.912  11.170  1.00 13.48 ? 30  GLN A CD  1 
ATOM   139 O OE1 . GLN A 1 32  ? -0.465  10.825  12.189  1.00 15.10 ? 30  GLN A OE1 1 
ATOM   140 N NE2 . GLN A 1 32  ? 0.274   12.022  10.441  1.00 12.89 ? 30  GLN A NE2 1 
ATOM   141 N N   . ALA A 1 33  ? 2.550   6.688   10.391  1.00 14.51 ? 31  ALA A N   1 
ATOM   142 C CA  . ALA A 1 33  ? 2.547   5.599   11.356  1.00 18.02 ? 31  ALA A CA  1 
ATOM   143 C C   . ALA A 1 33  ? 1.714   6.018   12.550  1.00 20.80 ? 31  ALA A C   1 
ATOM   144 O O   . ALA A 1 33  ? 1.921   7.088   13.122  1.00 23.32 ? 31  ALA A O   1 
ATOM   145 C CB  . ALA A 1 33  ? 3.976   5.248   11.790  1.00 19.45 ? 31  ALA A CB  1 
ATOM   146 N N   . LEU A 1 34  ? 0.768   5.176   12.930  1.00 22.04 ? 32  LEU A N   1 
ATOM   147 C CA  . LEU A 1 34  ? -0.142  5.517   14.007  1.00 23.55 ? 32  LEU A CA  1 
ATOM   148 C C   . LEU A 1 34  ? 0.224   4.752   15.268  1.00 27.21 ? 32  LEU A C   1 
ATOM   149 O O   . LEU A 1 34  ? -0.284  5.043   16.345  1.00 29.95 ? 32  LEU A O   1 
ATOM   150 C CB  . LEU A 1 34  ? -1.580  5.220   13.586  1.00 22.18 ? 32  LEU A CB  1 
ATOM   151 C CG  . LEU A 1 34  ? -1.999  5.812   12.236  1.00 21.29 ? 32  LEU A CG  1 
ATOM   152 C CD1 . LEU A 1 34  ? -3.358  5.297   11.822  1.00 20.53 ? 32  LEU A CD1 1 
ATOM   153 C CD2 . LEU A 1 34  ? -1.993  7.339   12.274  1.00 22.07 ? 32  LEU A CD2 1 
ATOM   154 N N   . GLY A 1 35  ? 1.118   3.779   15.124  1.00 27.91 ? 33  GLY A N   1 
ATOM   155 C CA  . GLY A 1 35  ? 1.556   2.966   16.242  1.00 29.17 ? 33  GLY A CA  1 
ATOM   156 C C   . GLY A 1 35  ? 0.837   1.633   16.291  1.00 30.31 ? 33  GLY A C   1 
ATOM   157 O O   . GLY A 1 35  ? -0.276  1.497   15.778  1.00 30.99 ? 33  GLY A O   1 
ATOM   158 N N   . ALA A 1 36  ? 1.492   0.647   16.895  1.00 30.16 ? 34  ALA A N   1 
ATOM   159 C CA  . ALA A 1 36  ? 0.897   -0.658  17.167  1.00 30.36 ? 34  ALA A CA  1 
ATOM   160 C C   . ALA A 1 36  ? 0.325   -1.352  15.938  1.00 28.71 ? 34  ALA A C   1 
ATOM   161 O O   . ALA A 1 36  ? -0.780  -1.889  15.984  1.00 30.34 ? 34  ALA A O   1 
ATOM   162 C CB  . ALA A 1 36  ? -0.170  -0.542  18.265  1.00 31.46 ? 34  ALA A CB  1 
ATOM   163 N N   . GLY A 1 37  ? 1.072   -1.337  14.836  1.00 26.15 ? 35  GLY A N   1 
ATOM   164 C CA  . GLY A 1 37  ? 0.665   -2.064  13.647  1.00 23.56 ? 35  GLY A CA  1 
ATOM   165 C C   . GLY A 1 37  ? -0.451  -1.409  12.849  1.00 20.58 ? 35  GLY A C   1 
ATOM   166 O O   . GLY A 1 37  ? -1.180  -2.087  12.119  1.00 23.30 ? 35  GLY A O   1 
ATOM   167 N N   . TRP A 1 38  ? -0.590  -0.093  12.988  1.00 18.01 ? 36  TRP A N   1 
ATOM   168 C CA  . TRP A 1 38  ? -1.580  0.671   12.227  1.00 15.94 ? 36  TRP A CA  1 
ATOM   169 C C   . TRP A 1 38  ? -0.906  1.797   11.468  1.00 14.43 ? 36  TRP A C   1 
ATOM   170 O O   . TRP A 1 38  ? -0.024  2.474   11.995  1.00 15.27 ? 36  TRP A O   1 
ATOM   171 C CB  . TRP A 1 38  ? -2.639  1.258   13.160  1.00 18.03 ? 36  TRP A CB  1 
ATOM   172 C CG  . TRP A 1 38  ? -3.550  0.221   13.713  1.00 20.29 ? 36  TRP A CG  1 
ATOM   173 C CD1 . TRP A 1 38  ? -3.408  -0.453  14.891  1.00 22.14 ? 36  TRP A CD1 1 
ATOM   174 C CD2 . TRP A 1 38  ? -4.744  -0.275  13.105  1.00 21.42 ? 36  TRP A CD2 1 
ATOM   175 N NE1 . TRP A 1 38  ? -4.442  -1.341  15.053  1.00 23.03 ? 36  TRP A NE1 1 
ATOM   176 C CE2 . TRP A 1 38  ? -5.277  -1.252  13.970  1.00 22.98 ? 36  TRP A CE2 1 
ATOM   177 C CE3 . TRP A 1 38  ? -5.412  0.007   11.909  1.00 22.11 ? 36  TRP A CE3 1 
ATOM   178 C CZ2 . TRP A 1 38  ? -6.452  -1.942  13.679  1.00 23.36 ? 36  TRP A CZ2 1 
ATOM   179 C CZ3 . TRP A 1 38  ? -6.579  -0.679  11.623  1.00 23.18 ? 36  TRP A CZ3 1 
ATOM   180 C CH2 . TRP A 1 38  ? -7.086  -1.640  12.504  1.00 23.30 ? 36  TRP A CH2 1 
ATOM   181 N N   . MET A 1 39  ? -1.329  2.010   10.229  1.00 13.19 ? 37  MET A N   1 
ATOM   182 C CA  . MET A 1 39  ? -0.793  3.098   9.419   1.00 12.86 ? 37  MET A CA  1 
ATOM   183 C C   . MET A 1 39  ? -1.905  3.706   8.589   1.00 10.50 ? 37  MET A C   1 
ATOM   184 O O   . MET A 1 39  ? -2.783  2.986   8.116   1.00 11.63 ? 37  MET A O   1 
ATOM   185 C CB  . MET A 1 39  ? 0.282   2.584   8.460   1.00 15.99 ? 37  MET A CB  1 
ATOM   186 C CG  . MET A 1 39  ? 1.239   1.568   9.048   1.00 20.08 ? 37  MET A CG  1 
ATOM   187 S SD  . MET A 1 39  ? 2.865   1.619   8.308   1.00 24.36 ? 37  MET A SD  1 
ATOM   188 C CE  . MET A 1 39  ? 3.401   3.157   9.007   1.00 24.75 ? 37  MET A CE  1 
ATOM   189 N N   . ASP A 1 40  ? -1.881  5.025   8.417   1.00 9.97  ? 38  ASP A N   1 
ATOM   190 C CA  . ASP A 1 40  ? -2.772  5.654   7.450   1.00 10.24 ? 38  ASP A CA  1 
ATOM   191 C C   . ASP A 1 40  ? -2.131  5.575   6.080   1.00 9.52  ? 38  ASP A C   1 
ATOM   192 O O   . ASP A 1 40  ? -0.932  5.839   5.934   1.00 10.15 ? 38  ASP A O   1 
ATOM   193 C CB  . ASP A 1 40  ? -3.042  7.111   7.799   1.00 11.77 ? 38  ASP A CB  1 
ATOM   194 C CG  . ASP A 1 40  ? -4.203  7.279   8.750   1.00 13.93 ? 38  ASP A CG  1 
ATOM   195 O OD1 . ASP A 1 40  ? -5.039  6.345   8.869   1.00 14.63 ? 38  ASP A OD1 1 
ATOM   196 O OD2 . ASP A 1 40  ? -4.285  8.363   9.362   1.00 15.59 ? 38  ASP A OD2 1 
ATOM   197 N N   . VAL A 1 41  ? -2.932  5.208   5.084   1.00 8.17  ? 39  VAL A N   1 
ATOM   198 C CA  . VAL A 1 41  ? -2.427  4.961   3.741   1.00 7.79  ? 39  VAL A CA  1 
ATOM   199 C C   . VAL A 1 41  ? -3.274  5.741   2.743   1.00 7.86  ? 39  VAL A C   1 
ATOM   200 O O   . VAL A 1 41  ? -4.502  5.599   2.720   1.00 8.54  ? 39  VAL A O   1 
ATOM   201 C CB  . VAL A 1 41  ? -2.482  3.458   3.392   1.00 7.63  ? 39  VAL A CB  1 
ATOM   202 C CG1 . VAL A 1 41  ? -1.910  3.225   2.002   1.00 8.33  ? 39  VAL A CG1 1 
ATOM   203 C CG2 . VAL A 1 41  ? -1.713  2.643   4.435   1.00 9.02  ? 39  VAL A CG2 1 
ATOM   204 N N   . ARG A 1 42  ? -2.625  6.570   1.930   1.00 8.07  ? 40  ARG A N   1 
ATOM   205 C CA  . ARG A 1 42  ? -3.301  7.307   0.869   1.00 8.66  ? 40  ARG A CA  1 
ATOM   206 C C   . ARG A 1 42  ? -3.410  6.404   -0.343  1.00 7.70  ? 40  ARG A C   1 
ATOM   207 O O   . ARG A 1 42  ? -2.398  6.003   -0.934  1.00 8.52  ? 40  ARG A O   1 
ATOM   208 C CB  . ARG A 1 42  ? -2.518  8.578   0.536   1.00 10.07 ? 40  ARG A CB  1 
ATOM   209 C CG  . ARG A 1 42  ? -3.098  9.384   -0.608  1.00 11.63 ? 40  ARG A CG  1 
ATOM   210 C CD  . ARG A 1 42  ? -2.385  10.725  -0.737  1.00 13.42 ? 40  ARG A CD  1 
ATOM   211 N NE  . ARG A 1 42  ? -0.934  10.559  -0.769  1.00 14.02 ? 40  ARG A NE  1 
ATOM   212 C CZ  . ARG A 1 42  ? -0.244  10.214  -1.852  1.00 14.10 ? 40  ARG A CZ  1 
ATOM   213 N NH1 . ARG A 1 42  ? -0.866  10.003  -3.006  1.00 14.18 ? 40  ARG A NH1 1 
ATOM   214 N NH2 . ARG A 1 42  ? 1.074   10.088  -1.782  1.00 15.15 ? 40  ARG A NH2 1 
ATOM   215 N N   . CYS A 1 43  ? -4.640  6.059   -0.711  1.00 7.79  ? 41  CYS A N   1 
ATOM   216 C CA  . CYS A 1 43  ? -4.871  5.058   -1.740  1.00 8.05  ? 41  CYS A CA  1 
ATOM   217 C C   . CYS A 1 43  ? -5.103  5.629   -3.129  1.00 8.25  ? 41  CYS A C   1 
ATOM   218 O O   . CYS A 1 43  ? -5.429  6.807   -3.285  1.00 8.94  ? 41  CYS A O   1 
ATOM   219 C CB  . CYS A 1 43  ? -6.024  4.132   -1.318  1.00 9.04  ? 41  CYS A CB  1 
ATOM   220 S SG  . CYS A 1 43  ? -5.698  3.285   0.251   1.00 9.80  ? 41  CYS A SG  1 
ATOM   221 N N   . GLU A 1 44  ? -4.971  4.770   -4.132  1.00 7.88  ? 42  GLU A N   1 
ATOM   222 C CA  . GLU A 1 44  ? -5.052  5.211   -5.517  1.00 8.39  ? 42  GLU A CA  1 
ATOM   223 C C   . GLU A 1 44  ? -6.447  5.653   -5.960  1.00 9.16  ? 42  GLU A C   1 
ATOM   224 O O   . GLU A 1 44  ? -6.584  6.203   -7.047  1.00 9.99  ? 42  GLU A O   1 
ATOM   225 C CB  . GLU A 1 44  ? -4.532  4.121   -6.451  1.00 9.15  ? 42  GLU A CB  1 
ATOM   226 C CG  . GLU A 1 44  ? -5.397  2.898   -6.462  1.00 10.22 ? 42  GLU A CG  1 
ATOM   227 C CD  . GLU A 1 44  ? -4.976  1.889   -7.503  1.00 11.27 ? 42  GLU A CD  1 
ATOM   228 O OE1 . GLU A 1 44  ? -4.816  2.275   -8.680  1.00 14.27 ? 42  GLU A OE1 1 
ATOM   229 O OE2 . GLU A 1 44  ? -4.799  0.707   -7.155  1.00 10.44 ? 42  GLU A OE2 1 
ATOM   230 N N   . ASP A 1 45  ? -7.460  5.419   -5.122  1.00 9.26  ? 43  ASP A N   1 
ATOM   231 C CA  . ASP A 1 45  ? -8.805  5.914   -5.388  1.00 10.35 ? 43  ASP A CA  1 
ATOM   232 C C   . ASP A 1 45  ? -9.042  7.261   -4.720  1.00 12.05 ? 43  ASP A C   1 
ATOM   233 O O   . ASP A 1 45  ? -10.173 7.756   -4.688  1.00 15.87 ? 43  ASP A O   1 
ATOM   234 C CB  . ASP A 1 45  ? -9.869  4.891   -4.976  1.00 11.10 ? 43  ASP A CB  1 
ATOM   235 C CG  . ASP A 1 45  ? -9.895  4.616   -3.488  1.00 11.36 ? 43  ASP A CG  1 
ATOM   236 O OD1 . ASP A 1 45  ? -8.927  4.954   -2.766  1.00 11.01 ? 43  ASP A OD1 1 
ATOM   237 O OD2 . ASP A 1 45  ? -10.901 4.018   -3.044  1.00 13.55 ? 43  ASP A OD2 1 
ATOM   238 N N   . GLY A 1 46  ? -7.980  7.858   -4.193  1.00 12.49 ? 44  GLY A N   1 
ATOM   239 C CA  . GLY A 1 46  ? -8.055  9.183   -3.604  1.00 14.42 ? 44  GLY A CA  1 
ATOM   240 C C   . GLY A 1 46  ? -8.538  9.229   -2.166  1.00 15.41 ? 44  GLY A C   1 
ATOM   241 O O   . GLY A 1 46  ? -8.804  10.307  -1.640  1.00 20.02 ? 44  GLY A O   1 
ATOM   242 N N   . LYS A 1 47  ? -8.661  8.073   -1.529  1.00 13.16 ? 45  LYS A N   1 
ATOM   243 C CA  . LYS A 1 47  ? -9.108  8.028   -0.141  1.00 12.56 ? 45  LYS A CA  1 
ATOM   244 C C   . LYS A 1 47  ? -7.979  7.598   0.775   1.00 10.58 ? 45  LYS A C   1 
ATOM   245 O O   . LYS A 1 47  ? -7.117  6.785   0.404   1.00 11.03 ? 45  LYS A O   1 
ATOM   246 C CB  . LYS A 1 47  ? -10.268 7.054   0.024   1.00 14.84 ? 45  LYS A CB  1 
ATOM   247 C CG  . LYS A 1 47  ? -11.488 7.457   -0.774  1.00 18.30 ? 45  LYS A CG  1 
ATOM   248 C CD  . LYS A 1 47  ? -12.549 6.371   -0.748  1.00 21.13 ? 45  LYS A CD  1 
ATOM   249 C CE  . LYS A 1 47  ? -13.614 6.645   -1.793  1.00 23.89 ? 45  LYS A CE  1 
ATOM   250 N NZ  . LYS A 1 47  ? -14.100 8.040   -1.648  1.00 26.27 ? 45  LYS A NZ  1 
ATOM   251 N N   . ILE A 1 48  ? -7.989  8.141   1.981   1.00 11.30 ? 46  ILE A N   1 
ATOM   252 C CA  . ILE A 1 48  ? -7.067  7.705   3.019   1.00 10.94 ? 46  ILE A CA  1 
ATOM   253 C C   . ILE A 1 48  ? -7.755  6.626   3.838   1.00 10.16 ? 46  ILE A C   1 
ATOM   254 O O   . ILE A 1 48  ? -8.866  6.827   4.334   1.00 12.95 ? 46  ILE A O   1 
ATOM   255 C CB  . ILE A 1 48  ? -6.701  8.845   3.975   1.00 14.45 ? 46  ILE A CB  1 
ATOM   256 C CG1 . ILE A 1 48  ? -6.360  10.110  3.196   1.00 18.99 ? 46  ILE A CG1 1 
ATOM   257 C CG2 . ILE A 1 48  ? -5.559  8.423   4.892   1.00 15.12 ? 46  ILE A CG2 1 
ATOM   258 C CD1 . ILE A 1 48  ? -5.101  10.025  2.463   1.00 20.67 ? 46  ILE A CD1 1 
ATOM   259 N N   . ARG A 1 49  ? -7.096  5.484   3.988   1.00 9.38  ? 47  ARG A N   1 
ATOM   260 C CA  . ARG A 1 49  ? -7.619  4.411   4.818   1.00 9.27  ? 47  ARG A CA  1 
ATOM   261 C C   . ARG A 1 49  ? -6.720  4.153   6.003   1.00 8.94  ? 47  ARG A C   1 
ATOM   262 O O   . ARG A 1 49  ? -5.487  4.199   5.895   1.00 9.38  ? 47  ARG A O   1 
ATOM   263 C CB  . ARG A 1 49  ? -7.785  3.116   4.018   1.00 9.61  ? 47  ARG A CB  1 
ATOM   264 C CG  . ARG A 1 49  ? -8.886  3.189   2.991   1.00 9.44  ? 47  ARG A CG  1 
ATOM   265 C CD  . ARG A 1 49  ? -8.941  1.930   2.136   1.00 10.65 ? 47  ARG A CD  1 
ATOM   266 N NE  . ARG A 1 49  ? -10.080 1.970   1.217   1.00 10.85 ? 47  ARG A NE  1 
ATOM   267 C CZ  . ARG A 1 49  ? -10.115 2.683   0.096   1.00 10.69 ? 47  ARG A CZ  1 
ATOM   268 N NH1 . ARG A 1 49  ? -9.071  3.416   -0.277  1.00 11.38 ? 47  ARG A NH1 1 
ATOM   269 N NH2 . ARG A 1 49  ? -11.205 2.664   -0.653  1.00 11.40 ? 47  ARG A NH2 1 
ATOM   270 N N   . ARG A 1 50  ? -7.341  3.875   7.143   1.00 10.11 ? 48  ARG A N   1 
ATOM   271 C CA  . ARG A 1 50  ? -6.605  3.467   8.327   1.00 10.17 ? 48  ARG A CA  1 
ATOM   272 C C   . ARG A 1 50  ? -6.405  1.960   8.208   1.00 10.02 ? 48  ARG A C   1 
ATOM   273 O O   . ARG A 1 50  ? -7.376  1.206   8.130   1.00 10.87 ? 48  ARG A O   1 
ATOM   274 C CB  . ARG A 1 50  ? -7.408  3.827   9.573   1.00 12.28 ? 48  ARG A CB  1 
ATOM   275 C CG  . ARG A 1 50  ? -6.645  3.627   10.860  1.00 15.18 ? 48  ARG A CG  1 
ATOM   276 C CD  . ARG A 1 50  ? -6.977  4.729   11.856  1.00 17.10 ? 48  ARG A CD  1 
ATOM   277 N NE  . ARG A 1 50  ? -6.474  6.027   11.407  1.00 18.10 ? 48  ARG A NE  1 
ATOM   278 C CZ  . ARG A 1 50  ? -6.534  7.144   12.125  1.00 19.33 ? 48  ARG A CZ  1 
ATOM   279 N NH1 . ARG A 1 50  ? -7.103  7.131   13.327  1.00 21.25 ? 48  ARG A NH1 1 
ATOM   280 N NH2 . ARG A 1 50  ? -6.037  8.277   11.636  1.00 19.17 ? 48  ARG A NH2 1 
ATOM   281 N N   . CYS A 1 51  ? -5.148  1.530   8.164   1.00 10.49 ? 49  CYS A N   1 
ATOM   282 C CA  . CYS A 1 51  ? -4.833  0.157   7.796   1.00 9.68  ? 49  CYS A CA  1 
ATOM   283 C C   . CYS A 1 51  ? -4.059  -0.596  8.846   1.00 10.74 ? 49  CYS A C   1 
ATOM   284 O O   . CYS A 1 51  ? -3.128  -0.065  9.454   1.00 12.40 ? 49  CYS A O   1 
ATOM   285 C CB  . CYS A 1 51  ? -4.024  0.130   6.497   1.00 9.64  ? 49  CYS A CB  1 
ATOM   286 S SG  . CYS A 1 51  ? -4.946  0.724   5.070   1.00 9.83  ? 49  CYS A SG  1 
ATOM   287 N N   . ARG A 1 52  ? -4.432  -1.860  9.021   1.00 11.16 ? 50  ARG A N   1 
ATOM   288 C CA  . ARG A 1 52  ? -3.730  -2.767  9.912   1.00 12.66 ? 50  ARG A CA  1 
ATOM   289 C C   . ARG A 1 52  ? -2.624  -3.492  9.156   1.00 11.93 ? 50  ARG A C   1 
ATOM   290 O O   . ARG A 1 52  ? -2.799  -3.866  8.002   1.00 11.51 ? 50  ARG A O   1 
ATOM   291 C CB  . ARG A 1 52  ? -4.721  -3.797  10.461  1.00 15.24 ? 50  ARG A CB  1 
ATOM   292 C CG  . ARG A 1 52  ? -4.110  -4.863  11.339  1.00 21.37 ? 50  ARG A CG  1 
ATOM   293 C CD  . ARG A 1 52  ? -3.936  -4.354  12.749  1.00 26.96 ? 50  ARG A CD  1 
ATOM   294 N NE  . ARG A 1 52  ? -3.632  -5.438  13.677  1.00 30.41 ? 50  ARG A NE  1 
ATOM   295 C CZ  . ARG A 1 52  ? -2.818  -5.315  14.719  1.00 33.06 ? 50  ARG A CZ  1 
ATOM   296 N NH1 . ARG A 1 52  ? -2.222  -4.154  14.956  1.00 33.66 ? 50  ARG A NH1 1 
ATOM   297 N NH2 . ARG A 1 52  ? -2.596  -6.354  15.520  1.00 34.49 ? 50  ARG A NH2 1 
ATOM   298 N N   . ILE A 1 53  ? -1.484  -3.685  9.809   1.00 13.08 ? 51  ILE A N   1 
ATOM   299 C CA  . ILE A 1 53  ? -0.448  -4.562  9.276   1.00 15.27 ? 51  ILE A CA  1 
ATOM   300 C C   . ILE A 1 53  ? -0.571  -5.875  10.012  1.00 17.17 ? 51  ILE A C   1 
ATOM   301 O O   . ILE A 1 53  ? -0.320  -5.923  11.212  1.00 17.92 ? 51  ILE A O   1 
ATOM   302 C CB  . ILE A 1 53  ? 0.960   -4.009  9.514   1.00 16.51 ? 51  ILE A CB  1 
ATOM   303 C CG1 . ILE A 1 53  ? 1.079   -2.594  8.958   1.00 18.71 ? 51  ILE A CG1 1 
ATOM   304 C CG2 . ILE A 1 53  ? 1.990   -4.903  8.846   1.00 17.12 ? 51  ILE A CG2 1 
ATOM   305 C CD1 . ILE A 1 53  ? 2.350   -1.896  9.382   1.00 20.20 ? 51  ILE A CD1 1 
ATOM   306 N N   . PRO A 1 54  ? -0.968  -6.948  9.306   1.00 19.39 ? 52  PRO A N   1 
ATOM   307 C CA  . PRO A 1 54  ? -1.112  -8.252  9.964   1.00 22.02 ? 52  PRO A CA  1 
ATOM   308 C C   . PRO A 1 54  ? 0.207   -8.708  10.587  1.00 22.40 ? 52  PRO A C   1 
ATOM   309 O O   . PRO A 1 54  ? 1.268   -8.408  10.047  1.00 21.32 ? 52  PRO A O   1 
ATOM   310 C CB  . PRO A 1 54  ? -1.518  -9.182  8.812   1.00 23.50 ? 52  PRO A CB  1 
ATOM   311 C CG  . PRO A 1 54  ? -2.114  -8.279  7.781   1.00 24.59 ? 52  PRO A CG  1 
ATOM   312 C CD  . PRO A 1 54  ? -1.331  -7.005  7.877   1.00 22.06 ? 52  PRO A CD  1 
ATOM   313 N N   . GLY A 1 55  ? 0.137   -9.412  11.716  1.00 23.20 ? 53  GLY A N   1 
ATOM   314 C CA  . GLY A 1 55  ? 1.330   -9.842  12.427  1.00 23.94 ? 53  GLY A CA  1 
ATOM   315 C C   . GLY A 1 55  ? 2.312   -10.585 11.539  1.00 23.89 ? 53  GLY A C   1 
ATOM   316 O O   . GLY A 1 55  ? 3.527   -10.385 11.623  1.00 25.62 ? 53  GLY A O   1 
ATOM   317 N N   . LYS A 1 56  ? 1.777   -11.426 10.666  1.00 23.56 ? 54  LYS A N   1 
ATOM   318 C CA  . LYS A 1 56  ? 2.589   -12.190 9.731   1.00 24.62 ? 54  LYS A CA  1 
ATOM   319 C C   . LYS A 1 56  ? 3.448   -11.264 8.869   1.00 22.04 ? 54  LYS A C   1 
ATOM   320 O O   . LYS A 1 56  ? 4.614   -11.549 8.611   1.00 22.47 ? 54  LYS A O   1 
ATOM   321 C CB  . LYS A 1 56  ? 1.688   -13.056 8.850   1.00 29.20 ? 54  LYS A CB  1 
ATOM   322 C CG  . LYS A 1 56  ? 2.428   -14.047 7.975   1.00 33.46 ? 54  LYS A CG  1 
ATOM   323 C CD  . LYS A 1 56  ? 1.449   -14.905 7.184   1.00 36.65 ? 54  LYS A CD  1 
ATOM   324 C CE  . LYS A 1 56  ? 2.172   -15.878 6.265   1.00 38.80 ? 54  LYS A CE  1 
ATOM   325 N NZ  . LYS A 1 56  ? 1.207   -16.756 5.540   1.00 40.23 ? 54  LYS A NZ  1 
ATOM   326 N N   . LEU A 1 57  ? 2.879   -10.147 8.431   1.00 19.73 ? 55  LEU A N   1 
ATOM   327 C CA  . LEU A 1 57  ? 3.639   -9.203  7.626   1.00 18.08 ? 55  LEU A CA  1 
ATOM   328 C C   . LEU A 1 57  ? 4.575   -8.371  8.508   1.00 19.00 ? 55  LEU A C   1 
ATOM   329 O O   . LEU A 1 57  ? 5.719   -8.114  8.127   1.00 19.19 ? 55  LEU A O   1 
ATOM   330 C CB  . LEU A 1 57  ? 2.700   -8.315  6.802   1.00 17.77 ? 55  LEU A CB  1 
ATOM   331 C CG  . LEU A 1 57  ? 3.369   -7.377  5.804   1.00 16.97 ? 55  LEU A CG  1 
ATOM   332 C CD1 . LEU A 1 57  ? 4.226   -8.135  4.800   1.00 17.80 ? 55  LEU A CD1 1 
ATOM   333 C CD2 . LEU A 1 57  ? 2.316   -6.565  5.066   1.00 16.80 ? 55  LEU A CD2 1 
ATOM   334 N N   . ARG A 1 58  ? 4.096   -7.985  9.693   1.00 20.28 ? 56  ARG A N   1 
ATOM   335 C CA  . ARG A 1 58  ? 4.903   -7.231  10.657  1.00 23.35 ? 56  ARG A CA  1 
ATOM   336 C C   . ARG A 1 58  ? 6.225   -7.909  11.011  1.00 23.61 ? 56  ARG A C   1 
ATOM   337 O O   . ARG A 1 58  ? 7.229   -7.240  11.249  1.00 24.93 ? 56  ARG A O   1 
ATOM   338 C CB  . ARG A 1 58  ? 4.123   -6.979  11.954  1.00 26.75 ? 56  ARG A CB  1 
ATOM   339 C CG  . ARG A 1 58  ? 3.233   -5.758  11.929  1.00 30.53 ? 56  ARG A CG  1 
ATOM   340 C CD  . ARG A 1 58  ? 2.472   -5.570  13.236  1.00 33.21 ? 56  ARG A CD  1 
ATOM   341 N NE  . ARG A 1 58  ? 3.259   -4.858  14.238  1.00 35.75 ? 56  ARG A NE  1 
ATOM   342 C CZ  . ARG A 1 58  ? 2.788   -4.480  15.424  1.00 37.19 ? 56  ARG A CZ  1 
ATOM   343 N NH1 . ARG A 1 58  ? 1.532   -4.746  15.758  1.00 37.50 ? 56  ARG A NH1 1 
ATOM   344 N NH2 . ARG A 1 58  ? 3.573   -3.834  16.277  1.00 38.08 ? 56  ARG A NH2 1 
ATOM   345 N N   . ARG A 1 59  ? 6.223   -9.235  11.061  1.00 22.37 ? 57  ARG A N   1 
ATOM   346 C CA  . ARG A 1 59  ? 7.428   -9.957  11.452  1.00 23.79 ? 57  ARG A CA  1 
ATOM   347 C C   . ARG A 1 59  ? 8.323   -10.280 10.254  1.00 22.90 ? 57  ARG A C   1 
ATOM   348 O O   . ARG A 1 59  ? 9.374   -10.911 10.402  1.00 24.17 ? 57  ARG A O   1 
ATOM   349 C CB  . ARG A 1 59  ? 7.083   -11.211 12.269  1.00 27.53 ? 57  ARG A CB  1 
ATOM   350 C CG  . ARG A 1 59  ? 6.853   -12.480 11.464  1.00 30.88 ? 57  ARG A CG  1 
ATOM   351 C CD  . ARG A 1 59  ? 6.519   -13.646 12.391  1.00 32.84 ? 57  ARG A CD  1 
ATOM   352 N NE  . ARG A 1 59  ? 5.157   -13.509 12.885  1.00 34.54 ? 57  ARG A NE  1 
ATOM   353 C CZ  . ARG A 1 59  ? 4.127   -14.211 12.430  1.00 35.67 ? 57  ARG A CZ  1 
ATOM   354 N NH1 . ARG A 1 59  ? 4.313   -15.131 11.493  1.00 36.91 ? 57  ARG A NH1 1 
ATOM   355 N NH2 . ARG A 1 59  ? 2.916   -14.007 12.927  1.00 36.02 ? 57  ARG A NH2 1 
ATOM   356 N N   . ARG A 1 60  ? 7.928   -9.816  9.073   1.00 21.52 ? 58  ARG A N   1 
ATOM   357 C CA  . ARG A 1 60  ? 8.711   -10.061 7.867   1.00 21.93 ? 58  ARG A CA  1 
ATOM   358 C C   . ARG A 1 60  ? 9.335   -8.794  7.292   1.00 20.06 ? 58  ARG A C   1 
ATOM   359 O O   . ARG A 1 60  ? 10.450  -8.824  6.788   1.00 20.19 ? 58  ARG A O   1 
ATOM   360 C CB  . ARG A 1 60  ? 7.868   -10.741 6.785   1.00 26.14 ? 58  ARG A CB  1 
ATOM   361 C CG  . ARG A 1 60  ? 7.375   -12.133 7.136   1.00 30.37 ? 58  ARG A CG  1 
ATOM   362 C CD  . ARG A 1 60  ? 6.959   -12.902 5.882   1.00 34.57 ? 58  ARG A CD  1 
ATOM   363 N NE  . ARG A 1 60  ? 6.297   -12.059 4.883   1.00 38.12 ? 58  ARG A NE  1 
ATOM   364 C CZ  . ARG A 1 60  ? 4.982   -12.022 4.677   1.00 40.64 ? 58  ARG A CZ  1 
ATOM   365 N NH1 . ARG A 1 60  ? 4.170   -12.783 5.401   1.00 41.29 ? 58  ARG A NH1 1 
ATOM   366 N NH2 . ARG A 1 60  ? 4.475   -11.230 3.742   1.00 41.68 ? 58  ARG A NH2 1 
ATOM   367 N N   . VAL A 1 61  ? 8.614   -7.681  7.333   1.00 19.07 ? 59  VAL A N   1 
ATOM   368 C CA  . VAL A 1 61  ? 9.119   -6.480  6.671   1.00 20.36 ? 59  VAL A CA  1 
ATOM   369 C C   . VAL A 1 61  ? 9.023   -5.228  7.513   1.00 21.39 ? 59  VAL A C   1 
ATOM   370 O O   . VAL A 1 61  ? 8.212   -5.132  8.429   1.00 22.20 ? 59  VAL A O   1 
ATOM   371 C CB  . VAL A 1 61  ? 8.404   -6.201  5.328   1.00 21.80 ? 59  VAL A CB  1 
ATOM   372 C CG1 . VAL A 1 61  ? 8.597   -7.357  4.355   1.00 22.05 ? 59  VAL A CG1 1 
ATOM   373 C CG2 . VAL A 1 61  ? 6.934   -5.921  5.566   1.00 21.60 ? 59  VAL A CG2 1 
ATOM   374 N N   . TRP A 1 62  ? 9.881   -4.270  7.187   1.00 20.79 ? 60  TRP A N   1 
ATOM   375 C CA  . TRP A 1 62  ? 9.852   -2.962  7.806   1.00 21.80 ? 60  TRP A CA  1 
ATOM   376 C C   . TRP A 1 62  ? 9.130   -2.018  6.859   1.00 19.06 ? 60  TRP A C   1 
ATOM   377 O O   . TRP A 1 62  ? 9.548   -1.820  5.714   1.00 20.62 ? 60  TRP A O   1 
ATOM   378 C CB  . TRP A 1 62  ? 11.275  -2.487  8.081   1.00 26.70 ? 60  TRP A CB  1 
ATOM   379 C CG  . TRP A 1 62  ? 11.399  -1.052  8.453   1.00 30.14 ? 60  TRP A CG  1 
ATOM   380 C CD1 . TRP A 1 62  ? 10.732  -0.408  9.446   1.00 31.57 ? 60  TRP A CD1 1 
ATOM   381 C CD2 . TRP A 1 62  ? 12.281  -0.086  7.864   1.00 32.31 ? 60  TRP A CD2 1 
ATOM   382 N NE1 . TRP A 1 62  ? 11.125  0.908   9.504   1.00 32.52 ? 60  TRP A NE1 1 
ATOM   383 C CE2 . TRP A 1 62  ? 12.081  1.129   8.547   1.00 32.90 ? 60  TRP A CE2 1 
ATOM   384 C CE3 . TRP A 1 62  ? 13.220  -0.131  6.830   1.00 33.94 ? 60  TRP A CE3 1 
ATOM   385 C CZ2 . TRP A 1 62  ? 12.776  2.292   8.222   1.00 34.08 ? 60  TRP A CZ2 1 
ATOM   386 C CZ3 . TRP A 1 62  ? 13.914  1.025   6.510   1.00 34.85 ? 60  TRP A CZ3 1 
ATOM   387 C CH2 . TRP A 1 62  ? 13.689  2.219   7.205   1.00 35.00 ? 60  TRP A CH2 1 
ATOM   388 N N   . ILE A 1 63  ? 8.010   -1.477  7.324   1.00 16.60 ? 61  ILE A N   1 
ATOM   389 C CA  . ILE A 1 63  ? 7.199   -0.562  6.522   1.00 14.66 ? 61  ILE A CA  1 
ATOM   390 C C   . ILE A 1 63  ? 7.308   0.830   7.103   1.00 15.66 ? 61  ILE A C   1 
ATOM   391 O O   . ILE A 1 63  ? 7.189   1.026   8.319   1.00 17.49 ? 61  ILE A O   1 
ATOM   392 C CB  . ILE A 1 63  ? 5.718   -1.000  6.487   1.00 13.93 ? 61  ILE A CB  1 
ATOM   393 C CG1 . ILE A 1 63  ? 5.608   -2.396  5.867   1.00 14.21 ? 61  ILE A CG1 1 
ATOM   394 C CG2 . ILE A 1 63  ? 4.863   0.008   5.703   1.00 14.81 ? 61  ILE A CG2 1 
ATOM   395 C CD1 . ILE A 1 63  ? 4.236   -2.999  5.935   1.00 16.30 ? 61  ILE A CD1 1 
ATOM   396 N N   . ARG A 1 64  ? 7.544   1.801   6.234   1.00 14.62 ? 62  ARG A N   1 
ATOM   397 C CA  . ARG A 1 64  ? 7.737   3.165   6.682   1.00 15.96 ? 62  ARG A CA  1 
ATOM   398 C C   . ARG A 1 64  ? 6.923   4.134   5.845   1.00 13.37 ? 62  ARG A C   1 
ATOM   399 O O   . ARG A 1 64  ? 6.429   3.798   4.765   1.00 12.18 ? 62  ARG A O   1 
ATOM   400 C CB  . ARG A 1 64  ? 9.218   3.543   6.628   1.00 21.02 ? 62  ARG A CB  1 
ATOM   401 C CG  . ARG A 1 64  ? 9.754   3.731   5.216   1.00 25.68 ? 62  ARG A CG  1 
ATOM   402 C CD  . ARG A 1 64  ? 11.278  3.810   5.179   1.00 30.44 ? 62  ARG A CD  1 
ATOM   403 N NE  . ARG A 1 64  ? 11.827  2.806   4.269   1.00 35.05 ? 62  ARG A NE  1 
ATOM   404 C CZ  . ARG A 1 64  ? 12.792  3.035   3.384   1.00 38.03 ? 62  ARG A CZ  1 
ATOM   405 N NH1 . ARG A 1 64  ? 13.334  4.242   3.280   1.00 39.29 ? 62  ARG A NH1 1 
ATOM   406 N NH2 . ARG A 1 64  ? 13.216  2.050   2.603   1.00 39.19 ? 62  ARG A NH2 1 
ATOM   407 N N   . VAL A 1 65  ? 6.778   5.339   6.372   1.00 12.67 ? 63  VAL A N   1 
ATOM   408 C CA  . VAL A 1 65  ? 6.109   6.414   5.671   1.00 12.21 ? 63  VAL A CA  1 
ATOM   409 C C   . VAL A 1 65  ? 6.766   6.604   4.314   1.00 12.22 ? 63  VAL A C   1 
ATOM   410 O O   . VAL A 1 65  ? 7.998   6.594   4.198   1.00 13.90 ? 63  VAL A O   1 
ATOM   411 C CB  . VAL A 1 65  ? 6.145   7.709   6.510   1.00 14.68 ? 63  VAL A CB  1 
ATOM   412 C CG1 . VAL A 1 65  ? 5.729   8.922   5.687   1.00 15.70 ? 63  VAL A CG1 1 
ATOM   413 C CG2 . VAL A 1 65  ? 5.240   7.561   7.727   1.00 16.41 ? 63  VAL A CG2 1 
ATOM   414 N N   . GLY A 1 66  ? 5.934   6.729   3.289   1.00 10.61 ? 64  GLY A N   1 
ATOM   415 C CA  . GLY A 1 66  ? 6.402   6.897   1.932   1.00 11.35 ? 64  GLY A CA  1 
ATOM   416 C C   . GLY A 1 66  ? 6.434   5.607   1.132   1.00 9.98  ? 64  GLY A C   1 
ATOM   417 O O   . GLY A 1 66  ? 6.534   5.649   -0.090  1.00 11.59 ? 64  GLY A O   1 
ATOM   418 N N   . ASP A 1 67  ? 6.354   4.458   1.803   1.00 8.31  ? 65  ASP A N   1 
ATOM   419 C CA  . ASP A 1 67  ? 6.345   3.189   1.090   1.00 8.75  ? 65  ASP A CA  1 
ATOM   420 C C   . ASP A 1 67  ? 5.088   3.000   0.263   1.00 7.59  ? 65  ASP A C   1 
ATOM   421 O O   . ASP A 1 67  ? 3.997   3.445   0.647   1.00 7.38  ? 65  ASP A O   1 
ATOM   422 C CB  . ASP A 1 67  ? 6.438   2.013   2.054   1.00 9.94  ? 65  ASP A CB  1 
ATOM   423 C CG  . ASP A 1 67  ? 7.823   1.836   2.638   1.00 12.77 ? 65  ASP A CG  1 
ATOM   424 O OD1 . ASP A 1 67  ? 8.784   2.492   2.169   1.00 14.96 ? 65  ASP A OD1 1 
ATOM   425 O OD2 . ASP A 1 67  ? 7.930   1.031   3.576   1.00 12.54 ? 65  ASP A OD2 1 
ATOM   426 N N   . LEU A 1 68  ? 5.241   2.315   -0.861  1.00 7.02  ? 66  LEU A N   1 
ATOM   427 C CA  . LEU A 1 68  ? 4.113   1.901   -1.672  1.00 6.26  ? 66  LEU A CA  1 
ATOM   428 C C   . LEU A 1 68  ? 3.705   0.511   -1.214  1.00 5.99  ? 66  LEU A C   1 
ATOM   429 O O   . LEU A 1 68  ? 4.555   -0.369  -1.045  1.00 6.42  ? 66  LEU A O   1 
ATOM   430 C CB  . LEU A 1 68  ? 4.487   1.879   -3.157  1.00 8.20  ? 66  LEU A CB  1 
ATOM   431 C CG  . LEU A 1 68  ? 3.321   1.621   -4.117  1.00 8.15  ? 66  LEU A CG  1 
ATOM   432 C CD1 . LEU A 1 68  ? 2.415   2.848   -4.268  1.00 9.29  ? 66  LEU A CD1 1 
ATOM   433 C CD2 . LEU A 1 68  ? 3.849   1.183   -5.483  1.00 9.38  ? 66  LEU A CD2 1 
ATOM   434 N N   . VAL A 1 69  ? 2.405   0.321   -1.010  1.00 5.84  ? 67  VAL A N   1 
ATOM   435 C CA  . VAL A 1 69  ? 1.872   -0.933  -0.503  1.00 5.76  ? 67  VAL A CA  1 
ATOM   436 C C   . VAL A 1 69  ? 0.656   -1.354  -1.318  1.00 5.56  ? 67  VAL A C   1 
ATOM   437 O O   . VAL A 1 69  ? 0.093   -0.555  -2.098  1.00 6.10  ? 67  VAL A O   1 
ATOM   438 C CB  . VAL A 1 69  ? 1.457   -0.807  1.000   1.00 6.40  ? 67  VAL A CB  1 
ATOM   439 C CG1 . VAL A 1 69  ? 2.679   -0.550  1.878   1.00 7.22  ? 67  VAL A CG1 1 
ATOM   440 C CG2 . VAL A 1 69  ? 0.418   0.303   1.186   1.00 7.11  ? 67  VAL A CG2 1 
ATOM   441 N N   . ILE A 1 70  ? 0.259   -2.616  -1.158  1.00 5.94  ? 68  ILE A N   1 
ATOM   442 C CA  . ILE A 1 70  ? -1.060  -3.060  -1.586  1.00 5.94  ? 68  ILE A CA  1 
ATOM   443 C C   . ILE A 1 70  ? -1.973  -3.056  -0.367  1.00 5.72  ? 68  ILE A C   1 
ATOM   444 O O   . ILE A 1 70  ? -1.623  -3.608  0.673   1.00 6.95  ? 68  ILE A O   1 
ATOM   445 C CB  . ILE A 1 70  ? -1.034  -4.500  -2.167  1.00 6.90  ? 68  ILE A CB  1 
ATOM   446 C CG1 . ILE A 1 70  ? -0.076  -4.603  -3.356  1.00 7.64  ? 68  ILE A CG1 1 
ATOM   447 C CG2 . ILE A 1 70  ? -2.453  -4.945  -2.556  1.00 8.73  ? 68  ILE A CG2 1 
ATOM   448 C CD1 . ILE A 1 70  ? 0.040   -6.034  -3.890  1.00 8.98  ? 68  ILE A CD1 1 
ATOM   449 N N   . VAL A 1 71  ? -3.140  -2.421  -0.505  1.00 6.69  ? 69  VAL A N   1 
ATOM   450 C CA  . VAL A 1 71  ? -4.172  -2.385  0.524   1.00 7.15  ? 69  VAL A CA  1 
ATOM   451 C C   . VAL A 1 71  ? -5.361  -3.238  0.107   1.00 7.54  ? 69  VAL A C   1 
ATOM   452 O O   . VAL A 1 71  ? -5.832  -3.157  -1.022  1.00 8.44  ? 69  VAL A O   1 
ATOM   453 C CB  . VAL A 1 71  ? -4.666  -0.931  0.735   1.00 7.77  ? 69  VAL A CB  1 
ATOM   454 C CG1 . VAL A 1 71  ? -5.864  -0.871  1.685   1.00 9.17  ? 69  VAL A CG1 1 
ATOM   455 C CG2 . VAL A 1 71  ? -3.538  -0.055  1.235   1.00 9.55  ? 69  VAL A CG2 1 
ATOM   456 N N   . GLN A 1 72  ? -5.832  -4.047  1.046   1.00 7.76  ? 70  GLN A N   1 
ATOM   457 C CA  . GLN A 1 72  ? -7.096  -4.767  0.910   1.00 8.23  ? 70  GLN A CA  1 
ATOM   458 C C   . GLN A 1 72  ? -8.150  -4.045  1.746   1.00 8.57  ? 70  GLN A C   1 
ATOM   459 O O   . GLN A 1 72  ? -8.110  -4.106  2.974   1.00 8.92  ? 70  GLN A O   1 
ATOM   460 C CB  . GLN A 1 72  ? -6.927  -6.204  1.416   1.00 10.37 ? 70  GLN A CB  1 
ATOM   461 C CG  . GLN A 1 72  ? -8.224  -6.993  1.510   1.00 13.37 ? 70  GLN A CG  1 
ATOM   462 C CD  . GLN A 1 72  ? -8.872  -7.178  0.167   1.00 15.54 ? 70  GLN A CD  1 
ATOM   463 O OE1 . GLN A 1 72  ? -8.344  -7.874  -0.693  1.00 17.94 ? 70  GLN A OE1 1 
ATOM   464 N NE2 . GLN A 1 72  ? -10.027 -6.554  -0.027  1.00 16.04 ? 70  GLN A NE2 1 
ATOM   465 N N   . PRO A 1 73  ? -9.088  -3.340  1.090   1.00 8.76  ? 71  PRO A N   1 
ATOM   466 C CA  . PRO A 1 73  ? -10.151 -2.700  1.873   1.00 9.30  ? 71  PRO A CA  1 
ATOM   467 C C   . PRO A 1 73  ? -10.960 -3.727  2.653   1.00 9.35  ? 71  PRO A C   1 
ATOM   468 O O   . PRO A 1 73  ? -11.164 -4.845  2.189   1.00 10.41 ? 71  PRO A O   1 
ATOM   469 C CB  . PRO A 1 73  ? -11.023 -2.039  0.798   1.00 9.65  ? 71  PRO A CB  1 
ATOM   470 C CG  . PRO A 1 73  ? -10.052 -1.790  -0.351  1.00 9.62  ? 71  PRO A CG  1 
ATOM   471 C CD  . PRO A 1 73  ? -9.174  -3.004  -0.346  1.00 9.61  ? 71  PRO A CD  1 
ATOM   472 N N   . TRP A 1 74  ? -11.371 -3.355  3.851   1.00 9.62  ? 72  TRP A N   1 
ATOM   473 C CA  . TRP A 1 74  ? -12.248 -4.223  4.624   1.00 10.10 ? 72  TRP A CA  1 
ATOM   474 C C   . TRP A 1 74  ? -13.610 -4.313  3.940   1.00 11.09 ? 72  TRP A C   1 
ATOM   475 O O   . TRP A 1 74  ? -13.994 -3.417  3.201   1.00 11.76 ? 72  TRP A O   1 
ATOM   476 C CB  . TRP A 1 74  ? -12.407 -3.672  6.030   1.00 10.00 ? 72  TRP A CB  1 
ATOM   477 C CG  . TRP A 1 74  ? -11.171 -3.823  6.883   1.00 8.95  ? 72  TRP A CG  1 
ATOM   478 C CD1 . TRP A 1 74  ? -9.953  -4.316  6.507   1.00 9.05  ? 72  TRP A CD1 1 
ATOM   479 C CD2 . TRP A 1 74  ? -11.055 -3.481  8.265   1.00 9.54  ? 72  TRP A CD2 1 
ATOM   480 N NE1 . TRP A 1 74  ? -9.086  -4.289  7.574   1.00 9.59  ? 72  TRP A NE1 1 
ATOM   481 C CE2 . TRP A 1 74  ? -9.741  -3.779  8.666   1.00 9.83  ? 72  TRP A CE2 1 
ATOM   482 C CE3 . TRP A 1 74  ? -11.948 -2.960  9.211   1.00 10.52 ? 72  TRP A CE3 1 
ATOM   483 C CZ2 . TRP A 1 74  ? -9.289  -3.573  9.968   1.00 11.17 ? 72  TRP A CZ2 1 
ATOM   484 C CZ3 . TRP A 1 74  ? -11.496 -2.750  10.503  1.00 11.37 ? 72  TRP A CZ3 1 
ATOM   485 C CH2 . TRP A 1 74  ? -10.182 -3.062  10.870  1.00 11.55 ? 72  TRP A CH2 1 
ATOM   486 N N   . PRO A 1 75  ? -14.352 -5.401  4.176   1.00 11.49 ? 73  PRO A N   1 
ATOM   487 C CA  . PRO A 1 75  ? -15.671 -5.526  3.528   1.00 14.33 ? 73  PRO A CA  1 
ATOM   488 C C   . PRO A 1 75  ? -16.743 -4.559  4.060   1.00 14.89 ? 73  PRO A C   1 
ATOM   489 O O   . PRO A 1 75  ? -17.742 -4.313  3.376   1.00 17.71 ? 73  PRO A O   1 
ATOM   490 C CB  . PRO A 1 75  ? -16.056 -6.981  3.800   1.00 15.10 ? 73  PRO A CB  1 
ATOM   491 C CG  . PRO A 1 75  ? -15.248 -7.372  4.997   1.00 14.04 ? 73  PRO A CG  1 
ATOM   492 C CD  . PRO A 1 75  ? -13.949 -6.633  4.872   1.00 11.92 ? 73  PRO A CD  1 
ATOM   493 N N   . VAL A 1 76  ? -16.536 -4.031  5.260   1.00 13.61 ? 74  VAL A N   1 
ATOM   494 C CA  . VAL A 1 76  ? -17.414 -3.029  5.868   1.00 15.60 ? 74  VAL A CA  1 
ATOM   495 C C   . VAL A 1 76  ? -16.567 -1.769  6.058   1.00 16.83 ? 74  VAL A C   1 
ATOM   496 O O   . VAL A 1 76  ? -15.389 -1.866  6.408   1.00 18.66 ? 74  VAL A O   1 
ATOM   497 C CB  . VAL A 1 76  ? -17.936 -3.500  7.252   1.00 15.85 ? 74  VAL A CB  1 
ATOM   498 C CG1 . VAL A 1 76  ? -18.891 -2.475  7.845   1.00 17.89 ? 74  VAL A CG1 1 
ATOM   499 C CG2 . VAL A 1 76  ? -18.583 -4.879  7.154   1.00 16.59 ? 74  VAL A CG2 1 
ATOM   500 N N   . GLN A 1 77  ? -17.141 -0.593  5.830   1.00 19.93 ? 75  GLN A N   1 
ATOM   501 C CA  . GLN A 1 77  ? -16.351 0.640   5.840   1.00 20.45 ? 75  GLN A CA  1 
ATOM   502 C C   . GLN A 1 77  ? -15.155 0.512   4.902   1.00 16.02 ? 75  GLN A C   1 
ATOM   503 O O   . GLN A 1 77  ? -14.022 0.872   5.253   1.00 16.63 ? 75  GLN A O   1 
ATOM   504 C CB  . GLN A 1 77  ? -15.859 0.992   7.248   1.00 24.63 ? 75  GLN A CB  1 
ATOM   505 C CG  . GLN A 1 77  ? -16.917 0.909   8.327   1.00 28.37 ? 75  GLN A CG  1 
ATOM   506 C CD  . GLN A 1 77  ? -18.176 1.692   7.997   1.00 30.82 ? 75  GLN A CD  1 
ATOM   507 O OE1 . GLN A 1 77  ? -18.136 2.703   7.293   1.00 32.39 ? 75  GLN A OE1 1 
ATOM   508 N NE2 . GLN A 1 77  ? -19.306 1.225   8.514   1.00 30.82 ? 75  GLN A NE2 1 
ATOM   509 N N   . SER A 1 78  ? -15.418 -0.011  3.710   1.00 13.56 ? 76  SER A N   1 
ATOM   510 C CA  . SER A 1 78  ? -14.383 -0.252  2.712   1.00 13.35 ? 76  SER A CA  1 
ATOM   511 C C   . SER A 1 78  ? -13.651 1.007   2.309   1.00 12.09 ? 76  SER A C   1 
ATOM   512 O O   . SER A 1 78  ? -12.509 0.944   1.899   1.00 13.21 ? 76  SER A O   1 
ATOM   513 C CB  . SER A 1 78  ? -14.976 -0.911  1.469   1.00 15.24 ? 76  SER A CB  1 
ATOM   514 O OG  . SER A 1 78  ? -15.757 -2.039  1.820   1.00 17.86 ? 76  SER A OG  1 
ATOM   515 N N   A ASP A 1 79  ? -14.319 2.147   2.432   0.50 12.37 ? 77  ASP A N   1 
ATOM   516 N N   B ASP A 1 79  ? -14.313 2.152   2.427   0.50 11.92 ? 77  ASP A N   1 
ATOM   517 C CA  A ASP A 1 79  ? -13.731 3.426   2.053   0.50 14.16 ? 77  ASP A CA  1 
ATOM   518 C CA  B ASP A 1 79  ? -13.703 3.418   2.037   0.50 13.49 ? 77  ASP A CA  1 
ATOM   519 C C   A ASP A 1 79  ? -12.804 4.011   3.120   0.50 13.73 ? 77  ASP A C   1 
ATOM   520 C C   B ASP A 1 79  ? -12.834 4.040   3.134   0.50 13.39 ? 77  ASP A C   1 
ATOM   521 O O   A ASP A 1 79  ? -12.085 4.971   2.855   0.50 15.14 ? 77  ASP A O   1 
ATOM   522 O O   B ASP A 1 79  ? -12.187 5.060   2.906   0.50 14.90 ? 77  ASP A O   1 
ATOM   523 C CB  A ASP A 1 79  ? -14.830 4.432   1.708   0.50 17.19 ? 77  ASP A CB  1 
ATOM   524 C CB  B ASP A 1 79  ? -14.764 4.414   1.555   0.50 15.90 ? 77  ASP A CB  1 
ATOM   525 C CG  A ASP A 1 79  ? -15.503 4.124   0.385   0.50 20.68 ? 77  ASP A CG  1 
ATOM   526 C CG  B ASP A 1 79  ? -15.718 4.840   2.655   0.50 18.22 ? 77  ASP A CG  1 
ATOM   527 O OD1 A ASP A 1 79  ? -14.936 3.334   -0.396  0.50 22.41 ? 77  ASP A OD1 1 
ATOM   528 O OD1 B ASP A 1 79  ? -15.893 4.077   3.626   0.50 19.41 ? 77  ASP A OD1 1 
ATOM   529 O OD2 A ASP A 1 79  ? -16.590 4.681   0.125   0.50 23.00 ? 77  ASP A OD2 1 
ATOM   530 O OD2 B ASP A 1 79  ? -16.310 5.938   2.540   0.50 20.83 ? 77  ASP A OD2 1 
ATOM   531 N N   . LYS A 1 80  ? -12.806 3.421   4.312   1.00 13.44 ? 78  LYS A N   1 
ATOM   532 C CA  . LYS A 1 80  ? -12.081 3.991   5.447   1.00 13.98 ? 78  LYS A CA  1 
ATOM   533 C C   . LYS A 1 80  ? -11.049 3.082   6.089   1.00 11.90 ? 78  LYS A C   1 
ATOM   534 O O   . LYS A 1 80  ? -10.188 3.563   6.827   1.00 12.76 ? 78  LYS A O   1 
ATOM   535 C CB  . LYS A 1 80  ? -13.070 4.429   6.533   1.00 18.71 ? 78  LYS A CB  1 
ATOM   536 C CG  . LYS A 1 80  ? -14.084 5.464   6.076   1.00 23.35 ? 78  LYS A CG  1 
ATOM   537 C CD  . LYS A 1 80  ? -15.182 5.659   7.111   1.00 27.58 ? 78  LYS A CD  1 
ATOM   538 C CE  . LYS A 1 80  ? -16.219 6.671   6.636   1.00 31.16 ? 78  LYS A CE  1 
ATOM   539 N NZ  . LYS A 1 80  ? -17.356 6.836   7.598   1.00 33.72 ? 78  LYS A NZ  1 
ATOM   540 N N   . ARG A 1 81  ? -11.137 1.778   5.838   1.00 10.69 ? 79  ARG A N   1 
ATOM   541 C CA  . ARG A 1 81  ? -10.289 0.819   6.557   1.00 10.38 ? 79  ARG A CA  1 
ATOM   542 C C   . ARG A 1 81  ? -9.783  -0.273  5.632   1.00 9.29  ? 79  ARG A C   1 
ATOM   543 O O   . ARG A 1 81  ? -10.457 -0.656  4.681   1.00 10.11 ? 79  ARG A O   1 
ATOM   544 C CB  . ARG A 1 81  ? -11.051 0.178   7.725   1.00 13.97 ? 79  ARG A CB  1 
ATOM   545 C CG  . ARG A 1 81  ? -11.303 1.145   8.862   1.00 19.10 ? 79  ARG A CG  1 
ATOM   546 C CD  . ARG A 1 81  ? -12.275 0.605   9.869   1.00 24.61 ? 79  ARG A CD  1 
ATOM   547 N NE  . ARG A 1 81  ? -13.348 1.561   10.082  1.00 28.15 ? 79  ARG A NE  1 
ATOM   548 C CZ  . ARG A 1 81  ? -14.448 1.294   10.767  1.00 30.30 ? 79  ARG A CZ  1 
ATOM   549 N NH1 . ARG A 1 81  ? -14.605 0.098   11.323  1.00 28.70 ? 79  ARG A NH1 1 
ATOM   550 N NH2 . ARG A 1 81  ? -15.384 2.222   10.895  1.00 33.23 ? 79  ARG A NH2 1 
ATOM   551 N N   . GLY A 1 82  ? -8.598  -0.792  5.929   1.00 8.06  ? 80  GLY A N   1 
ATOM   552 C CA  . GLY A 1 82  ? -8.051  -1.889  5.159   1.00 7.29  ? 80  GLY A CA  1 
ATOM   553 C C   . GLY A 1 82  ? -6.921  -2.598  5.876   1.00 7.76  ? 80  GLY A C   1 
ATOM   554 O O   . GLY A 1 82  ? -6.567  -2.227  6.978   1.00 8.71  ? 80  GLY A O   1 
ATOM   555 N N   . ASP A 1 83  ? -6.406  -3.651  5.253   1.00 8.53  ? 81  ASP A N   1 
ATOM   556 C CA  . ASP A 1 83  ? -5.165  -4.290  5.686   1.00 9.24  ? 81  ASP A CA  1 
ATOM   557 C C   . ASP A 1 83  ? -4.088  -3.964  4.666   1.00 8.35  ? 81  ASP A C   1 
ATOM   558 O O   . ASP A 1 83  ? -4.354  -3.926  3.459   1.00 9.23  ? 81  ASP A O   1 
ATOM   559 C CB  . ASP A 1 83  ? -5.308  -5.819  5.699   1.00 10.52 ? 81  ASP A CB  1 
ATOM   560 C CG  . ASP A 1 83  ? -6.006  -6.361  6.941   1.00 14.76 ? 81  ASP A CG  1 
ATOM   561 O OD1 . ASP A 1 83  ? -6.556  -5.593  7.745   1.00 13.16 ? 81  ASP A OD1 1 
ATOM   562 O OD2 . ASP A 1 83  ? -5.971  -7.594  7.110   1.00 19.72 ? 81  ASP A OD2 1 
ATOM   563 N N   . ILE A 1 84  ? -2.864  -3.748  5.132   1.00 8.50  ? 82  ILE A N   1 
ATOM   564 C CA  . ILE A 1 84  ? -1.724  -3.752  4.225   1.00 8.27  ? 82  ILE A CA  1 
ATOM   565 C C   . ILE A 1 84  ? -1.356  -5.200  3.984   1.00 9.07  ? 82  ILE A C   1 
ATOM   566 O O   . ILE A 1 84  ? -1.125  -5.943  4.941   1.00 10.78 ? 82  ILE A O   1 
ATOM   567 C CB  . ILE A 1 84  ? -0.541  -2.971  4.802   1.00 8.78  ? 82  ILE A CB  1 
ATOM   568 C CG1 . ILE A 1 84  ? -0.886  -1.482  4.864   1.00 10.66 ? 82  ILE A CG1 1 
ATOM   569 C CG2 . ILE A 1 84  ? 0.710   -3.184  3.942   1.00 9.65  ? 82  ILE A CG2 1 
ATOM   570 C CD1 . ILE A 1 84  ? 0.110   -0.634  5.619   1.00 10.80 ? 82  ILE A CD1 1 
ATOM   571 N N   . VAL A 1 85  ? -1.302  -5.614  2.718   1.00 8.60  ? 83  VAL A N   1 
ATOM   572 C CA  . VAL A 1 85  ? -0.986  -7.010  2.410   1.00 9.21  ? 83  VAL A CA  1 
ATOM   573 C C   . VAL A 1 85  ? 0.347   -7.225  1.701   1.00 8.44  ? 83  VAL A C   1 
ATOM   574 O O   . VAL A 1 85  ? 0.780   -8.357  1.564   1.00 11.33 ? 83  VAL A O   1 
ATOM   575 C CB  . VAL A 1 85  ? -2.120  -7.726  1.644   1.00 12.04 ? 83  VAL A CB  1 
ATOM   576 C CG1 . VAL A 1 85  ? -3.407  -7.751  2.473   1.00 13.04 ? 83  VAL A CG1 1 
ATOM   577 C CG2 . VAL A 1 85  ? -2.372  -7.064  0.323   1.00 12.31 ? 83  VAL A CG2 1 
ATOM   578 N N   . TYR A 1 86  ? 0.998   -6.150  1.264   1.00 7.75  ? 84  TYR A N   1 
ATOM   579 C CA  . TYR A 1 86  ? 2.304   -6.248  0.607   1.00 7.88  ? 84  TYR A CA  1 
ATOM   580 C C   . TYR A 1 86  ? 2.954   -4.888  0.644   1.00 6.64  ? 84  TYR A C   1 
ATOM   581 O O   . TYR A 1 86  ? 2.264   -3.879  0.555   1.00 7.81  ? 84  TYR A O   1 
ATOM   582 C CB  . TYR A 1 86  ? 2.155   -6.702  -0.850  1.00 9.42  ? 84  TYR A CB  1 
ATOM   583 C CG  . TYR A 1 86  ? 3.468   -7.070  -1.493  1.00 10.51 ? 84  TYR A CG  1 
ATOM   584 C CD1 . TYR A 1 86  ? 4.085   -8.273  -1.186  1.00 13.61 ? 84  TYR A CD1 1 
ATOM   585 C CD2 . TYR A 1 86  ? 4.102   -6.218  -2.390  1.00 9.21  ? 84  TYR A CD2 1 
ATOM   586 C CE1 . TYR A 1 86  ? 5.286   -8.629  -1.770  1.00 15.53 ? 84  TYR A CE1 1 
ATOM   587 C CE2 . TYR A 1 86  ? 5.322   -6.558  -2.966  1.00 12.32 ? 84  TYR A CE2 1 
ATOM   588 C CZ  . TYR A 1 86  ? 5.898   -7.760  -2.647  1.00 14.91 ? 84  TYR A CZ  1 
ATOM   589 O OH  . TYR A 1 86  ? 7.088   -8.111  -3.227  1.00 18.22 ? 84  TYR A OH  1 
ATOM   590 N N   . ARG A 1 87  ? 4.279   -4.862  0.781   1.00 6.91  ? 85  ARG A N   1 
ATOM   591 C CA  . ARG A 1 87  ? 5.049   -3.628  0.683   1.00 7.04  ? 85  ARG A CA  1 
ATOM   592 C C   . ARG A 1 87  ? 6.096   -3.762  -0.409  1.00 7.21  ? 85  ARG A C   1 
ATOM   593 O O   . ARG A 1 87  ? 6.929   -4.661  -0.377  1.00 8.51  ? 85  ARG A O   1 
ATOM   594 C CB  . ARG A 1 87  ? 5.720   -3.284  2.011   1.00 9.75  ? 85  ARG A CB  1 
ATOM   595 C CG  . ARG A 1 87  ? 6.427   -1.923  1.972   1.00 11.50 ? 85  ARG A CG  1 
ATOM   596 C CD  . ARG A 1 87  ? 7.928   -2.007  2.249   1.00 14.27 ? 85  ARG A CD  1 
ATOM   597 N NE  . ARG A 1 87  ? 8.574   -3.185  1.670   1.00 14.79 ? 85  ARG A NE  1 
ATOM   598 C CZ  . ARG A 1 87  ? 9.642   -3.772  2.208   1.00 15.14 ? 85  ARG A CZ  1 
ATOM   599 N NH1 . ARG A 1 87  ? 10.166  -3.268  3.308   1.00 13.65 ? 85  ARG A NH1 1 
ATOM   600 N NH2 . ARG A 1 87  ? 10.188  -4.855  1.658   1.00 18.21 ? 85  ARG A NH2 1 
ATOM   601 N N   . TYR A 1 88  ? 6.048   -2.860  -1.374  1.00 7.10  ? 86  TYR A N   1 
ATOM   602 C CA  . TYR A 1 88  ? 6.960   -2.906  -2.508  1.00 7.36  ? 86  TYR A CA  1 
ATOM   603 C C   . TYR A 1 88  ? 8.359   -2.420  -2.153  1.00 8.45  ? 86  TYR A C   1 
ATOM   604 O O   . TYR A 1 88  ? 8.532   -1.512  -1.346  1.00 9.58  ? 86  TYR A O   1 
ATOM   605 C CB  . TYR A 1 88  ? 6.408   -2.055  -3.646  1.00 7.27  ? 86  TYR A CB  1 
ATOM   606 C CG  . TYR A 1 88  ? 5.178   -2.640  -4.279  1.00 6.83  ? 86  TYR A CG  1 
ATOM   607 C CD1 . TYR A 1 88  ? 5.275   -3.717  -5.145  1.00 7.63  ? 86  TYR A CD1 1 
ATOM   608 C CD2 . TYR A 1 88  ? 3.916   -2.120  -3.999  1.00 6.49  ? 86  TYR A CD2 1 
ATOM   609 C CE1 . TYR A 1 88  ? 4.139   -4.265  -5.734  1.00 7.47  ? 86  TYR A CE1 1 
ATOM   610 C CE2 . TYR A 1 88  ? 2.783   -2.649  -4.591  1.00 6.60  ? 86  TYR A CE2 1 
ATOM   611 C CZ  . TYR A 1 88  ? 2.905   -3.720  -5.465  1.00 7.10  ? 86  TYR A CZ  1 
ATOM   612 O OH  . TYR A 1 88  ? 1.792   -4.261  -6.067  1.00 8.96  ? 86  TYR A OH  1 
ATOM   613 N N   . THR A 1 89  ? 9.358   -3.023  -2.787  1.00 9.47  ? 87  THR A N   1 
ATOM   614 C CA  . THR A 1 89  ? 10.710  -2.483  -2.726  1.00 10.20 ? 87  THR A CA  1 
ATOM   615 C C   . THR A 1 89  ? 10.848  -1.336  -3.722  1.00 10.27 ? 87  THR A C   1 
ATOM   616 O O   . THR A 1 89  ? 10.010  -1.161  -4.602  1.00 10.06 ? 87  THR A O   1 
ATOM   617 C CB  . THR A 1 89  ? 11.752  -3.526  -3.123  1.00 11.88 ? 87  THR A CB  1 
ATOM   618 O OG1 . THR A 1 89  ? 11.574  -3.838  -4.512  1.00 12.88 ? 87  THR A OG1 1 
ATOM   619 C CG2 . THR A 1 89  ? 11.623  -4.787  -2.277  1.00 14.14 ? 87  THR A CG2 1 
ATOM   620 N N   . GLN A 1 90  ? 11.925  -0.566  -3.601  1.00 11.71 ? 88  GLN A N   1 
ATOM   621 C CA  . GLN A 1 90  ? 12.136  0.563   -4.495  1.00 12.88 ? 88  GLN A CA  1 
ATOM   622 C C   . GLN A 1 90  ? 12.246  0.149   -5.966  1.00 11.42 ? 88  GLN A C   1 
ATOM   623 O O   . GLN A 1 90  ? 11.728  0.831   -6.844  1.00 11.00 ? 88  GLN A O   1 
ATOM   624 C CB  . GLN A 1 90  ? 13.362  1.371   -4.083  1.00 16.65 ? 88  GLN A CB  1 
ATOM   625 C CG  . GLN A 1 90  ? 13.446  2.706   -4.800  1.00 22.61 ? 88  GLN A CG  1 
ATOM   626 C CD  . GLN A 1 90  ? 12.271  3.606   -4.463  1.00 27.21 ? 88  GLN A CD  1 
ATOM   627 O OE1 . GLN A 1 90  ? 11.817  3.649   -3.316  1.00 28.78 ? 88  GLN A OE1 1 
ATOM   628 N NE2 . GLN A 1 90  ? 11.762  4.319   -5.462  1.00 28.87 ? 88  GLN A NE2 1 
ATOM   629 N N   A THR A 1 91  ? 12.918  -0.959  -6.231  0.50 10.44 ? 89  THR A N   1 
ATOM   630 N N   B THR A 1 91  ? 12.925  -0.963  -6.241  0.50 11.43 ? 89  THR A N   1 
ATOM   631 C CA  A THR A 1 91  ? 13.030  -1.420  -7.604  0.50 10.52 ? 89  THR A CA  1 
ATOM   632 C CA  B THR A 1 91  ? 13.020  -1.442  -7.620  0.50 12.43 ? 89  THR A CA  1 
ATOM   633 C C   A THR A 1 91  ? 11.656  -1.827  -8.163  0.50 9.61  ? 89  THR A C   1 
ATOM   634 C C   B THR A 1 91  ? 11.645  -1.814  -8.164  0.50 10.52 ? 89  THR A C   1 
ATOM   635 O O   A THR A 1 91  ? 11.348  -1.567  -9.326  0.50 10.74 ? 89  THR A O   1 
ATOM   636 O O   B THR A 1 91  ? 11.330  -1.540  -9.321  0.50 11.38 ? 89  THR A O   1 
ATOM   637 C CB  A THR A 1 91  ? 14.055  -2.549  -7.725  0.50 11.27 ? 89  THR A CB  1 
ATOM   638 C CB  B THR A 1 91  ? 13.980  -2.643  -7.783  0.50 15.20 ? 89  THR A CB  1 
ATOM   639 O OG1 A THR A 1 91  ? 15.331  -2.063  -7.280  0.50 13.95 ? 89  THR A OG1 1 
ATOM   640 O OG1 B THR A 1 91  ? 13.553  -3.734  -6.959  0.50 17.85 ? 89  THR A OG1 1 
ATOM   641 C CG2 A THR A 1 91  ? 14.165  -3.009  -9.166  0.50 11.33 ? 89  THR A CG2 1 
ATOM   642 C CG2 B THR A 1 91  ? 15.378  -2.250  -7.398  0.50 16.66 ? 89  THR A CG2 1 
ATOM   643 N N   . GLN A 1 92  ? 10.820  -2.427  -7.317  1.00 9.28  ? 90  GLN A N   1 
ATOM   644 C CA  . GLN A 1 92  ? 9.465   -2.779  -7.733  1.00 8.54  ? 90  GLN A CA  1 
ATOM   645 C C   . GLN A 1 92  ? 8.632   -1.529  -8.019  1.00 8.11  ? 90  GLN A C   1 
ATOM   646 O O   . GLN A 1 92  ? 7.872   -1.491  -8.985  1.00 8.85  ? 90  GLN A O   1 
ATOM   647 C CB  . GLN A 1 92  ? 8.770   -3.647  -6.688  1.00 9.05  ? 90  GLN A CB  1 
ATOM   648 C CG  . GLN A 1 92  ? 9.397   -5.018  -6.557  1.00 9.68  ? 90  GLN A CG  1 
ATOM   649 C CD  . GLN A 1 92  ? 8.776   -5.824  -5.430  1.00 10.14 ? 90  GLN A CD  1 
ATOM   650 O OE1 . GLN A 1 92  ? 8.375   -5.277  -4.412  1.00 10.48 ? 90  GLN A OE1 1 
ATOM   651 N NE2 . GLN A 1 92  ? 8.708   -7.130  -5.610  1.00 13.87 ? 90  GLN A NE2 1 
ATOM   652 N N   . VAL A 1 93  ? 8.797   -0.502  -7.191  1.00 8.37  ? 91  VAL A N   1 
ATOM   653 C CA  . VAL A 1 93  ? 8.129   0.774   -7.431  1.00 8.75  ? 91  VAL A CA  1 
ATOM   654 C C   . VAL A 1 93  ? 8.533   1.326   -8.799  1.00 8.19  ? 91  VAL A C   1 
ATOM   655 O O   . VAL A 1 93  ? 7.692   1.795   -9.567  1.00 9.03  ? 91  VAL A O   1 
ATOM   656 C CB  . VAL A 1 93  ? 8.442   1.798   -6.326  1.00 9.04  ? 91  VAL A CB  1 
ATOM   657 C CG1 . VAL A 1 93  ? 7.931   3.176   -6.704  1.00 10.31 ? 91  VAL A CG1 1 
ATOM   658 C CG2 . VAL A 1 93  ? 7.826   1.351   -5.015  1.00 10.56 ? 91  VAL A CG2 1 
ATOM   659 N N   . ASP A 1 94  ? 9.824   1.265   -9.120  1.00 9.21  ? 92  ASP A N   1 
ATOM   660 C CA  . ASP A 1 94  ? 10.275  1.771   -10.406 1.00 10.38 ? 92  ASP A CA  1 
ATOM   661 C C   . ASP A 1 94  ? 9.674   0.983   -11.566 1.00 9.72  ? 92  ASP A C   1 
ATOM   662 O O   . ASP A 1 94  ? 9.286   1.562   -12.581 1.00 10.91 ? 92  ASP A O   1 
ATOM   663 C CB  . ASP A 1 94  ? 11.791  1.743   -10.490 1.00 11.78 ? 92  ASP A CB  1 
ATOM   664 C CG  . ASP A 1 94  ? 12.282  2.348   -11.766 1.00 14.34 ? 92  ASP A CG  1 
ATOM   665 O OD1 . ASP A 1 94  ? 12.087  3.567   -11.937 1.00 16.68 ? 92  ASP A OD1 1 
ATOM   666 O OD2 . ASP A 1 94  ? 12.807  1.591   -12.606 1.00 15.64 ? 92  ASP A OD2 1 
ATOM   667 N N   . TRP A 1 95  ? 9.561   -0.332  -11.404 1.00 9.30  ? 93  TRP A N   1 
ATOM   668 C CA  . TRP A 1 95  ? 8.910   -1.157  -12.409 1.00 10.72 ? 93  TRP A CA  1 
ATOM   669 C C   . TRP A 1 95  ? 7.455   -0.739  -12.594 1.00 9.49  ? 93  TRP A C   1 
ATOM   670 O O   . TRP A 1 95  ? 6.981   -0.611  -13.722 1.00 10.65 ? 93  TRP A O   1 
ATOM   671 C CB  . TRP A 1 95  ? 8.994   -2.628  -12.008 1.00 12.05 ? 93  TRP A CB  1 
ATOM   672 C CG  . TRP A 1 95  ? 8.446   -3.612  -13.018 1.00 13.14 ? 93  TRP A CG  1 
ATOM   673 C CD1 . TRP A 1 95  ? 9.137   -4.236  -14.019 1.00 15.36 ? 93  TRP A CD1 1 
ATOM   674 C CD2 . TRP A 1 95  ? 7.106   -4.130  -13.077 1.00 14.00 ? 93  TRP A CD2 1 
ATOM   675 N NE1 . TRP A 1 95  ? 8.303   -5.085  -14.713 1.00 17.29 ? 93  TRP A NE1 1 
ATOM   676 C CE2 . TRP A 1 95  ? 7.053   -5.038  -14.153 1.00 16.58 ? 93  TRP A CE2 1 
ATOM   677 C CE3 . TRP A 1 95  ? 5.940   -3.898  -12.334 1.00 14.07 ? 93  TRP A CE3 1 
ATOM   678 C CZ2 . TRP A 1 95  ? 5.883   -5.720  -14.502 1.00 17.97 ? 93  TRP A CZ2 1 
ATOM   679 C CZ3 . TRP A 1 95  ? 4.780   -4.576  -12.681 1.00 15.42 ? 93  TRP A CZ3 1 
ATOM   680 C CH2 . TRP A 1 95  ? 4.761   -5.474  -13.757 1.00 17.66 ? 93  TRP A CH2 1 
ATOM   681 N N   . LEU A 1 96  ? 6.742   -0.536  -11.486 1.00 8.70  ? 94  LEU A N   1 
ATOM   682 C CA  . LEU A 1 96  ? 5.336   -0.117  -11.546 1.00 8.61  ? 94  LEU A CA  1 
ATOM   683 C C   . LEU A 1 96  ? 5.172   1.228   -12.252 1.00 9.83  ? 94  LEU A C   1 
ATOM   684 O O   . LEU A 1 96  ? 4.216   1.434   -12.996 1.00 11.06 ? 94  LEU A O   1 
ATOM   685 C CB  . LEU A 1 96  ? 4.751   -0.050  -10.142 1.00 9.21  ? 94  LEU A CB  1 
ATOM   686 C CG  . LEU A 1 96  ? 4.636   -1.413  -9.452  1.00 9.28  ? 94  LEU A CG  1 
ATOM   687 C CD1 . LEU A 1 96  ? 4.429   -1.234  -7.948  1.00 9.88  ? 94  LEU A CD1 1 
ATOM   688 C CD2 . LEU A 1 96  ? 3.523   -2.259  -10.042 1.00 10.62 ? 94  LEU A CD2 1 
ATOM   689 N N   . LEU A 1 97  ? 6.097   2.152   -11.999 1.00 9.37  ? 95  LEU A N   1 
ATOM   690 C CA  . LEU A 1 97  ? 6.105   3.433   -12.705 1.00 11.07 ? 95  LEU A CA  1 
ATOM   691 C C   . LEU A 1 97  ? 6.277   3.233   -14.197 1.00 12.63 ? 95  LEU A C   1 
ATOM   692 O O   . LEU A 1 97  ? 5.563   3.827   -14.996 1.00 14.26 ? 95  LEU A O   1 
ATOM   693 C CB  . LEU A 1 97  ? 7.225   4.328   -12.182 1.00 11.31 ? 95  LEU A CB  1 
ATOM   694 C CG  . LEU A 1 97  ? 6.956   4.960   -10.814 1.00 11.75 ? 95  LEU A CG  1 
ATOM   695 C CD1 . LEU A 1 97  ? 8.243   5.538   -10.242 1.00 12.15 ? 95  LEU A CD1 1 
ATOM   696 C CD2 . LEU A 1 97  ? 5.870   6.033   -10.912 1.00 12.56 ? 95  LEU A CD2 1 
ATOM   697 N N   . ARG A 1 98  ? 7.239   2.403   -14.581 1.00 13.09 ? 96  ARG A N   1 
ATOM   698 C CA  . ARG A 1 98  ? 7.507   2.194   -16.001 1.00 15.37 ? 96  ARG A CA  1 
ATOM   699 C C   . ARG A 1 98  ? 6.331   1.536   -16.711 1.00 16.37 ? 96  ARG A C   1 
ATOM   700 O O   . ARG A 1 98  ? 6.062   1.822   -17.878 1.00 17.37 ? 96  ARG A O   1 
ATOM   701 C CB  . ARG A 1 98  ? 8.780   1.376   -16.177 1.00 19.22 ? 96  ARG A CB  1 
ATOM   702 C CG  . ARG A 1 98  ? 10.000  2.054   -15.573 1.00 25.08 ? 96  ARG A CG  1 
ATOM   703 C CD  . ARG A 1 98  ? 9.996   3.542   -15.788 1.00 29.34 ? 96  ARG A CD  1 
ATOM   704 N NE  . ARG A 1 98  ? 10.335  4.269   -14.568 1.00 31.38 ? 96  ARG A NE  1 
ATOM   705 C CZ  . ARG A 1 98  ? 9.785   5.428   -14.233 1.00 31.71 ? 96  ARG A CZ  1 
ATOM   706 N NH1 . ARG A 1 98  ? 8.859   5.968   -15.019 1.00 28.55 ? 96  ARG A NH1 1 
ATOM   707 N NH2 . ARG A 1 98  ? 10.141  6.036   -13.111 1.00 33.46 ? 96  ARG A NH2 1 
ATOM   708 N N   . LYS A 1 99  ? 5.616   0.678   -15.990 1.00 16.61 ? 97  LYS A N   1 
ATOM   709 C CA  . LYS A 1 99  ? 4.479   -0.030  -16.556 1.00 17.57 ? 97  LYS A CA  1 
ATOM   710 C C   . LYS A 1 99  ? 3.209   0.805   -16.501 1.00 17.97 ? 97  LYS A C   1 
ATOM   711 O O   . LYS A 1 99  ? 2.173   0.388   -17.020 1.00 20.54 ? 97  LYS A O   1 
ATOM   712 C CB  . LYS A 1 99  ? 4.251   -1.349  -15.817 1.00 19.61 ? 97  LYS A CB  1 
ATOM   713 C CG  . LYS A 1 99  ? 5.322   -2.388  -16.058 1.00 22.69 ? 97  LYS A CG  1 
ATOM   714 C CD  . LYS A 1 99  ? 5.305   -2.843  -17.505 1.00 26.53 ? 97  LYS A CD  1 
ATOM   715 C CE  . LYS A 1 99  ? 6.409   -3.847  -17.766 1.00 29.09 ? 97  LYS A CE  1 
ATOM   716 N NZ  . LYS A 1 99  ? 6.299   -4.427  -19.130 1.00 31.01 ? 97  LYS A NZ  1 
ATOM   717 N N   . GLY A 1 100 ? 3.277   1.966   -15.857 1.00 16.29 ? 98  GLY A N   1 
ATOM   718 C CA  . GLY A 1 100 ? 2.111   2.834   -15.745 1.00 16.88 ? 98  GLY A CA  1 
ATOM   719 C C   . GLY A 1 100 ? 1.072   2.398   -14.718 1.00 17.04 ? 98  GLY A C   1 
ATOM   720 O O   . GLY A 1 100 ? -0.062  2.881   -14.735 1.00 19.19 ? 98  GLY A O   1 
ATOM   721 N N   . LYS A 1 101 ? 1.438   1.490   -13.819 1.00 15.19 ? 99  LYS A N   1 
ATOM   722 C CA  . LYS A 1 101 ? 0.513   1.016   -12.792 1.00 15.06 ? 99  LYS A CA  1 
ATOM   723 C C   . LYS A 1 101 ? 0.292   2.072   -11.721 1.00 14.75 ? 99  LYS A C   1 
ATOM   724 O O   . LYS A 1 101 ? -0.757  2.106   -11.077 1.00 15.63 ? 99  LYS A O   1 
ATOM   725 C CB  . LYS A 1 101 ? 1.046   -0.250  -12.131 1.00 16.72 ? 99  LYS A CB  1 
ATOM   726 C CG  . LYS A 1 101 ? 1.328   -1.394  -13.077 1.00 21.39 ? 99  LYS A CG  1 
ATOM   727 C CD  . LYS A 1 101 ? 0.060   -1.926  -13.686 1.00 25.54 ? 99  LYS A CD  1 
ATOM   728 C CE  . LYS A 1 101 ? 0.338   -3.212  -14.440 1.00 28.10 ? 99  LYS A CE  1 
ATOM   729 N NZ  . LYS A 1 101 ? -0.926  -3.846  -14.893 1.00 30.12 ? 99  LYS A NZ  1 
ATOM   730 N N   . ILE A 1 102 ? 1.304   2.904   -11.504 1.00 13.91 ? 100 ILE A N   1 
ATOM   731 C CA  . ILE A 1 102 ? 1.174   4.084   -10.666 1.00 14.48 ? 100 ILE A CA  1 
ATOM   732 C C   . ILE A 1 102 ? 1.871   5.235   -11.383 1.00 14.84 ? 100 ILE A C   1 
ATOM   733 O O   . ILE A 1 102 ? 2.575   5.028   -12.370 1.00 15.33 ? 100 ILE A O   1 
ATOM   734 C CB  . ILE A 1 102 ? 1.818   3.894   -9.271  1.00 15.67 ? 100 ILE A CB  1 
ATOM   735 C CG1 . ILE A 1 102 ? 3.293   3.498   -9.415  1.00 16.39 ? 100 ILE A CG1 1 
ATOM   736 C CG2 . ILE A 1 102 ? 1.009   2.900   -8.435  1.00 16.85 ? 100 ILE A CG2 1 
ATOM   737 C CD1 . ILE A 1 102 ? 4.124   3.798   -8.195  1.00 18.05 ? 100 ILE A CD1 1 
ATOM   738 N N   . THR A 1 103 ? 1.668   6.446   -10.888 1.00 15.53 ? 101 THR A N   1 
ATOM   739 C CA  . THR A 1 103 ? 2.308   7.611   -11.473 1.00 16.13 ? 101 THR A CA  1 
ATOM   740 C C   . THR A 1 103 ? 3.227   8.242   -10.441 1.00 16.00 ? 101 THR A C   1 
ATOM   741 O O   . THR A 1 103 ? 3.051   8.051   -9.232  1.00 15.60 ? 101 THR A O   1 
ATOM   742 C CB  . THR A 1 103 ? 1.273   8.658   -11.876 1.00 18.15 ? 101 THR A CB  1 
ATOM   743 O OG1 . THR A 1 103 ? 0.573   9.080   -10.701 1.00 17.91 ? 101 THR A OG1 1 
ATOM   744 C CG2 . THR A 1 103 ? 0.278   8.072   -12.871 1.00 19.33 ? 101 THR A CG2 1 
ATOM   745 N N   . GLN A 1 104 ? 4.198   9.012   -10.909 1.00 17.48 ? 102 GLN A N   1 
ATOM   746 C CA  . GLN A 1 104 ? 5.087   9.704   -9.993  1.00 19.30 ? 102 GLN A CA  1 
ATOM   747 C C   . GLN A 1 104 ? 4.306   10.695  -9.128  1.00 19.94 ? 102 GLN A C   1 
ATOM   748 O O   . GLN A 1 104 ? 4.592   10.865  -7.942  1.00 19.64 ? 102 GLN A O   1 
ATOM   749 C CB  . GLN A 1 104 ? 6.185   10.432  -10.763 1.00 21.22 ? 102 GLN A CB  1 
ATOM   750 C CG  . GLN A 1 104 ? 7.189   11.113  -9.859  1.00 23.31 ? 102 GLN A CG  1 
ATOM   751 C CD  . GLN A 1 104 ? 7.941   10.123  -8.994  1.00 25.93 ? 102 GLN A CD  1 
ATOM   752 O OE1 . GLN A 1 104 ? 8.029   10.280  -7.776  1.00 27.78 ? 102 GLN A OE1 1 
ATOM   753 N NE2 . GLN A 1 104 ? 8.483   9.093   -9.620  1.00 25.84 ? 102 GLN A NE2 1 
ATOM   754 N N   . GLU A 1 105 ? 3.312   11.340  -9.727  1.00 20.38 ? 103 GLU A N   1 
ATOM   755 C CA  . GLU A 1 105 ? 2.495   12.299  -9.000  1.00 21.84 ? 103 GLU A CA  1 
ATOM   756 C C   . GLU A 1 105 ? 1.808   11.628  -7.810  1.00 20.28 ? 103 GLU A C   1 
ATOM   757 O O   . GLU A 1 105 ? 1.735   12.196  -6.728  1.00 21.10 ? 103 GLU A O   1 
ATOM   758 C CB  . GLU A 1 105 ? 1.475   12.946  -9.938  1.00 25.01 ? 103 GLU A CB  1 
ATOM   759 C CG  . GLU A 1 105 ? 2.098   13.564  -11.187 1.00 28.93 ? 103 GLU A CG  1 
ATOM   760 C CD  . GLU A 1 105 ? 1.969   12.672  -12.418 1.00 31.51 ? 103 GLU A CD  1 
ATOM   761 O OE1 . GLU A 1 105 ? 2.844   11.804  -12.641 1.00 29.69 ? 103 GLU A OE1 1 
ATOM   762 O OE2 . GLU A 1 105 ? 0.983   12.849  -13.170 1.00 33.97 ? 103 GLU A OE2 1 
ATOM   763 N N   . PHE A 1 106 ? 1.340   10.400  -8.001  1.00 17.96 ? 104 PHE A N   1 
ATOM   764 C CA  . PHE A 1 106 ? 0.741   9.648   -6.906  1.00 16.42 ? 104 PHE A CA  1 
ATOM   765 C C   . PHE A 1 106 ? 1.730   9.331   -5.779  1.00 16.24 ? 104 PHE A C   1 
ATOM   766 O O   . PHE A 1 106 ? 1.390   9.426   -4.607  1.00 15.54 ? 104 PHE A O   1 
ATOM   767 C CB  . PHE A 1 106 ? 0.103   8.362   -7.428  1.00 15.72 ? 104 PHE A CB  1 
ATOM   768 C CG  . PHE A 1 106 ? -0.474  7.488   -6.347  1.00 15.58 ? 104 PHE A CG  1 
ATOM   769 C CD1 . PHE A 1 106 ? -1.551  7.922   -5.587  1.00 17.08 ? 104 PHE A CD1 1 
ATOM   770 C CD2 . PHE A 1 106 ? 0.048   6.228   -6.102  1.00 15.51 ? 104 PHE A CD2 1 
ATOM   771 C CE1 . PHE A 1 106 ? -2.087  7.126   -4.591  1.00 17.02 ? 104 PHE A CE1 1 
ATOM   772 C CE2 . PHE A 1 106 ? -0.487  5.418   -5.100  1.00 15.48 ? 104 PHE A CE2 1 
ATOM   773 C CZ  . PHE A 1 106 ? -1.559  5.869   -4.348  1.00 16.61 ? 104 PHE A CZ  1 
ATOM   774 N N   . LEU A 1 107 ? 2.952   8.947   -6.125  1.00 17.06 ? 105 LEU A N   1 
ATOM   775 C CA  . LEU A 1 107 ? 3.934   8.600   -5.103  1.00 19.76 ? 105 LEU A CA  1 
ATOM   776 C C   . LEU A 1 107 ? 4.272   9.758   -4.191  1.00 23.06 ? 105 LEU A C   1 
ATOM   777 O O   . LEU A 1 107 ? 4.392   9.592   -2.977  1.00 22.78 ? 105 LEU A O   1 
ATOM   778 C CB  . LEU A 1 107 ? 5.227   8.131   -5.749  1.00 19.98 ? 105 LEU A CB  1 
ATOM   779 C CG  . LEU A 1 107 ? 5.195   6.740   -6.321  1.00 20.48 ? 105 LEU A CG  1 
ATOM   780 C CD1 . LEU A 1 107 ? 6.538   6.462   -6.963  1.00 19.79 ? 105 LEU A CD1 1 
ATOM   781 C CD2 . LEU A 1 107 ? 4.912   5.748   -5.199  1.00 21.33 ? 105 LEU A CD2 1 
ATOM   782 N N   . THR A 1 108 ? 4.450   10.926  -4.795  1.00 25.75 ? 106 THR A N   1 
ATOM   783 C CA  . THR A 1 108 ? 4.881   12.107  -4.064  1.00 30.00 ? 106 THR A CA  1 
ATOM   784 C C   . THR A 1 108 ? 3.710   12.715  -3.304  1.00 32.86 ? 106 THR A C   1 
ATOM   785 O O   . THR A 1 108 ? 3.877   13.238  -2.200  1.00 34.06 ? 106 THR A O   1 
ATOM   786 C CB  . THR A 1 108 ? 5.478   13.153  -5.015  1.00 31.19 ? 106 THR A CB  1 
ATOM   787 O OG1 . THR A 1 108 ? 4.463   13.608  -5.917  1.00 33.50 ? 106 THR A OG1 1 
ATOM   788 C CG2 . THR A 1 108 ? 6.618   12.549  -5.817  1.00 30.58 ? 106 THR A CG2 1 
ATOM   789 N N   . GLY A 1 109 ? 2.523   12.642  -3.900  1.00 34.28 ? 107 GLY A N   1 
ATOM   790 C CA  . GLY A 1 109 ? 1.322   13.170  -3.280  1.00 36.49 ? 107 GLY A CA  1 
ATOM   791 C C   . GLY A 1 109 ? 1.210   14.672  -3.437  1.00 38.80 ? 107 GLY A C   1 
ATOM   792 O O   . GLY A 1 109 ? 2.173   15.343  -3.810  1.00 39.57 ? 107 GLY A O   1 
HETATM 793 O O   . HOH B 2 .   ? 7.869   1.212   -1.274  1.00 12.06 ? 201 HOH A O   1 
HETATM 794 O O   . HOH B 2 .   ? -2.976  11.865  11.753  1.00 16.70 ? 202 HOH A O   1 
HETATM 795 O O   . HOH B 2 .   ? 9.355   5.284   -18.272 1.00 23.18 ? 203 HOH A O   1 
HETATM 796 O O   . HOH B 2 .   ? -10.213 5.926   8.197   1.00 18.89 ? 204 HOH A O   1 
HETATM 797 O O   . HOH B 2 .   ? 4.519   8.742   11.039  1.00 18.65 ? 205 HOH A O   1 
HETATM 798 O O   . HOH B 2 .   ? 5.853   -7.068  1.606   1.00 20.12 ? 206 HOH A O   1 
HETATM 799 O O   . HOH B 2 .   ? 10.508  0.077   4.072   1.00 23.87 ? 207 HOH A O   1 
HETATM 800 O O   . HOH B 2 .   ? -13.582 1.020   -1.161  1.00 21.63 ? 208 HOH A O   1 
HETATM 801 O O   . HOH B 2 .   ? 3.800   5.948   -14.507 1.00 18.32 ? 209 HOH A O   1 
HETATM 802 O O   . HOH B 2 .   ? 11.207  -10.571 12.445  1.00 18.83 ? 210 HOH A O   1 
HETATM 803 O O   . HOH B 2 .   ? -3.277  1.194   -10.766 1.00 16.40 ? 211 HOH A O   1 
HETATM 804 O O   . HOH B 2 .   ? 4.859   8.439   -13.762 1.00 22.05 ? 212 HOH A O   1 
HETATM 805 O O   . HOH B 2 .   ? -13.535 3.914   -4.017  1.00 23.17 ? 213 HOH A O   1 
HETATM 806 O O   . HOH B 2 .   ? 13.078  -5.869  -5.476  1.00 22.32 ? 214 HOH A O   1 
HETATM 807 O O   . HOH B 2 .   ? 10.410  -8.135  -7.848  1.00 24.23 ? 215 HOH A O   1 
HETATM 808 O O   . HOH B 2 .   ? 15.474  -4.623  -4.679  1.00 23.36 ? 216 HOH A O   1 
HETATM 809 O O   . HOH B 2 .   ? -5.714  -1.508  -8.186  1.00 23.00 ? 217 HOH A O   1 
HETATM 810 O O   . HOH B 2 .   ? 3.925   9.741   2.491   1.00 20.67 ? 218 HOH A O   1 
HETATM 811 O O   . HOH B 2 .   ? 7.751   5.502   9.204   1.00 30.20 ? 219 HOH A O   1 
HETATM 812 O O   . HOH B 2 .   ? -11.484 -1.103  -4.314  1.00 23.72 ? 220 HOH A O   1 
HETATM 813 O O   . HOH B 2 .   ? -2.785  10.689  9.204   1.00 20.11 ? 221 HOH A O   1 
HETATM 814 O O   . HOH B 2 .   ? -6.619  2.944   -10.294 1.00 20.64 ? 222 HOH A O   1 
HETATM 815 O O   . HOH B 2 .   ? -3.064  -9.281  -11.012 1.00 31.25 ? 223 HOH A O   1 
HETATM 816 O O   . HOH B 2 .   ? 7.152   7.581   10.711  1.00 28.87 ? 224 HOH A O   1 
HETATM 817 O O   . HOH B 2 .   ? -12.416 1.449   -3.859  1.00 22.26 ? 225 HOH A O   1 
HETATM 818 O O   . HOH B 2 .   ? 6.394   8.119   -1.466  1.00 22.10 ? 226 HOH A O   1 
HETATM 819 O O   . HOH B 2 .   ? 0.350   9.478   14.372  1.00 24.94 ? 227 HOH A O   1 
HETATM 820 O O   . HOH B 2 .   ? 12.533  -6.201  -8.084  1.00 27.06 ? 228 HOH A O   1 
HETATM 821 O O   . HOH B 2 .   ? -11.358 7.731   4.024   1.00 32.23 ? 229 HOH A O   1 
HETATM 822 O O   . HOH B 2 .   ? 9.270   8.831   -12.233 1.00 28.28 ? 230 HOH A O   1 
HETATM 823 O O   . HOH B 2 .   ? -13.728 -1.616  -2.132  1.00 28.23 ? 231 HOH A O   1 
HETATM 824 O O   . HOH B 2 .   ? 11.987  5.532   -10.132 1.00 25.29 ? 232 HOH A O   1 
HETATM 825 O O   . HOH B 2 .   ? -10.179 9.936   2.621   1.00 26.68 ? 233 HOH A O   1 
HETATM 826 O O   . HOH B 2 .   ? 2.640   2.167   12.907  1.00 30.92 ? 234 HOH A O   1 
HETATM 827 O O   . HOH B 2 .   ? 7.040   -9.337  -15.042 1.00 21.66 ? 235 HOH A O   1 
HETATM 828 O O   . HOH B 2 .   ? -2.123  -13.660 -8.682  1.00 27.18 ? 236 HOH A O   1 
HETATM 829 O O   . HOH B 2 .   ? 8.610   -6.765  0.253   1.00 30.76 ? 237 HOH A O   1 
HETATM 830 O O   . HOH B 2 .   ? 0.097   -10.419 -8.185  1.00 35.01 ? 238 HOH A O   1 
HETATM 831 O O   . HOH B 2 .   ? 10.152  2.640   -1.938  1.00 34.43 ? 239 HOH A O   1 
HETATM 832 O O   . HOH B 2 .   ? 7.610   3.088   10.185  1.00 33.42 ? 240 HOH A O   1 
HETATM 833 O O   . HOH B 2 .   ? -2.051  -3.342  -11.666 1.00 32.70 ? 241 HOH A O   1 
HETATM 834 O O   . HOH B 2 .   ? -4.412  8.768   15.202  1.00 32.64 ? 242 HOH A O   1 
HETATM 835 O O   . HOH B 2 .   ? -3.873  10.744  -4.161  1.00 27.07 ? 243 HOH A O   1 
HETATM 836 O O   . HOH B 2 .   ? 11.514  7.450   -12.238 1.00 26.35 ? 244 HOH A O   1 
HETATM 837 O O   . HOH B 2 .   ? 4.509   9.051   13.672  1.00 32.36 ? 245 HOH A O   1 
HETATM 838 O O   . HOH B 2 .   ? 2.541   10.950  0.432   1.00 34.20 ? 246 HOH A O   1 
HETATM 839 O O   . HOH B 2 .   ? 4.409   -12.105 14.760  1.00 31.41 ? 247 HOH A O   1 
HETATM 840 O O   . HOH B 2 .   ? 8.568   -6.763  -17.174 1.00 33.25 ? 248 HOH A O   1 
HETATM 841 O O   . HOH B 2 .   ? -7.346  -4.589  -7.836  1.00 27.25 ? 249 HOH A O   1 
HETATM 842 O O   . HOH B 2 .   ? -2.473  -9.323  -4.612  1.00 36.56 ? 250 HOH A O   1 
HETATM 843 O O   . HOH B 2 .   ? 9.609   5.432   2.316   1.00 26.40 ? 251 HOH A O   1 
HETATM 844 O O   . HOH B 2 .   ? -13.421 -5.875  0.870   1.00 34.54 ? 252 HOH A O   1 
HETATM 845 O O   . HOH B 2 .   ? -9.772  -8.418  -3.053  1.00 38.54 ? 253 HOH A O   1 
HETATM 846 O O   . HOH B 2 .   ? -2.345  11.376  -6.936  1.00 32.21 ? 254 HOH A O   1 
HETATM 847 O O   . HOH B 2 .   ? 7.543   8.191   -14.258 1.00 25.48 ? 255 HOH A O   1 
HETATM 848 O O   . HOH B 2 .   ? -4.735  -9.445  5.771   1.00 35.47 ? 256 HOH A O   1 
HETATM 849 O O   . HOH B 2 .   ? -11.507 9.639   -6.148  1.00 40.46 ? 257 HOH A O   1 
HETATM 850 O O   . HOH B 2 .   ? -12.544 -8.810  -1.786  1.00 50.40 ? 258 HOH A O   1 
HETATM 851 O O   . HOH B 2 .   ? 5.567   -9.759  1.941   1.00 36.64 ? 259 HOH A O   1 
HETATM 852 O O   . HOH B 2 .   ? 11.412  -17.450 -14.978 1.00 28.82 ? 260 HOH A O   1 
HETATM 853 O O   . HOH B 2 .   ? 3.824   -6.678  -17.592 1.00 37.23 ? 261 HOH A O   1 
HETATM 854 O O   . HOH B 2 .   ? -0.968  -12.270 11.029  1.00 39.92 ? 262 HOH A O   1 
HETATM 855 O O   . HOH B 2 .   ? 2.523   12.052  8.561   1.00 33.98 ? 263 HOH A O   1 
HETATM 856 O O   . HOH B 2 .   ? 0.059   12.989  6.045   1.00 36.34 ? 264 HOH A O   1 
HETATM 857 O O   . HOH B 2 .   ? 8.131   10.093  9.241   1.00 37.14 ? 265 HOH A O   1 
HETATM 858 O O   . HOH B 2 .   ? 7.650   4.358   -2.574  1.00 33.95 ? 266 HOH A O   1 
HETATM 859 O O   . HOH B 2 .   ? 11.209  -10.218 4.772   1.00 38.76 ? 267 HOH A O   1 
HETATM 860 O O   . HOH B 2 .   ? 5.916   -12.032 -8.014  1.00 43.60 ? 268 HOH A O   1 
HETATM 861 O O   . HOH B 2 .   ? 11.580  -11.065 -9.754  1.00 34.28 ? 269 HOH A O   1 
HETATM 862 O O   . HOH B 2 .   ? 6.166   -14.513 -8.755  1.00 37.08 ? 270 HOH A O   1 
HETATM 863 O O   . HOH B 2 .   ? 4.072   -9.614  14.504  1.00 33.02 ? 271 HOH A O   1 
HETATM 864 O O   . HOH B 2 .   ? -12.870 -4.776  -9.568  1.00 48.19 ? 272 HOH A O   1 
HETATM 865 O O   . HOH B 2 .   ? -17.779 2.118   2.322   1.00 41.43 ? 273 HOH A O   1 
HETATM 866 O O   . HOH B 2 .   ? -8.039  -10.911 -3.201  1.00 44.64 ? 274 HOH A O   1 
HETATM 867 O O   . HOH B 2 .   ? 3.379   -0.337  14.410  1.00 47.04 ? 275 HOH A O   1 
HETATM 868 O O   . HOH B 2 .   ? 10.995  -15.796 -19.668 1.00 32.01 ? 276 HOH A O   1 
HETATM 869 O O   . HOH B 2 .   ? -9.441  -2.317  -7.201  1.00 41.77 ? 277 HOH A O   1 
HETATM 870 O O   . HOH B 2 .   ? -20.377 -4.832  3.187   1.00 34.00 ? 278 HOH A O   1 
HETATM 871 O O   . HOH B 2 .   ? -4.916  13.175  0.593   1.00 47.24 ? 279 HOH A O   1 
HETATM 872 O O   . HOH B 2 .   ? 10.367  6.771   8.449   1.00 48.58 ? 280 HOH A O   1 
HETATM 873 O O   . HOH B 2 .   ? -6.599  -14.892 -7.799  1.00 49.22 ? 281 HOH A O   1 
HETATM 874 O O   . HOH B 2 .   ? 7.064   -1.287  10.129  1.00 46.76 ? 282 HOH A O   1 
HETATM 875 O O   . HOH B 2 .   ? -16.425 -10.691 2.432   1.00 59.58 ? 283 HOH A O   1 
HETATM 876 O O   . HOH B 2 .   ? 8.580   -7.333  14.075  1.00 41.48 ? 284 HOH A O   1 
HETATM 877 O O   . HOH B 2 .   ? 16.468  -13.395 -14.085 1.00 50.48 ? 285 HOH A O   1 
HETATM 878 O O   . HOH B 2 .   ? -11.977 0.023   13.017  1.00 46.77 ? 286 HOH A O   1 
HETATM 879 O O   . HOH B 2 .   ? -3.537  -4.577  -10.450 1.00 38.02 ? 287 HOH A O   1 
HETATM 880 O O   . HOH B 2 .   ? -19.744 -0.423  4.549   1.00 40.61 ? 288 HOH A O   1 
HETATM 881 O O   . HOH B 2 .   ? 7.200   -11.133 -3.234  1.00 38.27 ? 289 HOH A O   1 
HETATM 882 O O   . HOH B 2 .   ? -4.962  -15.612 5.094   1.00 54.23 ? 290 HOH A O   1 
HETATM 883 O O   . HOH B 2 .   ? 15.773  -5.011  -11.253 1.00 52.64 ? 291 HOH A O   1 
HETATM 884 O O   . HOH B 2 .   ? 2.069   -0.757  -20.003 1.00 52.67 ? 292 HOH A O   1 
HETATM 885 O O   . HOH B 2 .   ? 7.656   -4.403  11.254  1.00 41.60 ? 293 HOH A O   1 
HETATM 886 O O   . HOH B 2 .   ? 9.925   -9.311  -16.732 1.00 28.20 ? 294 HOH A O   1 
HETATM 887 O O   . HOH B 2 .   ? 3.473   10.259  -15.364 1.00 31.56 ? 295 HOH A O   1 
HETATM 888 O O   . HOH B 2 .   ? 7.861   -10.906 -7.106  1.00 39.25 ? 296 HOH A O   1 
HETATM 889 O O   . HOH B 2 .   ? -16.277 7.442   -0.193  1.00 46.17 ? 297 HOH A O   1 
HETATM 890 O O   . HOH B 2 .   ? 7.001   -16.967 11.239  1.00 48.26 ? 298 HOH A O   1 
HETATM 891 O O   . HOH B 2 .   ? 12.498  0.236   3.921   1.00 47.30 ? 299 HOH A O   1 
HETATM 892 O O   . HOH B 2 .   ? -8.102  -10.118 -9.787  1.00 42.09 ? 300 HOH A O   1 
HETATM 893 O O   . HOH B 2 .   ? -10.627 -8.732  -9.972  1.00 42.31 ? 301 HOH A O   1 
HETATM 894 O O   . HOH B 2 .   ? 9.868   4.317   0.383   1.00 40.98 ? 302 HOH A O   1 
HETATM 895 O O   . HOH B 2 .   ? -6.004  11.503  -1.116  1.00 49.59 ? 303 HOH A O   1 
HETATM 896 O O   . HOH B 2 .   ? 10.282  -8.224  -1.650  1.00 43.10 ? 304 HOH A O   1 
HETATM 897 O O   . HOH B 2 .   ? -6.493  -9.004  4.005   1.00 40.88 ? 305 HOH A O   1 
HETATM 898 O O   . HOH B 2 .   ? -15.776 -5.967  0.055   1.00 44.60 ? 306 HOH A O   1 
HETATM 899 O O   . HOH B 2 .   ? 1.757   -8.355  15.493  1.00 38.15 ? 307 HOH A O   1 
HETATM 900 O O   . HOH B 2 .   ? -4.031  -11.176 -1.897  1.00 43.20 ? 308 HOH A O   1 
HETATM 901 O O   . HOH B 2 .   ? -13.520 -6.659  -7.490  1.00 48.11 ? 309 HOH A O   1 
HETATM 902 O O   . HOH B 2 .   ? -14.987 1.319   15.127  1.00 44.78 ? 310 HOH A O   1 
HETATM 903 O O   . HOH B 2 .   ? 5.545   -14.245 8.640   1.00 48.58 ? 311 HOH A O   1 
HETATM 904 O O   . HOH B 2 .   ? 15.105  -11.317 -18.582 1.00 49.82 ? 312 HOH A O   1 
HETATM 905 O O   . HOH B 2 .   ? -10.598 2.652   11.696  1.00 50.39 ? 313 HOH A O   1 
HETATM 906 O O   . HOH B 2 .   ? -2.839  -4.118  -13.686 1.00 46.04 ? 314 HOH A O   1 
HETATM 907 O O   . HOH B 2 .   ? 4.702   -13.169 0.452   1.00 53.64 ? 315 HOH A O   1 
HETATM 908 O O   . HOH B 2 .   ? -18.113 1.667   12.178  1.00 42.33 ? 316 HOH A O   1 
HETATM 909 O O   . HOH B 2 .   ? -9.108  4.607   14.523  1.00 48.65 ? 317 HOH A O   1 
HETATM 910 O O   . HOH B 2 .   ? 10.271  -12.625 3.868   1.00 42.70 ? 318 HOH A O   1 
HETATM 911 O O   . HOH B 2 .   ? 10.427  7.137   -8.190  1.00 37.16 ? 319 HOH A O   1 
HETATM 912 O O   . HOH B 2 .   ? 10.964  -14.535 -11.408 1.00 46.48 ? 320 HOH A O   1 
HETATM 913 O O   . HOH B 2 .   ? 10.131  7.368   5.804   1.00 47.64 ? 321 HOH A O   1 
HETATM 914 O O   . HOH B 2 .   ? -10.111 -12.508 1.230   1.00 46.96 ? 322 HOH A O   1 
HETATM 915 O O   . HOH B 2 .   ? 5.677   -3.282  9.728   1.00 44.15 ? 323 HOH A O   1 
HETATM 916 O O   . HOH B 2 .   ? -1.736  13.044  7.464   1.00 52.89 ? 324 HOH A O   1 
HETATM 917 O O   . HOH B 2 .   ? 6.184   14.707  -0.053  1.00 51.45 ? 325 HOH A O   1 
HETATM 918 O O   . HOH B 2 .   ? 8.564   12.456  -1.926  1.00 55.82 ? 326 HOH A O   1 
HETATM 919 O O   . HOH B 2 .   ? 4.169   -13.820 -2.180  1.00 50.92 ? 327 HOH A O   1 
HETATM 920 O O   . HOH B 2 .   ? 13.466  4.343   0.150   1.00 64.81 ? 328 HOH A O   1 
HETATM 921 O O   . HOH B 2 .   ? 10.559  -0.509  0.538   1.00 29.12 ? 329 HOH A O   1 
HETATM 922 O O   . HOH B 2 .   ? -15.020 -3.105  8.187   1.00 23.93 ? 330 HOH A O   1 
HETATM 923 O O   . HOH B 2 .   ? 11.997  0.269   -14.243 1.00 48.00 ? 331 HOH A O   1 
HETATM 924 O O   . HOH B 2 .   ? 7.721   3.746   -19.458 1.00 40.00 ? 332 HOH A O   1 
HETATM 925 O O   . HOH B 2 .   ? -7.604  -12.656 -8.036  1.00 45.81 ? 333 HOH A O   1 
HETATM 926 O O   . HOH B 2 .   ? 9.251   -14.166 9.585   1.00 42.17 ? 334 HOH A O   1 
HETATM 927 O O   . HOH B 2 .   ? -1.220  11.330  -12.847 1.00 56.18 ? 335 HOH A O   1 
HETATM 928 O O   . HOH B 2 .   ? -1.547  -7.283  17.778  1.00 46.49 ? 336 HOH A O   1 
HETATM 929 O O   . HOH B 2 .   ? -0.079  -10.435 3.402   1.00 40.53 ? 337 HOH A O   1 
HETATM 930 O O   . HOH B 2 .   ? 13.127  -7.996  -4.170  1.00 40.63 ? 338 HOH A O   1 
HETATM 931 O O   . HOH B 2 .   ? -6.156  -10.171 1.863   1.00 48.25 ? 339 HOH A O   1 
HETATM 932 O O   . HOH B 2 .   ? -2.170  -11.732 1.814   1.00 46.87 ? 340 HOH A O   1 
HETATM 933 O O   . HOH B 2 .   ? -2.800  -8.211  13.192  1.00 52.15 ? 341 HOH A O   1 
HETATM 934 O O   . HOH B 2 .   ? -4.588  2.938   17.310  1.00 52.43 ? 342 HOH A O   1 
HETATM 935 O O   . HOH B 2 .   ? 2.707   -10.626 1.167   1.00 48.23 ? 343 HOH A O   1 
HETATM 936 O O   . HOH B 2 .   ? 12.480  8.006   3.906   1.00 44.82 ? 344 HOH A O   1 
HETATM 937 O O   . HOH B 2 .   ? -9.353  12.298  4.225   1.00 50.00 ? 345 HOH A O   1 
HETATM 938 O O   . HOH B 2 .   ? 2.184   -11.358 -2.115  1.00 53.39 ? 346 HOH A O   1 
HETATM 939 O O   . HOH B 2 .   ? -2.840  10.898  5.570   1.00 44.74 ? 347 HOH A O   1 
HETATM 940 O O   . HOH B 2 .   ? 6.860   17.268  -0.988  1.00 50.90 ? 348 HOH A O   1 
HETATM 941 O O   . HOH B 2 .   ? 14.327  6.264   5.378   1.00 51.99 ? 349 HOH A O   1 
HETATM 942 O O   . HOH B 2 .   ? 9.259   15.332  -4.505  1.00 50.23 ? 350 HOH A O   1 
HETATM 943 O O   . HOH B 2 .   ? -8.696  12.070  0.616   1.00 46.62 ? 351 HOH A O   1 
HETATM 944 O O   . HOH B 2 .   ? -17.561 -7.328  0.491   1.00 50.28 ? 352 HOH A O   1 
HETATM 945 O O   . HOH B 2 .   ? -12.949 10.835  -1.867  1.00 46.96 ? 353 HOH A O   1 
HETATM 946 O O   . HOH B 2 .   ? -11.444 -8.909  2.542   1.00 46.54 ? 354 HOH A O   1 
HETATM 947 O O   . HOH B 2 .   ? 5.828   2.211   12.544  1.00 46.87 ? 355 HOH A O   1 
HETATM 948 O O   . HOH B 2 .   ? -3.135  12.949  2.769   1.00 45.13 ? 356 HOH A O   1 
# 
loop_
_atom_site_anisotrop.id 
_atom_site_anisotrop.type_symbol 
_atom_site_anisotrop.pdbx_label_atom_id 
_atom_site_anisotrop.pdbx_label_alt_id 
_atom_site_anisotrop.pdbx_label_comp_id 
_atom_site_anisotrop.pdbx_label_asym_id 
_atom_site_anisotrop.pdbx_label_seq_id 
_atom_site_anisotrop.pdbx_PDB_ins_code 
_atom_site_anisotrop.U[1][1] 
_atom_site_anisotrop.U[2][2] 
_atom_site_anisotrop.U[3][3] 
_atom_site_anisotrop.U[1][2] 
_atom_site_anisotrop.U[1][3] 
_atom_site_anisotrop.U[2][3] 
_atom_site_anisotrop.pdbx_auth_seq_id 
_atom_site_anisotrop.pdbx_auth_comp_id 
_atom_site_anisotrop.pdbx_auth_asym_id 
_atom_site_anisotrop.pdbx_auth_atom_id 
1   N N   . VAL A 15  ? 0.3878 0.4085 0.5351 0.0215  0.0569  -0.1097 13  VAL A N   
2   C CA  . VAL A 15  ? 0.3647 0.3927 0.5158 0.0178  0.0597  -0.0982 13  VAL A CA  
3   C C   . VAL A 15  ? 0.3293 0.3705 0.4879 0.0001  0.0604  -0.0829 13  VAL A C   
4   O O   . VAL A 15  ? 0.3396 0.3889 0.5016 0.0125  0.0511  -0.0934 13  VAL A O   
5   C CB  . VAL A 15  ? 0.3794 0.4001 0.5179 0.0264  0.0618  -0.0954 13  VAL A CB  
6   C CG1 . VAL A 15  ? 0.3813 0.3931 0.5288 0.0265  0.0560  -0.0842 13  VAL A CG1 
7   C CG2 . VAL A 15  ? 0.3912 0.4028 0.5168 0.0332  0.0647  -0.1015 13  VAL A CG2 
8   N N   . ILE A 16  ? 0.2781 0.3355 0.4461 -0.0318 0.0570  -0.0613 14  ILE A N   
9   C CA  . ILE A 16  ? 0.2242 0.2904 0.4274 -0.0357 0.0320  -0.0432 14  ILE A CA  
10  C C   . ILE A 16  ? 0.1950 0.2613 0.3785 -0.0278 0.0487  -0.0426 14  ILE A C   
11  O O   . ILE A 16  ? 0.2062 0.2745 0.3526 -0.0254 0.0603  -0.0344 14  ILE A O   
12  C CB  . ILE A 16  ? 0.2288 0.2883 0.4602 -0.0445 -0.0047 -0.0248 14  ILE A CB  
13  C CG1 . ILE A 16  ? 0.2276 0.2803 0.4799 -0.0516 -0.0212 -0.0260 14  ILE A CG1 
14  C CG2 . ILE A 16  ? 0.2595 0.3033 0.4708 -0.0455 -0.0001 -0.0237 14  ILE A CG2 
15  C CD1 . ILE A 16  ? 0.2284 0.2880 0.4937 -0.0520 -0.0359 -0.0262 14  ILE A CD1 
16  N N   . ARG A 17  ? 0.1571 0.2199 0.3313 -0.0215 0.0535  -0.0457 15  ARG A N   
17  C CA  . ARG A 17  ? 0.1581 0.2037 0.3071 -0.0201 0.0371  -0.0450 15  ARG A CA  
18  C C   . ARG A 17  ? 0.1504 0.1981 0.2708 -0.0066 0.0112  -0.0456 15  ARG A C   
19  O O   . ARG A 17  ? 0.1781 0.2285 0.3164 0.0100  -0.0097 -0.0414 15  ARG A O   
20  C CB  . ARG A 17  ? 0.1855 0.1979 0.3086 -0.0225 0.0464  -0.0369 15  ARG A CB  
21  C CG  . ARG A 17  ? 0.1887 0.1829 0.3003 -0.0307 0.0701  -0.0299 15  ARG A CG  
22  C CD  . ARG A 17  ? 0.2069 0.1915 0.3030 -0.0314 0.0691  -0.0319 15  ARG A CD  
23  N NE  . ARG A 17  ? 0.2101 0.2080 0.2919 -0.0396 0.0639  -0.0350 15  ARG A NE  
24  C CZ  . ARG A 17  ? 0.1906 0.2216 0.2976 -0.0210 0.0446  -0.0319 15  ARG A CZ  
25  N NH1 . ARG A 17  ? 0.1924 0.2355 0.3154 -0.0142 0.0319  -0.0371 15  ARG A NH1 
26  N NH2 . ARG A 17  ? 0.1875 0.2200 0.2834 -0.0201 0.0446  -0.0313 15  ARG A NH2 
27  N N   . VAL A 18  ? 0.1453 0.1641 0.2172 -0.0052 0.0082  -0.0420 16  VAL A N   
28  C CA  . VAL A 18  ? 0.1294 0.1431 0.1846 -0.0091 0.0305  -0.0269 16  VAL A CA  
29  C C   . VAL A 18  ? 0.1263 0.1362 0.1855 0.0108  0.0211  -0.0286 16  VAL A C   
30  O O   . VAL A 18  ? 0.1406 0.1635 0.1753 -0.0086 0.0107  -0.0452 16  VAL A O   
31  C CB  . VAL A 18  ? 0.1396 0.1425 0.1850 0.0014  0.0517  -0.0214 16  VAL A CB  
32  C CG1 . VAL A 18  ? 0.1707 0.1595 0.1845 0.0014  0.0378  -0.0434 16  VAL A CG1 
33  C CG2 . VAL A 18  ? 0.1578 0.1610 0.2093 -0.0085 0.0606  -0.0255 16  VAL A CG2 
34  N N   . PRO A 19  ? 0.1142 0.1584 0.1775 0.0038  -0.0055 -0.0179 17  PRO A N   
35  C CA  . PRO A 19  ? 0.1408 0.1706 0.1983 -0.0056 0.0022  -0.0177 17  PRO A CA  
36  C C   . PRO A 19  ? 0.1244 0.1507 0.1804 -0.0135 -0.0008 -0.0223 17  PRO A C   
37  O O   . PRO A 19  ? 0.1386 0.1666 0.2008 -0.0075 -0.0043 -0.0460 17  PRO A O   
38  C CB  . PRO A 19  ? 0.1765 0.2319 0.2251 -0.0054 0.0144  -0.0066 17  PRO A CB  
39  C CG  . PRO A 19  ? 0.1701 0.2524 0.2327 -0.0265 0.0082  -0.0014 17  PRO A CG  
40  C CD  . PRO A 19  ? 0.1400 0.2108 0.1747 -0.0173 0.0124  0.0057  17  PRO A CD  
41  N N   . LEU A 20  ? 0.1235 0.1390 0.1823 -0.0156 0.0041  -0.0198 18  LEU A N   
42  C CA  . LEU A 20  ? 0.1250 0.1571 0.1544 -0.0275 -0.0021 -0.0155 18  LEU A CA  
43  C C   . LEU A 20  ? 0.1197 0.1627 0.1698 -0.0367 0.0013  -0.0060 18  LEU A C   
44  O O   . LEU A 20  ? 0.1399 0.1607 0.2027 -0.0523 0.0016  -0.0102 18  LEU A O   
45  C CB  . LEU A 20  ? 0.1550 0.1721 0.1587 -0.0399 0.0012  -0.0188 18  LEU A CB  
46  C CG  . LEU A 20  ? 0.1721 0.1902 0.1439 -0.0210 0.0131  -0.0318 18  LEU A CG  
47  C CD1 . LEU A 20  ? 0.1846 0.2144 0.1285 -0.0118 -0.0072 -0.0436 18  LEU A CD1 
48  C CD2 . LEU A 20  ? 0.1621 0.2009 0.1549 -0.0244 0.0243  -0.0387 18  LEU A CD2 
49  N N   . PRO A 21  ? 0.0931 0.1544 0.1629 -0.0260 0.0121  -0.0025 19  PRO A N   
50  C CA  . PRO A 21  ? 0.0874 0.1916 0.1667 -0.0360 0.0095  -0.0119 19  PRO A CA  
51  C C   . PRO A 21  ? 0.1098 0.2751 0.1737 -0.0432 -0.0169 -0.0417 19  PRO A C   
52  O O   . PRO A 21  ? 0.1262 0.3483 0.2094 -0.0534 0.0003  -0.0624 19  PRO A O   
53  C CB  . PRO A 21  ? 0.0951 0.1878 0.1753 -0.0239 0.0108  0.0010  19  PRO A CB  
54  C CG  . PRO A 21  ? 0.0709 0.1704 0.1677 -0.0079 0.0223  -0.0021 19  PRO A CG  
55  C CD  . PRO A 21  ? 0.0832 0.1513 0.1637 -0.0113 0.0148  0.0006  19  PRO A CD  
56  N N   . GLU A 22  ? 0.1118 0.2657 0.2223 -0.0610 -0.0181 -0.0577 20  GLU A N   
57  C CA  . GLU A 22  ? 0.1405 0.2768 0.2915 -0.0613 -0.0100 -0.0823 20  GLU A CA  
58  C C   . GLU A 22  ? 0.1267 0.2643 0.2690 -0.0758 -0.0064 -0.0625 20  GLU A C   
59  O O   . GLU A 22  ? 0.1351 0.2312 0.2530 -0.0810 0.0121  -0.0526 20  GLU A O   
60  C CB  . GLU A 22  ? 0.2012 0.2906 0.3715 -0.0438 0.0180  -0.1060 20  GLU A CB  
61  C CG  . GLU A 22  ? 0.2480 0.3297 0.4250 -0.0395 0.0446  -0.1270 20  GLU A CG  
62  C CD  . GLU A 22  ? 0.2890 0.3501 0.4928 -0.0358 0.0434  -0.1246 20  GLU A CD  
63  O OE1 . GLU A 22  ? 0.3100 0.3513 0.5214 -0.0373 0.0391  -0.1240 20  GLU A OE1 
64  O OE2 . GLU A 22  ? 0.3180 0.3739 0.5210 -0.0239 0.0306  -0.1291 20  GLU A OE2 
65  N N   . GLY A 23  ? 0.1318 0.3113 0.2631 -0.0713 -0.0176 -0.0738 21  GLY A N   
66  C CA  . GLY A 23  ? 0.1285 0.3149 0.2619 -0.0783 -0.0145 -0.0551 21  GLY A CA  
67  C C   . GLY A 23  ? 0.1297 0.3093 0.2269 -0.0869 -0.0185 -0.0281 21  GLY A C   
68  O O   . GLY A 23  ? 0.1718 0.3351 0.2209 -0.0909 -0.0067 -0.0138 21  GLY A O   
69  N N   . ASN A 24  ? 0.1046 0.2857 0.2189 -0.0653 -0.0200 -0.0187 22  ASN A N   
70  C CA  . ASN A 24  ? 0.0874 0.2626 0.1996 -0.0445 -0.0292 0.0017  22  ASN A CA  
71  C C   . ASN A 24  ? 0.0765 0.2236 0.1609 -0.0435 -0.0199 0.0169  22  ASN A C   
72  O O   . ASN A 24  ? 0.0900 0.2266 0.1621 -0.0383 -0.0228 0.0232  22  ASN A O   
73  C CB  . ASN A 24  ? 0.0945 0.3093 0.2224 -0.0481 -0.0150 -0.0119 22  ASN A CB  
74  C CG  . ASN A 24  ? 0.1345 0.3511 0.2618 -0.0388 0.0122  -0.0207 22  ASN A CG  
75  O OD1 . ASN A 24  ? 0.1923 0.3490 0.2714 -0.0369 0.0202  -0.0109 22  ASN A OD1 
76  N ND2 . ASN A 24  ? 0.1657 0.3793 0.3024 -0.0290 0.0152  -0.0304 22  ASN A ND2 
77  N N   . GLN A 25  ? 0.0737 0.1975 0.1414 -0.0318 -0.0180 0.0177  23  GLN A N   
78  C CA  . GLN A 25  ? 0.0798 0.1621 0.1300 -0.0161 -0.0141 0.0275  23  GLN A CA  
79  C C   . GLN A 25  ? 0.0916 0.1615 0.1186 -0.0200 0.0013  0.0277  23  GLN A C   
80  O O   . GLN A 25  ? 0.1265 0.1912 0.1104 -0.0318 -0.0040 0.0231  23  GLN A O   
81  C CB  . GLN A 25  ? 0.0921 0.1327 0.1447 -0.0013 0.0005  0.0330  23  GLN A CB  
82  C CG  . GLN A 25  ? 0.1366 0.1306 0.1523 -0.0127 0.0071  0.0332  23  GLN A CG  
83  C CD  . GLN A 25  ? 0.1380 0.1237 0.2076 -0.0239 -0.0124 0.0313  23  GLN A CD  
84  O OE1 . GLN A 25  ? 0.1377 0.1245 0.2192 -0.0326 -0.0155 0.0130  23  GLN A OE1 
85  N NE2 . GLN A 25  ? 0.1792 0.1419 0.2360 -0.0155 -0.0102 0.0284  23  GLN A NE2 
86  N N   . LEU A 26  ? 0.0509 0.1346 0.1196 -0.0199 0.0089  0.0269  24  LEU A N   
87  C CA  . LEU A 26  ? 0.0460 0.1342 0.1229 -0.0137 0.0150  0.0218  24  LEU A CA  
88  C C   . LEU A 26  ? 0.0545 0.1183 0.1004 -0.0045 0.0005  0.0096  24  LEU A C   
89  O O   . LEU A 26  ? 0.0722 0.1300 0.1087 0.0012  0.0001  0.0221  24  LEU A O   
90  C CB  . LEU A 26  ? 0.0457 0.1597 0.1248 -0.0061 0.0057  0.0226  24  LEU A CB  
91  C CG  . LEU A 26  ? 0.0635 0.1935 0.1574 0.0123  -0.0257 0.0282  24  LEU A CG  
92  C CD1 . LEU A 26  ? 0.0905 0.1800 0.1859 0.0098  0.0179  0.0211  24  LEU A CD1 
93  C CD2 . LEU A 26  ? 0.0928 0.2088 0.1567 0.0163  -0.0475 0.0401  24  LEU A CD2 
94  N N   . PHE A 27  ? 0.0663 0.0961 0.0940 -0.0105 0.0059  0.0111  25  PHE A N   
95  C CA  . PHE A 27  ? 0.0532 0.0977 0.0889 0.0019  0.0032  0.0010  25  PHE A CA  
96  C C   . PHE A 27  ? 0.0497 0.0903 0.0896 0.0168  -0.0066 0.0133  25  PHE A C   
97  O O   . PHE A 27  ? 0.0538 0.1190 0.0913 0.0217  -0.0018 0.0110  25  PHE A O   
98  C CB  . PHE A 27  ? 0.0670 0.1141 0.0831 -0.0029 0.0241  0.0056  25  PHE A CB  
99  C CG  . PHE A 27  ? 0.0666 0.1090 0.0901 -0.0025 0.0050  0.0123  25  PHE A CG  
100 C CD1 . PHE A 27  ? 0.0578 0.1171 0.1138 -0.0066 0.0055  0.0069  25  PHE A CD1 
101 C CD2 . PHE A 27  ? 0.0821 0.1503 0.0677 -0.0066 0.0155  0.0009  25  PHE A CD2 
102 C CE1 . PHE A 27  ? 0.0625 0.1470 0.1071 -0.0073 0.0111  -0.0033 25  PHE A CE1 
103 C CE2 . PHE A 27  ? 0.0772 0.1465 0.1037 -0.0204 0.0131  0.0024  25  PHE A CE2 
104 C CZ  . PHE A 27  ? 0.0657 0.1540 0.1078 -0.0056 0.0163  -0.0020 25  PHE A CZ  
105 N N   . GLY A 28  ? 0.0499 0.0966 0.0847 -0.0091 -0.0070 -0.0064 26  GLY A N   
106 C CA  . GLY A 28  ? 0.0585 0.1183 0.0940 -0.0124 -0.0125 -0.0115 26  GLY A CA  
107 C C   . GLY A 28  ? 0.0489 0.0923 0.0808 0.0033  0.0003  0.0050  26  GLY A C   
108 O O   . GLY A 28  ? 0.0598 0.0919 0.1252 -0.0006 0.0074  0.0078  26  GLY A O   
109 N N   . VAL A 29  ? 0.0466 0.0867 0.1080 -0.0031 0.0005  -0.0113 27  VAL A N   
110 C CA  . VAL A 29  ? 0.0661 0.1097 0.1195 -0.0121 0.0009  -0.0086 27  VAL A CA  
111 C C   . VAL A 29  ? 0.0453 0.1137 0.1157 0.0085  -0.0081 -0.0079 27  VAL A C   
112 O O   . VAL A 29  ? 0.0551 0.1108 0.1409 0.0068  0.0083  -0.0185 27  VAL A O   
113 C CB  . VAL A 29  ? 0.0812 0.1174 0.1392 -0.0157 0.0023  -0.0051 27  VAL A CB  
114 C CG1 . VAL A 29  ? 0.0912 0.1220 0.1681 -0.0269 -0.0135 -0.0035 27  VAL A CG1 
115 C CG2 . VAL A 29  ? 0.1209 0.1260 0.1363 -0.0073 0.0222  0.0025  27  VAL A CG2 
116 N N   . VAL A 30  ? 0.0584 0.1148 0.0981 0.0054  -0.0047 -0.0077 28  VAL A N   
117 C CA  . VAL A 30  ? 0.0701 0.1071 0.1082 0.0069  0.0052  0.0084  28  VAL A CA  
118 C C   . VAL A 30  ? 0.0691 0.1176 0.1322 0.0007  0.0232  -0.0142 28  VAL A C   
119 O O   . VAL A 30  ? 0.0790 0.1291 0.1690 -0.0051 0.0154  -0.0223 28  VAL A O   
120 C CB  . VAL A 30  ? 0.1011 0.1191 0.1119 0.0126  -0.0095 0.0084  28  VAL A CB  
121 C CG1 . VAL A 30  ? 0.1279 0.1595 0.1014 0.0174  -0.0149 -0.0053 28  VAL A CG1 
122 C CG2 . VAL A 30  ? 0.1119 0.1024 0.1450 0.0218  -0.0180 0.0108  28  VAL A CG2 
123 N N   . GLU A 31  ? 0.1047 0.1317 0.1206 0.0004  0.0161  -0.0354 29  GLU A N   
124 C CA  . GLU A 31  ? 0.1524 0.1451 0.1763 0.0231  -0.0023 -0.0325 29  GLU A CA  
125 C C   . GLU A 31  ? 0.1407 0.1469 0.1712 0.0044  0.0143  -0.0358 29  GLU A C   
126 O O   . GLU A 31  ? 0.1721 0.1659 0.2046 -0.0041 0.0210  -0.0568 29  GLU A O   
127 C CB  . GLU A 31  ? 0.2343 0.1887 0.2309 0.0365  -0.0202 -0.0427 29  GLU A CB  
128 C CG  . GLU A 31  ? 0.3195 0.2466 0.2846 0.0027  -0.0325 -0.0480 29  GLU A CG  
129 C CD  . GLU A 31  ? 0.3894 0.2975 0.3107 -0.0362 -0.0425 -0.0507 29  GLU A CD  
130 O OE1 . GLU A 31  ? 0.4207 0.3290 0.3348 -0.0463 -0.0381 -0.0561 29  GLU A OE1 
131 O OE2 . GLU A 31  ? 0.4085 0.3066 0.3130 -0.0431 -0.0461 -0.0464 29  GLU A OE2 
132 N N   . GLN A 32  ? 0.1340 0.1380 0.1429 0.0179  -0.0092 -0.0334 30  GLN A N   
133 C CA  . GLN A 32  ? 0.1531 0.1650 0.1455 0.0190  -0.0149 -0.0340 30  GLN A CA  
134 C C   . GLN A 32  ? 0.1502 0.1673 0.1523 0.0114  -0.0320 -0.0319 30  GLN A C   
135 O O   . GLN A 32  ? 0.1430 0.1643 0.1626 -0.0080 -0.0442 -0.0323 30  GLN A O   
136 C CB  . GLN A 32  ? 0.1535 0.1846 0.1359 0.0157  -0.0112 -0.0531 30  GLN A CB  
137 C CG  . GLN A 32  ? 0.1655 0.1890 0.1536 0.0173  -0.0031 -0.0554 30  GLN A CG  
138 C CD  . GLN A 32  ? 0.1537 0.1940 0.1644 0.0080  0.0062  -0.0414 30  GLN A CD  
139 O OE1 . GLN A 32  ? 0.1738 0.1956 0.2043 0.0037  0.0358  -0.0304 30  GLN A OE1 
140 N NE2 . GLN A 32  ? 0.1455 0.1739 0.1703 0.0067  -0.0087 -0.0306 30  GLN A NE2 
141 N N   . ALA A 33  ? 0.1783 0.1898 0.1831 0.0294  -0.0686 -0.0271 31  ALA A N   
142 C CA  . ALA A 33  ? 0.2197 0.2413 0.2237 0.0209  -0.0960 -0.0239 31  ALA A CA  
143 C C   . ALA A 33  ? 0.2782 0.2902 0.2218 -0.0089 -0.0811 -0.0260 31  ALA A C   
144 O O   . ALA A 33  ? 0.3386 0.3052 0.2423 -0.0220 -0.0426 -0.0404 31  ALA A O   
145 C CB  . ALA A 33  ? 0.2219 0.2344 0.2826 0.0343  -0.1137 -0.0187 31  ALA A CB  
146 N N   . LEU A 34  ? 0.2886 0.3326 0.2164 -0.0200 -0.0720 -0.0269 32  LEU A N   
147 C CA  . LEU A 34  ? 0.3075 0.3802 0.2070 -0.0183 -0.0541 -0.0376 32  LEU A CA  
148 C C   . LEU A 34  ? 0.3599 0.4357 0.2382 -0.0118 -0.0660 -0.0440 32  LEU A C   
149 O O   . LEU A 34  ? 0.3969 0.4641 0.2768 -0.0114 -0.0493 -0.0570 32  LEU A O   
150 C CB  . LEU A 34  ? 0.2784 0.3760 0.1882 -0.0316 -0.0299 -0.0442 32  LEU A CB  
151 C CG  . LEU A 34  ? 0.2571 0.3636 0.1881 -0.0388 0.0032  -0.0426 32  LEU A CG  
152 C CD1 . LEU A 34  ? 0.2400 0.3643 0.1757 -0.0376 -0.0015 -0.0422 32  LEU A CD1 
153 C CD2 . LEU A 34  ? 0.2698 0.3610 0.2079 -0.0398 0.0254  -0.0403 32  LEU A CD2 
154 N N   . GLY A 35  ? 0.3717 0.4429 0.2461 -0.0155 -0.0957 -0.0253 33  GLY A N   
155 C CA  . GLY A 35  ? 0.3775 0.4580 0.2731 -0.0262 -0.1211 -0.0263 33  GLY A CA  
156 C C   . GLY A 35  ? 0.3886 0.4661 0.2970 -0.0373 -0.1227 -0.0200 33  GLY A C   
157 O O   . GLY A 35  ? 0.3872 0.4837 0.3065 -0.0417 -0.1331 -0.0343 33  GLY A O   
158 N N   . ALA A 36  ? 0.3963 0.4545 0.2951 -0.0334 -0.1193 -0.0024 34  ALA A N   
159 C CA  . ALA A 36  ? 0.4018 0.4541 0.2975 -0.0286 -0.0941 0.0025  34  ALA A CA  
160 C C   . ALA A 36  ? 0.3848 0.4256 0.2804 -0.0121 -0.1036 0.0279  34  ALA A C   
161 O O   . ALA A 36  ? 0.4073 0.4382 0.3073 -0.0201 -0.1010 0.0330  34  ALA A O   
162 C CB  . ALA A 36  ? 0.4134 0.4672 0.3147 -0.0346 -0.0728 -0.0098 34  ALA A CB  
163 N N   . GLY A 37  ? 0.3558 0.3772 0.2605 0.0155  -0.0996 0.0432  35  GLY A N   
164 C CA  . GLY A 37  ? 0.3281 0.3343 0.2329 0.0185  -0.1034 0.0496  35  GLY A CA  
165 C C   . GLY A 37  ? 0.2883 0.3040 0.1898 0.0161  -0.1092 0.0471  35  GLY A C   
166 O O   . GLY A 37  ? 0.3240 0.3020 0.2595 0.0236  -0.1165 0.0280  35  GLY A O   
167 N N   . TRP A 38  ? 0.2338 0.2802 0.1702 -0.0007 -0.0715 0.0524  36  TRP A N   
168 C CA  . TRP A 38  ? 0.1965 0.2504 0.1588 -0.0137 -0.0298 0.0501  36  TRP A CA  
169 C C   . TRP A 38  ? 0.1768 0.2232 0.1482 -0.0082 -0.0381 0.0395  36  TRP A C   
170 O O   . TRP A 38  ? 0.1896 0.2270 0.1637 -0.0213 -0.0518 0.0252  36  TRP A O   
171 C CB  . TRP A 38  ? 0.2029 0.2697 0.2124 -0.0353 0.0174  0.0282  36  TRP A CB  
172 C CG  . TRP A 38  ? 0.2149 0.3148 0.2412 -0.0436 0.0308  0.0068  36  TRP A CG  
173 C CD1 . TRP A 38  ? 0.2313 0.3358 0.2741 -0.0378 0.0145  0.0045  36  TRP A CD1 
174 C CD2 . TRP A 38  ? 0.2200 0.3394 0.2545 -0.0445 0.0420  -0.0112 36  TRP A CD2 
175 N NE1 . TRP A 38  ? 0.2438 0.3418 0.2895 -0.0424 0.0141  0.0067  36  TRP A NE1 
176 C CE2 . TRP A 38  ? 0.2385 0.3560 0.2787 -0.0519 0.0271  -0.0139 36  TRP A CE2 
177 C CE3 . TRP A 38  ? 0.2182 0.3603 0.2615 -0.0439 0.0422  -0.0367 36  TRP A CE3 
178 C CZ2 . TRP A 38  ? 0.2311 0.3691 0.2875 -0.0617 0.0289  -0.0272 36  TRP A CZ2 
179 C CZ3 . TRP A 38  ? 0.2249 0.3720 0.2840 -0.0523 0.0324  -0.0420 36  TRP A CZ3 
180 C CH2 . TRP A 38  ? 0.2302 0.3717 0.2834 -0.0619 0.0353  -0.0350 36  TRP A CH2 
181 N N   . MET A 39  ? 0.1751 0.1996 0.1264 0.0115  -0.0340 0.0393  37  MET A N   
182 C CA  . MET A 39  ? 0.1637 0.2015 0.1233 0.0053  -0.0131 0.0382  37  MET A CA  
183 C C   . MET A 39  ? 0.1265 0.1764 0.0959 0.0057  -0.0204 0.0215  37  MET A C   
184 O O   . MET A 39  ? 0.1210 0.1747 0.1462 -0.0028 -0.0191 0.0167  37  MET A O   
185 C CB  . MET A 39  ? 0.1866 0.2357 0.1852 0.0260  0.0015  0.0516  37  MET A CB  
186 C CG  . MET A 39  ? 0.2211 0.2824 0.2595 0.0246  0.0040  0.0697  37  MET A CG  
187 S SD  . MET A 39  ? 0.2811 0.3350 0.3096 0.0402  -0.0053 0.0787  37  MET A SD  
188 C CE  . MET A 39  ? 0.3386 0.3365 0.2652 0.0744  -0.0434 0.0726  37  MET A CE  
189 N N   . ASP A 40  ? 0.1097 0.1581 0.1111 0.0123  -0.0074 0.0053  38  ASP A N   
190 C CA  . ASP A 40  ? 0.1146 0.1639 0.1108 0.0018  0.0042  -0.0057 38  ASP A CA  
191 C C   . ASP A 40  ? 0.0887 0.1644 0.1086 0.0015  0.0030  -0.0056 38  ASP A C   
192 O O   . ASP A 40  ? 0.0837 0.1857 0.1164 -0.0070 0.0085  -0.0163 38  ASP A O   
193 C CB  . ASP A 40  ? 0.1304 0.1650 0.1520 0.0090  0.0203  -0.0243 38  ASP A CB  
194 C CG  . ASP A 40  ? 0.1433 0.1712 0.2148 0.0060  0.0458  -0.0444 38  ASP A CG  
195 O OD1 . ASP A 40  ? 0.1513 0.1902 0.2144 0.0047  0.0506  -0.0539 38  ASP A OD1 
196 O OD2 . ASP A 40  ? 0.1740 0.1942 0.2242 0.0061  0.0616  -0.0596 38  ASP A OD2 
197 N N   . VAL A 41  ? 0.0769 0.1427 0.0908 0.0002  0.0111  0.0018  39  VAL A N   
198 C CA  . VAL A 41  ? 0.0736 0.1247 0.0979 0.0061  0.0143  0.0081  39  VAL A CA  
199 C C   . VAL A 41  ? 0.0589 0.1226 0.1171 0.0147  0.0255  0.0150  39  VAL A C   
200 O O   . VAL A 41  ? 0.0594 0.1388 0.1260 0.0110  0.0165  0.0181  39  VAL A O   
201 C CB  . VAL A 41  ? 0.0721 0.1180 0.0996 0.0087  0.0049  0.0022  39  VAL A CB  
202 C CG1 . VAL A 41  ? 0.0964 0.1152 0.1049 0.0115  0.0181  -0.0122 39  VAL A CG1 
203 C CG2 . VAL A 41  ? 0.0864 0.1378 0.1186 0.0009  -0.0061 0.0101  39  VAL A CG2 
204 N N   . ARG A 42  ? 0.0799 0.0954 0.1312 0.0336  0.0164  0.0135  40  ARG A N   
205 C CA  . ARG A 42  ? 0.0715 0.1143 0.1430 0.0233  0.0090  0.0183  40  ARG A CA  
206 C C   . ARG A 42  ? 0.0508 0.1220 0.1196 0.0207  0.0145  0.0185  40  ARG A C   
207 O O   . ARG A 42  ? 0.0582 0.1404 0.1252 0.0188  0.0021  0.0044  40  ARG A O   
208 C CB  . ARG A 42  ? 0.0953 0.1168 0.1706 0.0225  0.0004  0.0263  40  ARG A CB  
209 C CG  . ARG A 42  ? 0.1232 0.1240 0.1946 0.0146  0.0234  0.0163  40  ARG A CG  
210 C CD  . ARG A 42  ? 0.1572 0.1338 0.2188 0.0139  0.0500  -0.0051 40  ARG A CD  
211 N NE  . ARG A 42  ? 0.1730 0.1330 0.2268 0.0036  0.0357  0.0124  40  ARG A NE  
212 C CZ  . ARG A 42  ? 0.1705 0.1514 0.2138 0.0013  0.0322  0.0036  40  ARG A CZ  
213 N NH1 . ARG A 42  ? 0.1731 0.1717 0.1942 0.0037  0.0332  0.0060  40  ARG A NH1 
214 N NH2 . ARG A 42  ? 0.1806 0.1465 0.2484 -0.0102 0.0218  0.0073  40  ARG A NH2 
215 N N   . CYS A 43  ? 0.0681 0.1199 0.1080 0.0174  -0.0068 0.0222  41  CYS A N   
216 C CA  . CYS A 43  ? 0.0726 0.1241 0.1090 0.0079  0.0118  0.0377  41  CYS A CA  
217 C C   . CYS A 43  ? 0.0801 0.1319 0.1015 0.0293  0.0076  0.0285  41  CYS A C   
218 O O   . CYS A 43  ? 0.0949 0.1362 0.1084 0.0272  -0.0086 0.0349  41  CYS A O   
219 C CB  . CYS A 43  ? 0.0805 0.1386 0.1245 0.0048  -0.0048 0.0414  41  CYS A CB  
220 S SG  . CYS A 43  ? 0.1000 0.1578 0.1144 0.0000  -0.0035 0.0336  41  CYS A SG  
221 N N   . GLU A 44  ? 0.0639 0.1383 0.0970 0.0231  0.0021  0.0281  42  GLU A N   
222 C CA  . GLU A 44  ? 0.0752 0.1509 0.0925 0.0448  0.0009  0.0329  42  GLU A CA  
223 C C   . GLU A 44  ? 0.0726 0.1661 0.1092 0.0285  -0.0008 0.0393  42  GLU A C   
224 O O   . GLU A 44  ? 0.0838 0.1589 0.1368 0.0259  -0.0080 0.0489  42  GLU A O   
225 C CB  . GLU A 44  ? 0.0894 0.1566 0.1018 0.0317  0.0117  0.0306  42  GLU A CB  
226 C CG  . GLU A 44  ? 0.1098 0.1586 0.1199 0.0144  -0.0090 0.0322  42  GLU A CG  
227 C CD  . GLU A 44  ? 0.1403 0.1866 0.1014 0.0110  0.0017  0.0270  42  GLU A CD  
228 O OE1 . GLU A 44  ? 0.2188 0.2024 0.1208 0.0157  0.0143  0.0207  42  GLU A OE1 
229 O OE2 . GLU A 44  ? 0.0931 0.1899 0.1136 0.0143  -0.0242 0.0231  42  GLU A OE2 
230 N N   . ASP A 45  ? 0.0684 0.1645 0.1189 0.0365  -0.0101 0.0341  43  ASP A N   
231 C CA  . ASP A 45  ? 0.0743 0.1913 0.1279 0.0381  0.0029  0.0545  43  ASP A CA  
232 C C   . ASP A 45  ? 0.1143 0.2135 0.1301 0.0705  0.0104  0.0511  43  ASP A C   
233 O O   . ASP A 45  ? 0.1399 0.2645 0.1984 0.0941  -0.0196 0.0283  43  ASP A O   
234 C CB  . ASP A 45  ? 0.0688 0.2318 0.1212 0.0127  -0.0028 0.0581  43  ASP A CB  
235 C CG  . ASP A 45  ? 0.0707 0.2414 0.1194 0.0205  0.0002  0.0505  43  ASP A CG  
236 O OD1 . ASP A 45  ? 0.0772 0.2268 0.1140 0.0313  -0.0116 0.0385  43  ASP A OD1 
237 O OD2 . ASP A 45  ? 0.0960 0.3041 0.1149 -0.0001 -0.0059 0.0563  43  ASP A OD2 
238 N N   . GLY A 46  ? 0.1544 0.1726 0.1476 0.0751  0.0332  0.0542  44  GLY A N   
239 C CA  . GLY A 46  ? 0.1956 0.1873 0.1653 0.0738  0.0620  0.0305  44  GLY A CA  
240 C C   . GLY A 46  ? 0.2051 0.1944 0.1858 0.0795  0.0653  0.0176  44  GLY A C   
241 O O   . GLY A 46  ? 0.2926 0.2321 0.2359 0.0271  0.0969  -0.0138 44  GLY A O   
242 N N   . LYS A 47  ? 0.1472 0.2140 0.1387 0.0780  0.0126  0.0268  45  LYS A N   
243 C CA  . LYS A 47  ? 0.1154 0.2160 0.1459 0.0590  0.0028  0.0310  45  LYS A CA  
244 C C   . LYS A 47  ? 0.0817 0.1856 0.1348 0.0542  0.0094  0.0315  45  LYS A C   
245 O O   . LYS A 47  ? 0.0794 0.1886 0.1511 0.0422  0.0361  0.0135  45  LYS A O   
246 C CB  . LYS A 47  ? 0.1484 0.2472 0.1681 0.0430  0.0126  0.0350  45  LYS A CB  
247 C CG  . LYS A 47  ? 0.2065 0.2818 0.2070 0.0166  -0.0073 0.0374  45  LYS A CG  
248 C CD  . LYS A 47  ? 0.2467 0.3096 0.2464 0.0061  -0.0251 0.0315  45  LYS A CD  
249 C CE  . LYS A 47  ? 0.2951 0.3168 0.2957 0.0201  -0.0491 0.0285  45  LYS A CE  
250 N NZ  . LYS A 47  ? 0.3196 0.3364 0.3420 0.0221  -0.0583 0.0125  45  LYS A NZ  
251 N N   . ILE A 48  ? 0.1145 0.1806 0.1344 0.0445  0.0131  0.0160  46  ILE A N   
252 C CA  . ILE A 48  ? 0.1245 0.1647 0.1266 0.0268  0.0211  0.0190  46  ILE A CA  
253 C C   . ILE A 48  ? 0.0923 0.1539 0.1399 0.0274  0.0404  0.0332  46  ILE A C   
254 O O   . ILE A 48  ? 0.1228 0.1983 0.1708 0.0387  0.0629  0.0258  46  ILE A O   
255 C CB  . ILE A 48  ? 0.1901 0.1747 0.1843 0.0116  0.0051  -0.0068 46  ILE A CB  
256 C CG1 . ILE A 48  ? 0.2553 0.2289 0.2373 -0.0083 0.0145  -0.0310 46  ILE A CG1 
257 C CG2 . ILE A 48  ? 0.2001 0.2038 0.1704 0.0127  -0.0126 -0.0395 46  ILE A CG2 
258 C CD1 . ILE A 48  ? 0.2829 0.2619 0.2408 0.0115  0.0153  -0.0665 46  ILE A CD1 
259 N N   . ARG A 49  ? 0.0707 0.1279 0.1579 0.0299  0.0090  0.0351  47  ARG A N   
260 C CA  . ARG A 49  ? 0.0844 0.1373 0.1305 0.0241  0.0123  0.0250  47  ARG A CA  
261 C C   . ARG A 49  ? 0.0753 0.1575 0.1071 0.0219  0.0103  0.0222  47  ARG A C   
262 O O   . ARG A 49  ? 0.0688 0.1693 0.1181 0.0099  0.0207  0.0121  47  ARG A O   
263 C CB  . ARG A 49  ? 0.0800 0.1476 0.1375 0.0152  0.0137  0.0133  47  ARG A CB  
264 C CG  . ARG A 49  ? 0.0682 0.1530 0.1374 0.0097  0.0080  0.0229  47  ARG A CG  
265 C CD  . ARG A 49  ? 0.0846 0.1752 0.1451 0.0072  0.0025  0.0178  47  ARG A CD  
266 N NE  . ARG A 49  ? 0.0921 0.1890 0.1312 0.0128  0.0082  0.0323  47  ARG A NE  
267 C CZ  . ARG A 49  ? 0.0718 0.2058 0.1284 0.0084  0.0274  0.0349  47  ARG A CZ  
268 N NH1 . ARG A 49  ? 0.0709 0.2091 0.1524 0.0060  0.0311  0.0389  47  ARG A NH1 
269 N NH2 . ARG A 49  ? 0.0692 0.2288 0.1352 0.0079  0.0141  0.0313  47  ARG A NH2 
270 N N   . ARG A 50  ? 0.1080 0.1555 0.1206 0.0214  0.0128  0.0315  48  ARG A N   
271 C CA  . ARG A 50  ? 0.1277 0.1570 0.1017 0.0244  0.0188  0.0186  48  ARG A CA  
272 C C   . ARG A 50  ? 0.1070 0.1536 0.1201 0.0252  -0.0005 0.0249  48  ARG A C   
273 O O   . ARG A 50  ? 0.1018 0.1871 0.1238 0.0156  0.0240  0.0059  48  ARG A O   
274 C CB  . ARG A 50  ? 0.1472 0.2086 0.1108 0.0088  0.0488  0.0076  48  ARG A CB  
275 C CG  . ARG A 50  ? 0.1863 0.2389 0.1516 0.0061  0.0375  -0.0122 48  ARG A CG  
276 C CD  . ARG A 50  ? 0.2157 0.2606 0.1736 -0.0160 0.0485  -0.0256 48  ARG A CD  
277 N NE  . ARG A 50  ? 0.2292 0.2656 0.1927 -0.0218 0.0554  -0.0383 48  ARG A NE  
278 C CZ  . ARG A 50  ? 0.2498 0.2927 0.1919 -0.0315 0.0801  -0.0501 48  ARG A CZ  
279 N NH1 . ARG A 50  ? 0.2806 0.3255 0.2014 -0.0246 0.0732  -0.0598 48  ARG A NH1 
280 N NH2 . ARG A 50  ? 0.2354 0.2922 0.2008 -0.0373 0.0711  -0.0567 48  ARG A NH2 
281 N N   . CYS A 51  ? 0.1202 0.1585 0.1199 0.0305  -0.0011 0.0139  49  CYS A N   
282 C CA  . CYS A 51  ? 0.1134 0.1545 0.0998 0.0033  0.0044  0.0282  49  CYS A CA  
283 C C   . CYS A 51  ? 0.1290 0.1636 0.1154 0.0097  -0.0242 0.0282  49  CYS A C   
284 O O   . CYS A 51  ? 0.1538 0.1746 0.1426 0.0016  -0.0389 0.0188  49  CYS A O   
285 C CB  . CYS A 51  ? 0.0911 0.1642 0.1109 0.0143  -0.0025 0.0241  49  CYS A CB  
286 S SG  . CYS A 51  ? 0.0884 0.1632 0.1219 0.0080  0.0025  0.0245  49  CYS A SG  
287 N N   . ARG A 52  ? 0.1324 0.1654 0.1263 0.0161  -0.0121 0.0434  50  ARG A N   
288 C CA  . ARG A 52  ? 0.1480 0.2053 0.1277 0.0259  0.0020  0.0475  50  ARG A CA  
289 C C   . ARG A 52  ? 0.1236 0.2055 0.1242 0.0445  0.0069  0.0486  50  ARG A C   
290 O O   . ARG A 52  ? 0.1090 0.2139 0.1143 0.0321  0.0200  0.0443  50  ARG A O   
291 C CB  . ARG A 52  ? 0.1942 0.2220 0.1628 0.0237  0.0159  0.0771  50  ARG A CB  
292 C CG  . ARG A 52  ? 0.2822 0.2876 0.2421 0.0125  0.0138  0.0622  50  ARG A CG  
293 C CD  . ARG A 52  ? 0.3541 0.3396 0.3306 -0.0057 -0.0024 0.0485  50  ARG A CD  
294 N NE  . ARG A 52  ? 0.4077 0.3815 0.3661 -0.0351 0.0138  0.0519  50  ARG A NE  
295 C CZ  . ARG A 52  ? 0.4497 0.3984 0.4080 -0.0522 0.0119  0.0516  50  ARG A CZ  
296 N NH1 . ARG A 52  ? 0.4711 0.3962 0.4119 -0.0626 0.0238  0.0547  50  ARG A NH1 
297 N NH2 . ARG A 52  ? 0.4641 0.4022 0.4441 -0.0577 0.0091  0.0535  50  ARG A NH2 
298 N N   . ILE A 53  ? 0.1402 0.2123 0.1445 0.0651  0.0021  0.0593  51  ILE A N   
299 C CA  . ILE A 53  ? 0.1611 0.2288 0.1903 0.0577  0.0124  0.0804  51  ILE A CA  
300 C C   . ILE A 53  ? 0.1953 0.2411 0.2161 0.0656  0.0227  0.1010  51  ILE A C   
301 O O   . ILE A 53  ? 0.2192 0.2560 0.2057 0.0723  0.0354  0.0952  51  ILE A O   
302 C CB  . ILE A 53  ? 0.1666 0.2302 0.2307 0.0543  0.0273  0.0775  51  ILE A CB  
303 C CG1 . ILE A 53  ? 0.1851 0.2290 0.2965 0.0414  0.0254  0.0722  51  ILE A CG1 
304 C CG2 . ILE A 53  ? 0.1707 0.2452 0.2347 0.0561  0.0347  0.0677  51  ILE A CG2 
305 C CD1 . ILE A 53  ? 0.1893 0.2559 0.3222 0.0351  0.0153  0.0590  51  ILE A CD1 
306 N N   . PRO A 54  ? 0.2456 0.2519 0.2392 0.0541  0.0117  0.1211  52  PRO A N   
307 C CA  . PRO A 54  ? 0.2928 0.2630 0.2809 0.0496  0.0266  0.1216  52  PRO A CA  
308 C C   . PRO A 54  ? 0.3080 0.2603 0.2828 0.0652  0.0554  0.1414  52  PRO A C   
309 O O   . PRO A 54  ? 0.2889 0.2641 0.2568 0.0869  0.0540  0.1400  52  PRO A O   
310 C CB  . PRO A 54  ? 0.3141 0.2766 0.3021 0.0270  0.0163  0.1077  52  PRO A CB  
311 C CG  . PRO A 54  ? 0.3200 0.2779 0.3364 0.0287  0.0023  0.0949  52  PRO A CG  
312 C CD  . PRO A 54  ? 0.2853 0.2546 0.2983 0.0312  0.0124  0.1142  52  PRO A CD  
313 N N   . GLY A 55  ? 0.3292 0.2873 0.2650 0.0661  0.0807  0.1387  53  GLY A N   
314 C CA  . GLY A 55  ? 0.3556 0.2948 0.2591 0.0790  0.0590  0.1416  53  GLY A CA  
315 C C   . GLY A 55  ? 0.3524 0.2822 0.2730 0.0808  0.0316  0.1503  53  GLY A C   
316 O O   . GLY A 55  ? 0.3808 0.2947 0.2978 0.0846  0.0112  0.1497  53  GLY A O   
317 N N   . LYS A 56  ? 0.3483 0.2766 0.2705 0.0774  0.0279  0.1485  54  LYS A N   
318 C CA  . LYS A 56  ? 0.3405 0.3102 0.2845 0.0808  0.0154  0.1198  54  LYS A CA  
319 C C   . LYS A 56  ? 0.2829 0.2933 0.2609 0.0888  0.0112  0.1228  54  LYS A C   
320 O O   . LYS A 56  ? 0.2825 0.3065 0.2647 0.1054  0.0254  0.1238  54  LYS A O   
321 C CB  . LYS A 56  ? 0.3983 0.3756 0.3357 0.0650  0.0174  0.0671  54  LYS A CB  
322 C CG  . LYS A 56  ? 0.4466 0.4349 0.3897 0.0524  0.0099  0.0230  54  LYS A CG  
323 C CD  . LYS A 56  ? 0.4831 0.4797 0.4296 0.0420  0.0021  -0.0090 54  LYS A CD  
324 C CE  . LYS A 56  ? 0.5122 0.5076 0.4544 0.0348  0.0003  -0.0278 54  LYS A CE  
325 N NZ  . LYS A 56  ? 0.5300 0.5245 0.4741 0.0275  0.0057  -0.0397 54  LYS A NZ  
326 N N   . LEU A 57  ? 0.2383 0.2702 0.2410 0.0703  0.0057  0.1196  55  LEU A N   
327 C CA  . LEU A 57  ? 0.2056 0.2524 0.2289 0.0654  -0.0232 0.1133  55  LEU A CA  
328 C C   . LEU A 57  ? 0.2219 0.2598 0.2401 0.0775  -0.0273 0.1093  55  LEU A C   
329 O O   . LEU A 57  ? 0.2213 0.2448 0.2632 0.0903  -0.0278 0.0993  55  LEU A O   
330 C CB  . LEU A 57  ? 0.1719 0.2575 0.2458 0.0639  -0.0301 0.1038  55  LEU A CB  
331 C CG  . LEU A 57  ? 0.1454 0.2651 0.2344 0.0537  -0.0195 0.0902  55  LEU A CG  
332 C CD1 . LEU A 57  ? 0.1553 0.2897 0.2315 0.0485  0.0040  0.0665  55  LEU A CD1 
333 C CD2 . LEU A 57  ? 0.1439 0.2601 0.2346 0.0550  -0.0472 0.0770  55  LEU A CD2 
334 N N   . ARG A 58  ? 0.2520 0.2735 0.2453 0.0858  -0.0457 0.1066  56  ARG A N   
335 C CA  . ARG A 58  ? 0.2998 0.3009 0.2866 0.0732  -0.0287 0.0927  56  ARG A CA  
336 C C   . ARG A 58  ? 0.2946 0.2963 0.3064 0.0618  -0.0535 0.0907  56  ARG A C   
337 O O   . ARG A 58  ? 0.3183 0.3019 0.3271 0.0618  -0.0577 0.0757  56  ARG A O   
338 C CB  . ARG A 58  ? 0.3495 0.3550 0.3118 0.0616  -0.0019 0.0684  56  ARG A CB  
339 C CG  . ARG A 58  ? 0.4014 0.4110 0.3476 0.0469  0.0084  0.0422  56  ARG A CG  
340 C CD  . ARG A 58  ? 0.4378 0.4516 0.3724 0.0381  0.0077  0.0231  56  ARG A CD  
341 N NE  . ARG A 58  ? 0.4669 0.4780 0.4135 0.0322  0.0050  0.0105  56  ARG A NE  
342 C CZ  . ARG A 58  ? 0.4873 0.4831 0.4427 0.0363  -0.0002 0.0080  56  ARG A CZ  
343 N NH1 . ARG A 58  ? 0.4966 0.4781 0.4500 0.0415  -0.0016 0.0161  56  ARG A NH1 
344 N NH2 . ARG A 58  ? 0.4962 0.4898 0.4608 0.0328  -0.0034 0.0009  56  ARG A NH2 
345 N N   . ARG A 59  ? 0.2742 0.2691 0.3067 0.0686  -0.0786 0.1106  57  ARG A N   
346 C CA  . ARG A 59  ? 0.2864 0.2639 0.3538 0.0538  -0.0724 0.1253  57  ARG A CA  
347 C C   . ARG A 59  ? 0.2356 0.2545 0.3799 0.0366  -0.0743 0.1172  57  ARG A C   
348 O O   . ARG A 59  ? 0.2200 0.2870 0.4114 0.0374  -0.0711 0.1038  57  ARG A O   
349 C CB  . ARG A 59  ? 0.3667 0.2876 0.3917 0.0451  -0.0473 0.1316  57  ARG A CB  
350 C CG  . ARG A 59  ? 0.4419 0.3327 0.3988 0.0196  -0.0282 0.1388  57  ARG A CG  
351 C CD  . ARG A 59  ? 0.4920 0.3627 0.3931 -0.0001 -0.0001 0.1503  57  ARG A CD  
352 N NE  . ARG A 59  ? 0.5380 0.3801 0.3945 -0.0135 0.0126  0.1644  57  ARG A NE  
353 C CZ  . ARG A 59  ? 0.5695 0.4001 0.3857 -0.0193 0.0211  0.1632  57  ARG A CZ  
354 N NH1 . ARG A 59  ? 0.5916 0.4190 0.3917 -0.0174 0.0303  0.1522  57  ARG A NH1 
355 N NH2 . ARG A 59  ? 0.5737 0.4088 0.3862 -0.0173 0.0257  0.1606  57  ARG A NH2 
356 N N   . ARG A 60  ? 0.2044 0.2447 0.3686 0.0005  -0.0649 0.1081  58  ARG A N   
357 C CA  . ARG A 60  ? 0.2091 0.2471 0.3769 0.0061  -0.0669 0.0903  58  ARG A CA  
358 C C   . ARG A 60  ? 0.1741 0.2237 0.3645 0.0146  -0.0760 0.0925  58  ARG A C   
359 O O   . ARG A 60  ? 0.1650 0.2034 0.3988 0.0090  -0.0618 0.0943  58  ARG A O   
360 C CB  . ARG A 60  ? 0.2800 0.2983 0.4150 -0.0180 -0.0405 0.0559  58  ARG A CB  
361 C CG  . ARG A 60  ? 0.3408 0.3562 0.4568 -0.0251 -0.0322 0.0283  58  ARG A CG  
362 C CD  . ARG A 60  ? 0.3955 0.4028 0.5151 -0.0221 -0.0465 0.0020  58  ARG A CD  
363 N NE  . ARG A 60  ? 0.4385 0.4472 0.5627 -0.0233 -0.0554 -0.0207 58  ARG A NE  
364 C CZ  . ARG A 60  ? 0.4797 0.4701 0.5943 -0.0227 -0.0546 -0.0259 58  ARG A CZ  
365 N NH1 . ARG A 60  ? 0.4918 0.4772 0.5998 -0.0348 -0.0475 -0.0257 58  ARG A NH1 
366 N NH2 . ARG A 60  ? 0.4937 0.4764 0.6137 -0.0126 -0.0608 -0.0297 58  ARG A NH2 
367 N N   . VAL A 61  ? 0.1613 0.2142 0.3490 0.0146  -0.0808 0.0937  59  VAL A N   
368 C CA  . VAL A 61  ? 0.1756 0.2420 0.3561 0.0174  -0.0778 0.0670  59  VAL A CA  
369 C C   . VAL A 61  ? 0.1825 0.2623 0.3680 0.0347  -0.0911 0.0514  59  VAL A C   
370 O O   . VAL A 61  ? 0.2157 0.2762 0.3514 0.0417  -0.0769 0.0449  59  VAL A O   
371 C CB  . VAL A 61  ? 0.1929 0.2749 0.3603 0.0216  -0.0597 0.0453  59  VAL A CB  
372 C CG1 . VAL A 61  ? 0.2012 0.2845 0.3521 0.0341  -0.0700 0.0395  59  VAL A CG1 
373 C CG2 . VAL A 61  ? 0.1876 0.2839 0.3491 0.0072  -0.0421 0.0478  59  VAL A CG2 
374 N N   . TRP A 62  ? 0.1688 0.2472 0.3738 0.0370  -0.1006 0.0494  60  TRP A N   
375 C CA  . TRP A 62  ? 0.1882 0.2612 0.3789 0.0496  -0.1009 0.0325  60  TRP A CA  
376 C C   . TRP A 62  ? 0.1833 0.2220 0.3187 0.0414  -0.0536 0.0382  60  TRP A C   
377 O O   . TRP A 62  ? 0.1794 0.2389 0.3652 0.0265  0.0054  0.0237  60  TRP A O   
378 C CB  . TRP A 62  ? 0.2311 0.3257 0.4578 0.0415  -0.1185 0.0032  60  TRP A CB  
379 C CG  . TRP A 62  ? 0.2641 0.3773 0.5039 0.0471  -0.1417 -0.0113 60  TRP A CG  
380 C CD1 . TRP A 62  ? 0.2787 0.4035 0.5173 0.0472  -0.1408 -0.0213 60  TRP A CD1 
381 C CD2 . TRP A 62  ? 0.3030 0.4053 0.5193 0.0445  -0.1323 -0.0175 60  TRP A CD2 
382 N NE1 . TRP A 62  ? 0.2978 0.4076 0.5301 0.0367  -0.1312 -0.0166 60  TRP A NE1 
383 C CE2 . TRP A 62  ? 0.3101 0.4109 0.5292 0.0454  -0.1336 -0.0179 60  TRP A CE2 
384 C CE3 . TRP A 62  ? 0.3427 0.4189 0.5279 0.0326  -0.1186 -0.0237 60  TRP A CE3 
385 C CZ2 . TRP A 62  ? 0.3328 0.4332 0.5291 0.0388  -0.1255 -0.0229 60  TRP A CZ2 
386 C CZ3 . TRP A 62  ? 0.3598 0.4281 0.5362 0.0337  -0.1135 -0.0276 60  TRP A CZ3 
387 C CH2 . TRP A 62  ? 0.3578 0.4344 0.5375 0.0400  -0.1157 -0.0279 60  TRP A CH2 
388 N N   . ILE A 63  ? 0.2029 0.1769 0.2509 0.0498  -0.0401 0.0249  61  ILE A N   
389 C CA  . ILE A 63  ? 0.1817 0.1793 0.1960 0.0420  -0.0468 0.0183  61  ILE A CA  
390 C C   . ILE A 63  ? 0.2082 0.1954 0.1915 0.0525  -0.0590 -0.0133 61  ILE A C   
391 O O   . ILE A 63  ? 0.2317 0.2160 0.2171 0.0582  -0.0460 -0.0119 61  ILE A O   
392 C CB  . ILE A 63  ? 0.1613 0.1800 0.1882 0.0223  -0.0470 0.0389  61  ILE A CB  
393 C CG1 . ILE A 63  ? 0.1514 0.1999 0.1886 -0.0061 -0.0138 0.0300  61  ILE A CG1 
394 C CG2 . ILE A 63  ? 0.1635 0.1890 0.2103 0.0349  -0.0580 0.0268  61  ILE A CG2 
395 C CD1 . ILE A 63  ? 0.1608 0.2191 0.2393 -0.0175 -0.0213 0.0279  61  ILE A CD1 
396 N N   . ARG A 64  ? 0.1810 0.1739 0.2007 0.0611  -0.0842 -0.0338 62  ARG A N   
397 C CA  . ARG A 64  ? 0.1804 0.1927 0.2333 0.0447  -0.0719 -0.0471 62  ARG A CA  
398 C C   . ARG A 64  ? 0.1321 0.1719 0.2040 0.0261  -0.0516 -0.0529 62  ARG A C   
399 O O   . ARG A 64  ? 0.1116 0.1576 0.1937 0.0285  -0.0449 -0.0512 62  ARG A O   
400 C CB  . ARG A 64  ? 0.2281 0.2560 0.3148 0.0441  -0.0675 -0.0530 62  ARG A CB  
401 C CG  . ARG A 64  ? 0.2745 0.3147 0.3864 0.0493  -0.0571 -0.0698 62  ARG A CG  
402 C CD  . ARG A 64  ? 0.3326 0.3677 0.4563 0.0551  -0.0519 -0.0807 62  ARG A CD  
403 N NE  . ARG A 64  ? 0.3949 0.4187 0.5183 0.0378  -0.0296 -0.0834 62  ARG A NE  
404 C CZ  . ARG A 64  ? 0.4347 0.4446 0.5655 0.0317  -0.0090 -0.0888 62  ARG A CZ  
405 N NH1 . ARG A 64  ? 0.4464 0.4557 0.5908 0.0213  -0.0047 -0.0849 62  ARG A NH1 
406 N NH2 . ARG A 64  ? 0.4537 0.4558 0.5795 0.0347  -0.0014 -0.0909 62  ARG A NH2 
407 N N   . VAL A 65  ? 0.1273 0.1685 0.1857 0.0216  -0.0248 -0.0658 63  VAL A N   
408 C CA  . VAL A 65  ? 0.1100 0.1598 0.1942 0.0237  -0.0225 -0.0615 63  VAL A CA  
409 C C   . VAL A 65  ? 0.0919 0.1555 0.2168 0.0122  -0.0090 -0.0581 63  VAL A C   
410 O O   . VAL A 65  ? 0.0999 0.1686 0.2598 0.0094  -0.0080 -0.0731 63  VAL A O   
411 C CB  . VAL A 65  ? 0.1483 0.1738 0.2355 0.0155  -0.0331 -0.0725 63  VAL A CB  
412 C CG1 . VAL A 65  ? 0.1725 0.1700 0.2542 0.0186  -0.0392 -0.0639 63  VAL A CG1 
413 C CG2 . VAL A 65  ? 0.1860 0.1805 0.2570 0.0073  -0.0146 -0.0773 63  VAL A CG2 
414 N N   . GLY A 66  ? 0.0907 0.1186 0.1940 -0.0067 0.0064  -0.0438 64  GLY A N   
415 C CA  . GLY A 66  ? 0.1038 0.1265 0.2008 -0.0071 0.0185  -0.0419 64  GLY A CA  
416 C C   . GLY A 66  ? 0.0884 0.1128 0.1781 0.0006  0.0101  -0.0335 64  GLY A C   
417 O O   . GLY A 66  ? 0.1200 0.1311 0.1891 -0.0139 0.0115  -0.0249 64  GLY A O   
418 N N   . ASP A 67  ? 0.0552 0.0909 0.1697 0.0073  -0.0049 -0.0324 65  ASP A N   
419 C CA  . ASP A 67  ? 0.0692 0.1185 0.1447 0.0171  -0.0158 -0.0309 65  ASP A CA  
420 C C   . ASP A 67  ? 0.0472 0.1007 0.1405 0.0140  0.0025  -0.0147 65  ASP A C   
421 O O   . ASP A 67  ? 0.0498 0.1021 0.1284 0.0111  0.0097  -0.0144 65  ASP A O   
422 C CB  . ASP A 67  ? 0.1003 0.1184 0.1591 0.0362  -0.0592 -0.0120 65  ASP A CB  
423 C CG  . ASP A 67  ? 0.1091 0.1697 0.2063 0.0367  -0.0441 -0.0210 65  ASP A CG  
424 O OD1 . ASP A 67  ? 0.1158 0.1894 0.2632 0.0331  -0.0352 -0.0129 65  ASP A OD1 
425 O OD2 . ASP A 67  ? 0.1257 0.1734 0.1773 0.0664  -0.0589 -0.0274 65  ASP A OD2 
426 N N   . LEU A 68  ? 0.0552 0.0951 0.1162 -0.0075 0.0157  -0.0106 66  LEU A N   
427 C CA  . LEU A 68  ? 0.0477 0.0883 0.1021 -0.0180 0.0260  -0.0050 66  LEU A CA  
428 C C   . LEU A 68  ? 0.0405 0.0897 0.0973 0.0004  0.0145  0.0132  66  LEU A C   
429 O O   . LEU A 68  ? 0.0457 0.0950 0.1031 0.0075  0.0130  0.0096  66  LEU A O   
430 C CB  . LEU A 68  ? 0.0792 0.1199 0.1124 -0.0132 0.0246  -0.0053 66  LEU A CB  
431 C CG  . LEU A 68  ? 0.0792 0.1176 0.1130 -0.0068 0.0279  0.0055  66  LEU A CG  
432 C CD1 . LEU A 68  ? 0.0882 0.1280 0.1368 0.0039  0.0056  0.0175  66  LEU A CD1 
433 C CD2 . LEU A 68  ? 0.1199 0.1370 0.0995 -0.0077 0.0463  0.0078  66  LEU A CD2 
434 N N   . VAL A 69  ? 0.0380 0.0881 0.0957 -0.0187 0.0171  0.0053  67  VAL A N   
435 C CA  . VAL A 69  ? 0.0356 0.0965 0.0868 -0.0083 0.0204  0.0068  67  VAL A CA  
436 C C   . VAL A 69  ? 0.0326 0.0803 0.0982 0.0047  0.0113  0.0101  67  VAL A C   
437 O O   . VAL A 69  ? 0.0567 0.0774 0.0974 0.0000  0.0100  0.0049  67  VAL A O   
438 C CB  . VAL A 69  ? 0.0419 0.1045 0.0968 0.0190  0.0214  -0.0014 67  VAL A CB  
439 C CG1 . VAL A 69  ? 0.0447 0.1307 0.0991 0.0100  -0.0113 -0.0238 67  VAL A CG1 
440 C CG2 . VAL A 69  ? 0.0544 0.1018 0.1141 0.0193  0.0127  -0.0052 67  VAL A CG2 
441 N N   . ILE A 70  ? 0.0427 0.0894 0.0935 0.0012  0.0209  0.0108  68  ILE A N   
442 C CA  . ILE A 70  ? 0.0371 0.1020 0.0866 -0.0101 0.0171  0.0124  68  ILE A CA  
443 C C   . ILE A 70  ? 0.0375 0.0955 0.0845 -0.0122 0.0024  0.0324  68  ILE A C   
444 O O   . ILE A 70  ? 0.0707 0.1056 0.0879 0.0007  0.0141  0.0351  68  ILE A O   
445 C CB  . ILE A 70  ? 0.0514 0.1070 0.1038 -0.0095 0.0090  0.0083  68  ILE A CB  
446 C CG1 . ILE A 70  ? 0.0794 0.1054 0.1055 -0.0043 0.0248  -0.0076 68  ILE A CG1 
447 C CG2 . ILE A 70  ? 0.0737 0.1309 0.1271 -0.0279 -0.0089 0.0058  68  ILE A CG2 
448 C CD1 . ILE A 70  ? 0.0913 0.1149 0.1351 -0.0004 0.0121  -0.0311 68  ILE A CD1 
449 N N   . VAL A 71  ? 0.0416 0.1150 0.0974 -0.0102 0.0197  0.0149  69  VAL A N   
450 C CA  . VAL A 71  ? 0.0395 0.1301 0.1022 -0.0021 0.0164  0.0093  69  VAL A CA  
451 C C   . VAL A 71  ? 0.0421 0.1426 0.1015 -0.0054 0.0127  0.0149  69  VAL A C   
452 O O   . VAL A 71  ? 0.0737 0.1352 0.1120 -0.0119 0.0126  0.0178  69  VAL A O   
453 C CB  . VAL A 71  ? 0.0389 0.1359 0.1202 0.0072  0.0139  0.0002  69  VAL A CB  
454 C CG1 . VAL A 71  ? 0.0534 0.1589 0.1362 -0.0025 0.0146  -0.0001 69  VAL A CG1 
455 C CG2 . VAL A 71  ? 0.0500 0.1507 0.1623 -0.0177 0.0071  -0.0110 69  VAL A CG2 
456 N N   . GLN A 72  ? 0.0483 0.1396 0.1070 -0.0122 0.0192  0.0207  70  GLN A N   
457 C CA  . GLN A 72  ? 0.0532 0.1260 0.1335 -0.0121 0.0213  0.0325  70  GLN A CA  
458 C C   . GLN A 72  ? 0.0546 0.1492 0.1219 -0.0226 0.0063  0.0372  70  GLN A C   
459 O O   . GLN A 72  ? 0.0641 0.1655 0.1095 -0.0176 0.0111  0.0420  70  GLN A O   
460 C CB  . GLN A 72  ? 0.0847 0.1297 0.1795 -0.0285 0.0308  0.0420  70  GLN A CB  
461 C CG  . GLN A 72  ? 0.1111 0.1632 0.2337 -0.0483 0.0300  0.0242  70  GLN A CG  
462 C CD  . GLN A 72  ? 0.1588 0.1943 0.2374 -0.0537 0.0502  0.0159  70  GLN A CD  
463 O OE1 . GLN A 72  ? 0.2026 0.2163 0.2628 -0.0732 0.0653  -0.0162 70  GLN A OE1 
464 N NE2 . GLN A 72  ? 0.1487 0.2228 0.2381 -0.0624 0.0261  0.0174  70  GLN A NE2 
465 N N   . PRO A 73  ? 0.0591 0.1689 0.1049 -0.0126 0.0181  0.0339  71  PRO A N   
466 C CA  . PRO A 73  ? 0.0624 0.1782 0.1129 -0.0127 0.0181  0.0396  71  PRO A CA  
467 C C   . PRO A 73  ? 0.0608 0.1807 0.1134 -0.0128 0.0168  0.0374  71  PRO A C   
468 O O   . PRO A 73  ? 0.0817 0.1777 0.1361 -0.0232 0.0295  0.0323  71  PRO A O   
469 C CB  . PRO A 73  ? 0.0618 0.1746 0.1302 -0.0044 0.0152  0.0569  71  PRO A CB  
470 C CG  . PRO A 73  ? 0.0694 0.1732 0.1229 0.0027  0.0192  0.0541  71  PRO A CG  
471 C CD  . PRO A 73  ? 0.0614 0.1716 0.1323 -0.0002 0.0126  0.0459  71  PRO A CD  
472 N N   . TRP A 74  ? 0.0610 0.1806 0.1237 0.0049  0.0219  0.0436  72  TRP A N   
473 C CA  . TRP A 74  ? 0.0683 0.1853 0.1300 -0.0115 0.0312  0.0294  72  TRP A CA  
474 C C   . TRP A 74  ? 0.0696 0.2065 0.1453 -0.0205 0.0125  0.0506  72  TRP A C   
475 O O   . TRP A 74  ? 0.0800 0.2193 0.1476 -0.0098 0.0246  0.0605  72  TRP A O   
476 C CB  . TRP A 74  ? 0.0577 0.1766 0.1456 0.0138  0.0226  0.0306  72  TRP A CB  
477 C CG  . TRP A 74  ? 0.0532 0.1426 0.1441 0.0083  0.0162  0.0481  72  TRP A CG  
478 C CD1 . TRP A 74  ? 0.0682 0.1509 0.1248 0.0005  0.0117  0.0556  72  TRP A CD1 
479 C CD2 . TRP A 74  ? 0.0744 0.1630 0.1249 0.0059  0.0230  0.0421  72  TRP A CD2 
480 N NE1 . TRP A 74  ? 0.0785 0.1628 0.1229 -0.0058 0.0159  0.0462  72  TRP A NE1 
481 C CE2 . TRP A 74  ? 0.0941 0.1562 0.1233 -0.0003 0.0174  0.0520  72  TRP A CE2 
482 C CE3 . TRP A 74  ? 0.1072 0.1710 0.1214 0.0039  0.0369  0.0393  72  TRP A CE3 
483 C CZ2 . TRP A 74  ? 0.1262 0.1610 0.1371 -0.0006 0.0069  0.0512  72  TRP A CZ2 
484 C CZ3 . TRP A 74  ? 0.1337 0.1745 0.1238 -0.0051 0.0215  0.0356  72  TRP A CZ3 
485 C CH2 . TRP A 74  ? 0.1374 0.1750 0.1266 -0.0022 0.0023  0.0370  72  TRP A CH2 
486 N N   . PRO A 75  ? 0.0703 0.2205 0.1457 -0.0243 -0.0032 0.0585  73  PRO A N   
487 C CA  . PRO A 75  ? 0.0952 0.2452 0.2040 -0.0392 -0.0279 0.0625  73  PRO A CA  
488 C C   . PRO A 75  ? 0.0840 0.2598 0.2221 -0.0273 -0.0112 0.0640  73  PRO A C   
489 O O   . PRO A 75  ? 0.1200 0.3061 0.2469 -0.0100 -0.0277 0.0417  73  PRO A O   
490 C CB  . PRO A 75  ? 0.1123 0.2212 0.2400 -0.0489 -0.0269 0.0655  73  PRO A CB  
491 C CG  . PRO A 75  ? 0.1039 0.2126 0.2169 -0.0416 -0.0193 0.0702  73  PRO A CG  
492 C CD  . PRO A 75  ? 0.0834 0.2040 0.1655 -0.0243 -0.0014 0.0779  73  PRO A CD  
493 N N   . VAL A 76  ? 0.0825 0.2408 0.1939 -0.0039 0.0254  0.0681  74  VAL A N   
494 C CA  . VAL A 76  ? 0.1167 0.2749 0.2011 0.0048  0.0542  0.0725  74  VAL A CA  
495 C C   . VAL A 76  ? 0.1499 0.2829 0.2065 0.0049  0.0736  0.0774  74  VAL A C   
496 O O   . VAL A 76  ? 0.1817 0.3074 0.2199 -0.0203 0.0546  0.0755  74  VAL A O   
497 C CB  . VAL A 76  ? 0.1209 0.2725 0.2086 -0.0098 0.0603  0.0666  74  VAL A CB  
498 C CG1 . VAL A 76  ? 0.1661 0.2858 0.2279 -0.0042 0.0833  0.0628  74  VAL A CG1 
499 C CG2 . VAL A 76  ? 0.1193 0.2988 0.2123 -0.0087 0.0232  0.0522  74  VAL A CG2 
500 N N   . GLN A 77  ? 0.1937 0.3436 0.2199 -0.0167 0.1053  0.0479  75  GLN A N   
501 C CA  . GLN A 77  ? 0.2015 0.3735 0.2020 -0.0332 0.0826  0.0473  75  GLN A CA  
502 C C   . GLN A 77  ? 0.1322 0.3018 0.1748 -0.0328 0.0421  0.0701  75  GLN A C   
503 O O   . GLN A 77  ? 0.1387 0.3103 0.1828 -0.0308 0.0316  0.0850  75  GLN A O   
504 C CB  . GLN A 77  ? 0.2730 0.4399 0.2228 -0.0416 0.1117  0.0262  75  GLN A CB  
505 C CG  . GLN A 77  ? 0.3050 0.4900 0.2831 -0.0313 0.1169  0.0100  75  GLN A CG  
506 C CD  . GLN A 77  ? 0.3313 0.5116 0.3280 -0.0275 0.1229  0.0186  75  GLN A CD  
507 O OE1 . GLN A 77  ? 0.3637 0.5269 0.3402 -0.0225 0.1189  0.0182  75  GLN A OE1 
508 N NE2 . GLN A 77  ? 0.3142 0.5244 0.3325 -0.0352 0.1369  0.0207  75  GLN A NE2 
509 N N   . SER A 78  ? 0.0982 0.2533 0.1636 -0.0141 0.0310  0.0706  76  SER A N   
510 C CA  . SER A 78  ? 0.1033 0.2308 0.1731 -0.0207 0.0351  0.0718  76  SER A CA  
511 C C   . SER A 78  ? 0.0898 0.1962 0.1734 0.0032  0.0225  0.0903  76  SER A C   
512 O O   . SER A 78  ? 0.0877 0.2222 0.1920 -0.0037 0.0444  0.0508  76  SER A O   
513 C CB  . SER A 78  ? 0.1344 0.2436 0.2009 -0.0289 -0.0026 0.0689  76  SER A CB  
514 O OG  . SER A 78  ? 0.1841 0.2659 0.2287 -0.0019 -0.0276 0.0563  76  SER A OG  
515 N N   A ASP A 79  ? 0.1134 0.1819 0.1746 0.0199  0.0175  0.0923  77  ASP A N   
516 N N   B ASP A 79  ? 0.0949 0.1715 0.1867 0.0210  0.0173  0.1014  77  ASP A N   
517 C CA  A ASP A 79  ? 0.1518 0.1907 0.1957 0.0352  0.0046  0.0795  77  ASP A CA  
518 C CA  B ASP A 79  ? 0.1172 0.1734 0.2221 0.0379  0.0017  0.0948  77  ASP A CA  
519 C C   A ASP A 79  ? 0.1322 0.1826 0.2070 0.0445  0.0228  0.0673  77  ASP A C   
520 C C   B ASP A 79  ? 0.1125 0.1765 0.2196 0.0406  0.0229  0.0759  77  ASP A C   
521 O O   A ASP A 79  ? 0.1437 0.1951 0.2366 0.0355  0.0357  0.0645  77  ASP A O   
522 O O   B ASP A 79  ? 0.1214 0.1973 0.2474 0.0203  0.0370  0.0744  77  ASP A O   
523 C CB  A ASP A 79  ? 0.2083 0.2305 0.2142 0.0463  -0.0189 0.0615  77  ASP A CB  
524 C CB  B ASP A 79  ? 0.1400 0.1982 0.2659 0.0547  -0.0217 0.0840  77  ASP A CB  
525 C CG  A ASP A 79  ? 0.2683 0.2702 0.2474 0.0577  -0.0331 0.0385  77  ASP A CG  
526 C CG  B ASP A 79  ? 0.1637 0.2160 0.3127 0.0722  -0.0320 0.0749  77  ASP A CG  
527 O OD1 A ASP A 79  ? 0.3120 0.2926 0.2468 0.0617  -0.0342 0.0340  77  ASP A OD1 
528 O OD1 B ASP A 79  ? 0.1606 0.2406 0.3361 0.0703  -0.0346 0.0658  77  ASP A OD1 
529 O OD2 A ASP A 79  ? 0.2905 0.2997 0.2838 0.0467  -0.0493 0.0173  77  ASP A OD2 
530 O OD2 B ASP A 79  ? 0.2012 0.2374 0.3529 0.0729  -0.0056 0.0661  77  ASP A OD2 
531 N N   . LYS A 80  ? 0.1161 0.1888 0.2058 0.0495  0.0192  0.0531  78  LYS A N   
532 C CA  . LYS A 80  ? 0.1206 0.2085 0.2020 0.0456  0.0206  0.0387  78  LYS A CA  
533 C C   . LYS A 80  ? 0.0953 0.1857 0.1711 0.0355  0.0265  0.0322  78  LYS A C   
534 O O   . LYS A 80  ? 0.0878 0.2013 0.1957 0.0274  0.0164  0.0010  78  LYS A O   
535 C CB  . LYS A 80  ? 0.1724 0.2581 0.2802 0.0781  0.0141  -0.0074 78  LYS A CB  
536 C CG  . LYS A 80  ? 0.2191 0.3192 0.3491 0.0890  0.0161  -0.0367 78  LYS A CG  
537 C CD  . LYS A 80  ? 0.2669 0.3678 0.4132 0.0845  0.0277  -0.0569 78  LYS A CD  
538 C CE  . LYS A 80  ? 0.3081 0.4100 0.4657 0.0715  0.0272  -0.0698 78  LYS A CE  
539 N NZ  . LYS A 80  ? 0.3438 0.4389 0.4985 0.0580  0.0226  -0.0790 78  LYS A NZ  
540 N N   . ARG A 81  ? 0.0845 0.1502 0.1716 0.0497  0.0210  0.0350  79  ARG A N   
541 C CA  . ARG A 81  ? 0.0903 0.1551 0.1492 0.0265  0.0514  0.0331  79  ARG A CA  
542 C C   . ARG A 81  ? 0.0607 0.1395 0.1530 0.0146  0.0345  0.0252  79  ARG A C   
543 O O   . ARG A 81  ? 0.0633 0.1618 0.1591 0.0138  0.0043  0.0181  79  ARG A O   
544 C CB  . ARG A 81  ? 0.1516 0.1917 0.1873 0.0348  0.0932  0.0088  79  ARG A CB  
545 C CG  . ARG A 81  ? 0.2386 0.2259 0.2613 0.0306  0.1440  -0.0004 79  ARG A CG  
546 C CD  . ARG A 81  ? 0.3286 0.2516 0.3548 0.0300  0.1358  -0.0019 79  ARG A CD  
547 N NE  . ARG A 81  ? 0.3824 0.2906 0.3963 0.0085  0.1491  -0.0064 79  ARG A NE  
548 C CZ  . ARG A 81  ? 0.4189 0.3080 0.4243 0.0130  0.1552  -0.0155 79  ARG A CZ  
549 N NH1 . ARG A 81  ? 0.4125 0.2843 0.3936 -0.0140 0.1815  0.0072  79  ARG A NH1 
550 N NH2 . ARG A 81  ? 0.4535 0.3319 0.4772 0.0313  0.1106  -0.0235 79  ARG A NH2 
551 N N   . GLY A 82  ? 0.0576 0.1232 0.1257 0.0297  0.0237  0.0331  80  GLY A N   
552 C CA  . GLY A 82  ? 0.0460 0.1153 0.1156 0.0180  0.0174  0.0313  80  GLY A CA  
553 C C   . GLY A 82  ? 0.0519 0.1306 0.1121 -0.0007 0.0221  0.0355  80  GLY A C   
554 O O   . GLY A 82  ? 0.0722 0.1501 0.1084 0.0063  0.0085  0.0311  80  GLY A O   
555 N N   . ASP A 83  ? 0.0609 0.1303 0.1330 0.0170  0.0359  0.0313  81  ASP A N   
556 C CA  . ASP A 83  ? 0.0657 0.1378 0.1475 0.0121  0.0269  0.0502  81  ASP A CA  
557 C C   . ASP A 83  ? 0.0494 0.1585 0.1093 0.0128  0.0085  0.0391  81  ASP A C   
558 O O   . ASP A 83  ? 0.0592 0.1827 0.1087 -0.0076 -0.0026 0.0235  81  ASP A O   
559 C CB  . ASP A 83  ? 0.0932 0.1349 0.1716 0.0180  0.0582  0.0539  81  ASP A CB  
560 C CG  . ASP A 83  ? 0.1543 0.1834 0.2233 0.0121  0.0609  0.0465  81  ASP A CG  
561 O OD1 . ASP A 83  ? 0.1072 0.1947 0.1980 0.0155  0.0602  0.0659  81  ASP A OD1 
562 O OD2 . ASP A 83  ? 0.2549 0.2140 0.2803 0.0038  0.0611  0.0448  81  ASP A OD2 
563 N N   . ILE A 84  ? 0.0521 0.1613 0.1095 0.0136  0.0197  0.0252  82  ILE A N   
564 C CA  . ILE A 84  ? 0.0517 0.1551 0.1073 0.0087  0.0160  0.0418  82  ILE A CA  
565 C C   . ILE A 84  ? 0.0705 0.1583 0.1159 0.0095  0.0039  0.0477  82  ILE A C   
566 O O   . ILE A 84  ? 0.1024 0.1669 0.1405 0.0265  0.0195  0.0494  82  ILE A O   
567 C CB  . ILE A 84  ? 0.0652 0.1541 0.1145 0.0048  0.0102  0.0395  82  ILE A CB  
568 C CG1 . ILE A 84  ? 0.0903 0.1555 0.1592 0.0072  -0.0019 0.0153  82  ILE A CG1 
569 C CG2 . ILE A 84  ? 0.0638 0.1677 0.1349 0.0015  0.0325  0.0345  82  ILE A CG2 
570 C CD1 . ILE A 84  ? 0.0953 0.1674 0.1476 0.0016  -0.0151 0.0250  82  ILE A CD1 
571 N N   . VAL A 85  ? 0.0705 0.1265 0.1297 -0.0003 0.0170  0.0386  83  VAL A N   
572 C CA  . VAL A 85  ? 0.0783 0.1285 0.1432 -0.0104 0.0013  0.0431  83  VAL A CA  
573 C C   . VAL A 85  ? 0.0806 0.1117 0.1286 -0.0090 0.0201  0.0410  83  VAL A C   
574 O O   . VAL A 85  ? 0.1055 0.1061 0.2189 0.0060  0.0239  0.0388  83  VAL A O   
575 C CB  . VAL A 85  ? 0.1118 0.1623 0.1835 -0.0260 0.0108  0.0312  83  VAL A CB  
576 C CG1 . VAL A 85  ? 0.1181 0.1713 0.2062 -0.0193 0.0381  0.0328  83  VAL A CG1 
577 C CG2 . VAL A 85  ? 0.1426 0.1487 0.1765 -0.0250 0.0097  0.0384  83  VAL A CG2 
578 N N   . TYR A 86  ? 0.0624 0.1218 0.1101 0.0025  0.0103  0.0322  84  TYR A N   
579 C CA  . TYR A 86  ? 0.0730 0.1135 0.1127 -0.0089 0.0338  0.0196  84  TYR A CA  
580 C C   . TYR A 86  ? 0.0420 0.1086 0.1016 0.0034  0.0022  0.0287  84  TYR A C   
581 O O   . TYR A 86  ? 0.0605 0.1091 0.1271 0.0183  0.0047  0.0316  84  TYR A O   
582 C CB  . TYR A 86  ? 0.1066 0.1277 0.1235 0.0085  0.0328  0.0076  84  TYR A CB  
583 C CG  . TYR A 86  ? 0.1198 0.1414 0.1380 0.0258  0.0320  0.0214  84  TYR A CG  
584 C CD1 . TYR A 86  ? 0.1719 0.1768 0.1686 0.0571  0.0550  0.0333  84  TYR A CD1 
585 C CD2 . TYR A 86  ? 0.0942 0.1587 0.0970 0.0221  0.0334  0.0173  84  TYR A CD2 
586 C CE1 . TYR A 86  ? 0.1972 0.2144 0.1783 0.0703  0.0890  0.0357  84  TYR A CE1 
587 C CE2 . TYR A 86  ? 0.1334 0.1932 0.1414 0.0502  0.0386  0.0247  84  TYR A CE2 
588 C CZ  . TYR A 86  ? 0.1550 0.2394 0.1720 0.0729  0.0739  0.0399  84  TYR A CZ  
589 O OH  . TYR A 86  ? 0.1826 0.2983 0.2111 0.1015  0.0764  0.0330  84  TYR A OH  
590 N N   . ARG A 87  ? 0.0509 0.1144 0.0973 -0.0134 0.0025  0.0226  85  ARG A N   
591 C CA  . ARG A 87  ? 0.0536 0.1144 0.0994 -0.0111 0.0108  0.0152  85  ARG A CA  
592 C C   . ARG A 87  ? 0.0595 0.1168 0.0974 -0.0073 0.0103  0.0325  85  ARG A C   
593 O O   . ARG A 87  ? 0.0833 0.1198 0.1204 0.0158  -0.0049 0.0363  85  ARG A O   
594 C CB  . ARG A 87  ? 0.0870 0.1484 0.1350 -0.0309 0.0037  -0.0029 85  ARG A CB  
595 C CG  . ARG A 87  ? 0.0968 0.1719 0.1684 -0.0381 -0.0046 -0.0167 85  ARG A CG  
596 C CD  . ARG A 87  ? 0.1304 0.1727 0.2391 -0.0140 -0.0030 -0.0141 85  ARG A CD  
597 N NE  . ARG A 87  ? 0.1293 0.2133 0.2193 -0.0027 0.0196  -0.0298 85  ARG A NE  
598 C CZ  . ARG A 87  ? 0.1058 0.1987 0.2710 0.0180  0.0159  -0.0338 85  ARG A CZ  
599 N NH1 . ARG A 87  ? 0.1110 0.1851 0.2226 0.0348  -0.0119 0.0159  85  ARG A NH1 
600 N NH2 . ARG A 87  ? 0.1129 0.2391 0.3399 0.0254  -0.0105 -0.0776 85  ARG A NH2 
601 N N   . TYR A 88  ? 0.0514 0.1248 0.0935 -0.0031 0.0203  0.0233  86  TYR A N   
602 C CA  . TYR A 88  ? 0.0489 0.1349 0.0956 -0.0126 0.0129  0.0328  86  TYR A CA  
603 C C   . TYR A 88  ? 0.0613 0.1496 0.1101 0.0034  0.0098  0.0216  86  TYR A C   
604 O O   . TYR A 88  ? 0.0703 0.1395 0.1540 0.0098  -0.0044 0.0079  86  TYR A O   
605 C CB  . TYR A 88  ? 0.0587 0.1297 0.0877 -0.0030 0.0103  0.0144  86  TYR A CB  
606 C CG  . TYR A 88  ? 0.0599 0.1141 0.0857 -0.0044 0.0182  0.0009  86  TYR A CG  
607 C CD1 . TYR A 88  ? 0.0854 0.1242 0.0803 -0.0052 0.0011  0.0043  86  TYR A CD1 
608 C CD2 . TYR A 88  ? 0.0617 0.0997 0.0854 -0.0223 0.0099  0.0127  86  TYR A CD2 
609 C CE1 . TYR A 88  ? 0.0701 0.1313 0.0822 -0.0119 -0.0037 -0.0100 86  TYR A CE1 
610 C CE2 . TYR A 88  ? 0.0815 0.0882 0.0812 -0.0404 0.0055  0.0060  86  TYR A CE2 
611 C CZ  . TYR A 88  ? 0.0713 0.1072 0.0911 -0.0117 -0.0064 -0.0074 86  TYR A CZ  
612 O OH  . TYR A 88  ? 0.0840 0.1412 0.1152 -0.0221 -0.0055 -0.0157 86  TYR A OH  
613 N N   . THR A 89  ? 0.0508 0.1753 0.1340 0.0118  0.0113  0.0093  87  THR A N   
614 C CA  . THR A 89  ? 0.0586 0.1889 0.1400 0.0036  0.0268  0.0153  87  THR A CA  
615 C C   . THR A 89  ? 0.0601 0.2047 0.1252 -0.0096 0.0191  0.0137  87  THR A C   
616 O O   . THR A 89  ? 0.0596 0.1989 0.1237 -0.0063 0.0188  0.0239  87  THR A O   
617 C CB  . THR A 89  ? 0.0893 0.2155 0.1468 0.0461  0.0355  0.0263  87  THR A CB  
618 O OG1 . THR A 89  ? 0.0943 0.2411 0.1539 0.0383  0.0362  0.0057  87  THR A OG1 
619 C CG2 . THR A 89  ? 0.1142 0.2505 0.1725 0.0345  0.0222  0.0299  87  THR A CG2 
620 N N   . GLN A 90  ? 0.0766 0.2267 0.1416 -0.0324 0.0246  0.0159  88  GLN A N   
621 C CA  . GLN A 90  ? 0.0964 0.2326 0.1605 -0.0427 0.0202  0.0213  88  GLN A CA  
622 C C   . GLN A 90  ? 0.0858 0.2013 0.1467 -0.0241 0.0397  0.0231  88  GLN A C   
623 O O   . GLN A 90  ? 0.0908 0.1912 0.1360 -0.0223 0.0254  0.0327  88  GLN A O   
624 C CB  . GLN A 90  ? 0.1659 0.2722 0.1945 -0.0708 0.0531  0.0093  88  GLN A CB  
625 C CG  . GLN A 90  ? 0.2495 0.3204 0.2892 -0.0412 0.0458  -0.0263 88  GLN A CG  
626 C CD  . GLN A 90  ? 0.3170 0.3528 0.3641 -0.0201 0.0526  -0.0495 88  GLN A CD  
627 O OE1 . GLN A 90  ? 0.3454 0.3692 0.3789 -0.0141 0.0851  -0.0678 88  GLN A OE1 
628 N NE2 . GLN A 90  ? 0.3309 0.3553 0.4106 -0.0004 0.0275  -0.0514 88  GLN A NE2 
629 N N   A THR A 91  ? 0.0663 0.1945 0.1360 -0.0162 0.0296  0.0186  89  THR A N   
630 N N   B THR A 91  ? 0.0786 0.2049 0.1507 -0.0220 0.0348  0.0234  89  THR A N   
631 C CA  A THR A 91  ? 0.0629 0.2023 0.1345 0.0023  0.0287  0.0073  89  THR A CA  
632 C CA  B THR A 91  ? 0.0904 0.2186 0.1634 -0.0094 0.0378  0.0158  89  THR A CA  
633 C C   A THR A 91  ? 0.0663 0.1905 0.1081 0.0084  0.0306  0.0057  89  THR A C   
634 C C   B THR A 91  ? 0.0769 0.2017 0.1209 0.0033  0.0386  0.0105  89  THR A C   
635 O O   A THR A 91  ? 0.0878 0.2040 0.1165 0.0079  0.0354  0.0023  89  THR A O   
636 O O   B THR A 91  ? 0.0972 0.2121 0.1229 0.0032  0.0459  0.0066  89  THR A O   
637 C CB  A THR A 91  ? 0.0612 0.2148 0.1520 0.0101  0.0211  0.0067  89  THR A CB  
638 C CB  B THR A 91  ? 0.1156 0.2470 0.2150 -0.0123 0.0345  0.0202  89  THR A CB  
639 O OG1 A THR A 91  ? 0.0842 0.2510 0.1947 0.0094  -0.0053 0.0061  89  THR A OG1 
640 O OG1 B THR A 91  ? 0.1517 0.2578 0.2689 -0.0042 0.0280  0.0108  89  THR A OG1 
641 C CG2 A THR A 91  ? 0.0595 0.2077 0.1633 0.0242  0.0084  -0.0029 89  THR A CG2 
642 C CG2 B THR A 91  ? 0.1298 0.2664 0.2370 -0.0179 0.0126  0.0212  89  THR A CG2 
643 N N   . GLN A 92  ? 0.0600 0.1704 0.1222 0.0093  0.0331  0.0078  90  GLN A N   
644 C CA  . GLN A 92  ? 0.0587 0.1510 0.1147 0.0095  0.0298  0.0123  90  GLN A CA  
645 C C   . GLN A 92  ? 0.0535 0.1537 0.1007 0.0043  0.0188  0.0096  90  GLN A C   
646 O O   . GLN A 92  ? 0.0795 0.1577 0.0991 -0.0008 0.0031  0.0098  90  GLN A O   
647 C CB  . GLN A 92  ? 0.0874 0.1243 0.1323 0.0286  0.0283  0.0325  90  GLN A CB  
648 C CG  . GLN A 92  ? 0.1039 0.1134 0.1507 0.0354  0.0369  0.0292  90  GLN A CG  
649 C CD  . GLN A 92  ? 0.1099 0.1284 0.1470 0.0317  0.0242  0.0310  90  GLN A CD  
650 O OE1 . GLN A 92  ? 0.0746 0.1654 0.1580 0.0252  0.0243  0.0164  90  GLN A OE1 
651 N NE2 . GLN A 92  ? 0.1964 0.1449 0.1855 0.0107  0.0171  0.0316  90  GLN A NE2 
652 N N   . VAL A 93  ? 0.0579 0.1461 0.1141 0.0159  0.0340  0.0077  91  VAL A N   
653 C CA  . VAL A 93  ? 0.0863 0.1466 0.0994 0.0028  0.0390  0.0105  91  VAL A CA  
654 C C   . VAL A 93  ? 0.0752 0.1461 0.0900 -0.0031 0.0356  0.0287  91  VAL A C   
655 O O   . VAL A 93  ? 0.0848 0.1542 0.1042 0.0048  0.0111  0.0291  91  VAL A O   
656 C CB  . VAL A 93  ? 0.0977 0.1408 0.1051 0.0100  0.0357  0.0118  91  VAL A CB  
657 C CG1 . VAL A 93  ? 0.1214 0.1349 0.1354 0.0117  0.0322  0.0117  91  VAL A CG1 
658 C CG2 . VAL A 93  ? 0.1114 0.1771 0.1128 -0.0038 0.0597  0.0124  91  VAL A CG2 
659 N N   . ASP A 94  ? 0.0897 0.1606 0.0995 -0.0091 0.0483  0.0168  92  ASP A N   
660 C CA  . ASP A 94  ? 0.0777 0.1916 0.1251 -0.0144 0.0414  0.0151  92  ASP A CA  
661 C C   . ASP A 94  ? 0.0885 0.1703 0.1103 -0.0109 0.0365  0.0257  92  ASP A C   
662 O O   . ASP A 94  ? 0.1260 0.1860 0.1025 -0.0103 0.0327  0.0283  92  ASP A O   
663 C CB  . ASP A 94  ? 0.1040 0.2228 0.1207 -0.0202 0.0458  0.0261  92  ASP A CB  
664 C CG  . ASP A 94  ? 0.1559 0.2442 0.1446 -0.0298 0.0528  0.0369  92  ASP A CG  
665 O OD1 . ASP A 94  ? 0.1810 0.2461 0.2068 -0.0519 0.0406  0.0404  92  ASP A OD1 
666 O OD2 . ASP A 94  ? 0.1777 0.2721 0.1444 -0.0256 0.0739  0.0398  92  ASP A OD2 
667 N N   . TRP A 95  ? 0.0829 0.1481 0.1222 -0.0099 0.0425  0.0114  93  TRP A N   
668 C CA  . TRP A 95  ? 0.1040 0.1531 0.1501 -0.0071 0.0340  -0.0048 93  TRP A CA  
669 C C   . TRP A 95  ? 0.0926 0.1692 0.0988 -0.0198 0.0303  0.0068  93  TRP A C   
670 O O   . TRP A 95  ? 0.1315 0.1726 0.1005 -0.0119 0.0302  0.0125  93  TRP A O   
671 C CB  . TRP A 95  ? 0.1397 0.1523 0.1658 -0.0119 0.0222  -0.0086 93  TRP A CB  
672 C CG  . TRP A 95  ? 0.1666 0.1756 0.1572 -0.0156 0.0499  -0.0280 93  TRP A CG  
673 C CD1 . TRP A 95  ? 0.1811 0.2103 0.1922 -0.0152 0.0362  -0.0588 93  TRP A CD1 
674 C CD2 . TRP A 95  ? 0.1664 0.1793 0.1862 -0.0263 0.0451  -0.0279 93  TRP A CD2 
675 N NE1 . TRP A 95  ? 0.1988 0.2257 0.2326 -0.0270 0.0492  -0.0656 93  TRP A NE1 
676 C CE2 . TRP A 95  ? 0.1914 0.2139 0.2248 -0.0261 0.0399  -0.0507 93  TRP A CE2 
677 C CE3 . TRP A 95  ? 0.1653 0.1911 0.1782 -0.0451 0.0420  -0.0215 93  TRP A CE3 
678 C CZ2 . TRP A 95  ? 0.2172 0.2304 0.2354 -0.0291 0.0324  -0.0589 93  TRP A CZ2 
679 C CZ3 . TRP A 95  ? 0.1928 0.2031 0.1902 -0.0452 0.0253  -0.0394 93  TRP A CZ3 
680 C CH2 . TRP A 95  ? 0.2160 0.2288 0.2262 -0.0349 0.0236  -0.0614 93  TRP A CH2 
681 N N   . LEU A 96  ? 0.0696 0.1487 0.1122 -0.0016 0.0353  0.0145  94  LEU A N   
682 C CA  . LEU A 96  ? 0.0817 0.1470 0.0985 0.0020  0.0245  0.0201  94  LEU A CA  
683 C C   . LEU A 96  ? 0.1068 0.1502 0.1164 -0.0078 0.0111  0.0275  94  LEU A C   
684 O O   . LEU A 96  ? 0.1208 0.1795 0.1199 -0.0080 -0.0121 0.0293  94  LEU A O   
685 C CB  . LEU A 96  ? 0.0963 0.1525 0.1010 0.0130  0.0278  0.0181  94  LEU A CB  
686 C CG  . LEU A 96  ? 0.0994 0.1538 0.0994 -0.0105 0.0192  0.0199  94  LEU A CG  
687 C CD1 . LEU A 96  ? 0.1195 0.1686 0.0874 -0.0114 0.0327  0.0099  94  LEU A CD1 
688 C CD2 . LEU A 96  ? 0.1191 0.1489 0.1357 -0.0255 0.0074  0.0030  94  LEU A CD2 
689 N N   . LEU A 97  ? 0.1238 0.1308 0.1013 -0.0193 0.0312  0.0283  95  LEU A N   
690 C CA  . LEU A 97  ? 0.1450 0.1479 0.1275 -0.0137 0.0214  0.0414  95  LEU A CA  
691 C C   . LEU A 97  ? 0.1610 0.1872 0.1317 -0.0158 0.0116  0.0434  95  LEU A C   
692 O O   . LEU A 97  ? 0.1822 0.2111 0.1484 -0.0148 0.0038  0.0558  95  LEU A O   
693 C CB  . LEU A 97  ? 0.1339 0.1480 0.1478 -0.0050 0.0376  0.0319  95  LEU A CB  
694 C CG  . LEU A 97  ? 0.1240 0.1576 0.1649 0.0009  0.0360  0.0167  95  LEU A CG  
695 C CD1 . LEU A 97  ? 0.1234 0.1681 0.1701 -0.0085 0.0201  0.0119  95  LEU A CD1 
696 C CD2 . LEU A 97  ? 0.1221 0.1560 0.1992 0.0004  0.0320  0.0204  95  LEU A CD2 
697 N N   . ARG A 98  ? 0.1873 0.2164 0.0937 -0.0315 0.0363  0.0465  96  ARG A N   
698 C CA  . ARG A 98  ? 0.2298 0.2320 0.1223 -0.0311 0.0262  0.0537  96  ARG A CA  
699 C C   . ARG A 98  ? 0.2388 0.2477 0.1356 -0.0306 0.0089  0.0487  96  ARG A C   
700 O O   . ARG A 98  ? 0.2552 0.2654 0.1395 -0.0397 0.0083  0.0474  96  ARG A O   
701 C CB  . ARG A 98  ? 0.2877 0.2847 0.1580 -0.0351 0.0557  0.0252  96  ARG A CB  
702 C CG  . ARG A 98  ? 0.3708 0.3215 0.2607 -0.0371 0.0575  0.0261  96  ARG A CG  
703 C CD  . ARG A 98  ? 0.4311 0.3646 0.3193 -0.0393 0.0714  0.0103  96  ARG A CD  
704 N NE  . ARG A 98  ? 0.4718 0.3696 0.3507 -0.0404 0.1005  0.0210  96  ARG A NE  
705 C CZ  . ARG A 98  ? 0.5118 0.3644 0.3285 -0.0497 0.1132  0.0452  96  ARG A CZ  
706 N NH1 . ARG A 98  ? 0.4972 0.3146 0.2728 -0.0435 0.1236  0.0971  96  ARG A NH1 
707 N NH2 . ARG A 98  ? 0.5389 0.3899 0.3424 -0.0482 0.0848  0.0402  96  ARG A NH2 
708 N N   . LYS A 99  ? 0.2296 0.2628 0.1389 -0.0419 0.0109  0.0350  97  LYS A N   
709 C CA  . LYS A 99  ? 0.2456 0.2948 0.1271 -0.0300 -0.0195 0.0234  97  LYS A CA  
710 C C   . LYS A 99  ? 0.2395 0.3051 0.1382 -0.0313 -0.0399 0.0387  97  LYS A C   
711 O O   . LYS A 99  ? 0.2627 0.3399 0.1780 -0.0396 -0.0602 0.0176  97  LYS A O   
712 C CB  . LYS A 99  ? 0.2800 0.3069 0.1583 -0.0174 -0.0171 -0.0048 97  LYS A CB  
713 C CG  . LYS A 99  ? 0.3266 0.3360 0.1997 -0.0056 -0.0131 -0.0321 97  LYS A CG  
714 C CD  . LYS A 99  ? 0.3807 0.3588 0.2686 0.0086  -0.0127 -0.0458 97  LYS A CD  
715 C CE  . LYS A 99  ? 0.4158 0.3762 0.3136 0.0168  -0.0165 -0.0616 97  LYS A CE  
716 N NZ  . LYS A 99  ? 0.4383 0.3952 0.3447 0.0151  -0.0185 -0.0761 97  LYS A NZ  
717 N N   . GLY A 100 ? 0.2127 0.2790 0.1273 -0.0307 -0.0435 0.0701  98  GLY A N   
718 C CA  . GLY A 100 ? 0.2123 0.2865 0.1423 -0.0387 -0.0416 0.0794  98  GLY A CA  
719 C C   . GLY A 100 ? 0.1916 0.2875 0.1682 -0.0396 -0.0458 0.0848  98  GLY A C   
720 O O   . GLY A 100 ? 0.2053 0.3124 0.2114 -0.0222 -0.0623 0.0824  98  GLY A O   
721 N N   . LYS A 101 ? 0.1621 0.2642 0.1510 -0.0442 -0.0344 0.0911  99  LYS A N   
722 C CA  . LYS A 101 ? 0.1430 0.2646 0.1644 -0.0317 -0.0140 0.0757  99  LYS A CA  
723 C C   . LYS A 101 ? 0.1207 0.2497 0.1900 -0.0153 0.0047  0.0695  99  LYS A C   
724 O O   . LYS A 101 ? 0.1104 0.2608 0.2228 -0.0102 0.0048  0.0767  99  LYS A O   
725 C CB  . LYS A 101 ? 0.1829 0.2751 0.1774 -0.0165 -0.0186 0.0700  99  LYS A CB  
726 C CG  . LYS A 101 ? 0.2516 0.3252 0.2361 -0.0292 -0.0184 0.0359  99  LYS A CG  
727 C CD  . LYS A 101 ? 0.3234 0.3550 0.2922 -0.0225 -0.0247 0.0127  99  LYS A CD  
728 C CE  . LYS A 101 ? 0.3673 0.3861 0.3143 -0.0217 -0.0204 -0.0132 99  LYS A CE  
729 N NZ  . LYS A 101 ? 0.3892 0.4034 0.3518 -0.0208 -0.0175 -0.0278 99  LYS A NZ  
730 N N   . ILE A 102 ? 0.1140 0.2273 0.1871 -0.0038 -0.0070 0.0593  100 ILE A N   
731 C CA  . ILE A 102 ? 0.1548 0.2083 0.1870 -0.0071 0.0109  0.0733  100 ILE A CA  
732 C C   . ILE A 102 ? 0.1655 0.1935 0.2047 0.0083  0.0310  0.0773  100 ILE A C   
733 O O   . ILE A 102 ? 0.1898 0.2051 0.1876 0.0237  0.0434  0.0681  100 ILE A O   
734 C CB  . ILE A 102 ? 0.1922 0.2043 0.1988 -0.0206 0.0144  0.0762  100 ILE A CB  
735 C CG1 . ILE A 102 ? 0.1966 0.2169 0.2091 -0.0167 -0.0150 0.0645  100 ILE A CG1 
736 C CG2 . ILE A 102 ? 0.2345 0.2063 0.1996 -0.0440 0.0183  0.0789  100 ILE A CG2 
737 C CD1 . ILE A 102 ? 0.2186 0.2496 0.2175 -0.0367 0.0013  0.0492  100 ILE A CD1 
738 N N   . THR A 103 ? 0.1855 0.1791 0.2253 0.0199  0.0399  0.0824  101 THR A N   
739 C CA  . THR A 103 ? 0.2025 0.1742 0.2361 0.0343  0.0502  0.0860  101 THR A CA  
740 C C   . THR A 103 ? 0.1886 0.1606 0.2589 0.0255  0.0637  0.0913  101 THR A C   
741 O O   . THR A 103 ? 0.1913 0.1666 0.2348 0.0366  0.0777  0.0769  101 THR A O   
742 C CB  . THR A 103 ? 0.2290 0.2250 0.2356 0.0479  0.0230  0.0740  101 THR A CB  
743 O OG1 . THR A 103 ? 0.2228 0.2347 0.2230 0.0656  0.0342  0.0720  101 THR A OG1 
744 C CG2 . THR A 103 ? 0.2559 0.2565 0.2220 0.0445  0.0158  0.0653  101 THR A CG2 
745 N N   . GLN A 104 ? 0.1947 0.1736 0.2959 0.0089  0.0834  0.0883  102 GLN A N   
746 C CA  . GLN A 104 ? 0.1949 0.1989 0.3396 -0.0247 0.0945  0.0755  102 GLN A CA  
747 C C   . GLN A 104 ? 0.1904 0.2001 0.3669 -0.0245 0.0862  0.0658  102 GLN A C   
748 O O   . GLN A 104 ? 0.1647 0.2121 0.3695 -0.0405 0.0842  0.0540  102 GLN A O   
749 C CB  . GLN A 104 ? 0.2291 0.2240 0.3530 -0.0568 0.1022  0.0739  102 GLN A CB  
750 C CG  . GLN A 104 ? 0.2543 0.2495 0.3817 -0.0739 0.0890  0.0632  102 GLN A CG  
751 C CD  . GLN A 104 ? 0.2750 0.2957 0.4145 -0.0745 0.0653  0.0275  102 GLN A CD  
752 O OE1 . GLN A 104 ? 0.3088 0.3317 0.4150 -0.0720 0.0554  0.0117  102 GLN A OE1 
753 N NE2 . GLN A 104 ? 0.2579 0.2862 0.4377 -0.0787 0.0616  0.0122  102 GLN A NE2 
754 N N   . GLU A 105 ? 0.2031 0.1810 0.3904 -0.0290 0.0964  0.0706  103 GLU A N   
755 C CA  . GLU A 105 ? 0.2329 0.1966 0.4002 -0.0269 0.0826  0.0646  103 GLU A CA  
756 C C   . GLU A 105 ? 0.2009 0.1829 0.3867 -0.0314 0.0818  0.0366  103 GLU A C   
757 O O   . GLU A 105 ? 0.2032 0.1826 0.4161 -0.0170 0.0728  0.0115  103 GLU A O   
758 C CB  . GLU A 105 ? 0.2927 0.2304 0.4273 -0.0087 0.0629  0.0857  103 GLU A CB  
759 C CG  . GLU A 105 ? 0.3408 0.3048 0.4535 0.0105  0.0346  0.0702  103 GLU A CG  
760 C CD  . GLU A 105 ? 0.3809 0.3437 0.4725 0.0324  0.0098  0.0749  103 GLU A CD  
761 O OE1 . GLU A 105 ? 0.3855 0.2937 0.4488 0.0353  0.0242  0.1212  103 GLU A OE1 
762 O OE2 . GLU A 105 ? 0.4031 0.3949 0.4926 0.0432  -0.0121 0.0549  103 GLU A OE2 
763 N N   . PHE A 106 ? 0.1784 0.1679 0.3361 -0.0296 0.0688  0.0366  104 PHE A N   
764 C CA  . PHE A 106 ? 0.1703 0.1835 0.2700 -0.0453 0.0649  0.0253  104 PHE A CA  
765 C C   . PHE A 106 ? 0.1487 0.1949 0.2735 -0.0483 0.0771  0.0196  104 PHE A C   
766 O O   . PHE A 106 ? 0.1332 0.2097 0.2474 -0.0491 0.0734  -0.0038 104 PHE A O   
767 C CB  . PHE A 106 ? 0.1763 0.2031 0.2181 -0.0856 0.0500  0.0184  104 PHE A CB  
768 C CG  . PHE A 106 ? 0.1699 0.2466 0.1755 -0.0950 0.0365  0.0007  104 PHE A CG  
769 C CD1 . PHE A 106 ? 0.1805 0.2606 0.2078 -0.1046 0.0385  -0.0082 104 PHE A CD1 
770 C CD2 . PHE A 106 ? 0.1660 0.2552 0.1682 -0.1001 0.0236  0.0077  104 PHE A CD2 
771 C CE1 . PHE A 106 ? 0.1841 0.2644 0.1981 -0.1098 0.0317  -0.0036 104 PHE A CE1 
772 C CE2 . PHE A 106 ? 0.1552 0.2660 0.1672 -0.0879 0.0150  0.0054  104 PHE A CE2 
773 C CZ  . PHE A 106 ? 0.1657 0.2775 0.1878 -0.0934 0.0110  -0.0004 104 PHE A CZ  
774 N N   . LEU A 107 ? 0.1615 0.2036 0.2831 -0.0398 0.0899  0.0293  105 LEU A N   
775 C CA  . LEU A 107 ? 0.1883 0.2354 0.3270 -0.0361 0.0938  0.0288  105 LEU A CA  
776 C C   . LEU A 107 ? 0.2120 0.2891 0.3752 -0.0476 0.0515  0.0133  105 LEU A C   
777 O O   . LEU A 107 ? 0.1938 0.3121 0.3596 -0.0561 0.0424  0.0093  105 LEU A O   
778 C CB  . LEU A 107 ? 0.2073 0.2370 0.3149 -0.0333 0.1302  0.0373  105 LEU A CB  
779 C CG  . LEU A 107 ? 0.2478 0.2261 0.3043 -0.0391 0.1377  0.0455  105 LEU A CG  
780 C CD1 . LEU A 107 ? 0.2526 0.2090 0.2900 -0.0165 0.1444  0.0469  105 LEU A CD1 
781 C CD2 . LEU A 107 ? 0.2770 0.2081 0.3252 -0.0345 0.1457  0.0521  105 LEU A CD2 
782 N N   . THR A 108 ? 0.2587 0.2880 0.4317 -0.0538 0.0246  0.0165  106 THR A N   
783 C CA  . THR A 108 ? 0.3301 0.3158 0.4939 -0.0654 0.0093  0.0023  106 THR A CA  
784 C C   . THR A 108 ? 0.3804 0.3341 0.5341 -0.0726 0.0162  -0.0140 106 THR A C   
785 O O   . THR A 108 ? 0.3967 0.3636 0.5337 -0.0798 0.0089  -0.0221 106 THR A O   
786 C CB  . THR A 108 ? 0.3395 0.3239 0.5218 -0.0677 -0.0085 0.0038  106 THR A CB  
787 O OG1 . THR A 108 ? 0.3782 0.3513 0.5433 -0.0540 -0.0217 -0.0072 106 THR A OG1 
788 C CG2 . THR A 108 ? 0.3276 0.3068 0.5275 -0.0802 -0.0028 0.0135  106 THR A CG2 
789 N N   . GLY A 109 ? 0.4074 0.3245 0.5705 -0.0718 0.0279  -0.0171 107 GLY A N   
790 C CA  . GLY A 109 ? 0.4408 0.3355 0.6103 -0.0686 0.0345  -0.0243 107 GLY A CA  
791 C C   . GLY A 109 ? 0.4710 0.3583 0.6450 -0.0639 0.0387  -0.0361 107 GLY A C   
792 O O   . GLY A 109 ? 0.4842 0.3676 0.6516 -0.0678 0.0426  -0.0369 107 GLY A O   
793 O O   . HOH B .   ? 0.0708 0.1888 0.1985 0.0360  0.0109  -0.0226 201 HOH A O   
794 O O   . HOH B .   ? 0.1782 0.1883 0.2679 -0.0286 0.0475  -0.0033 202 HOH A O   
795 O O   . HOH B .   ? 0.3119 0.3107 0.2581 -0.1585 -0.1090 0.1313  203 HOH A O   
796 O O   . HOH B .   ? 0.1697 0.2706 0.2775 0.0635  0.0318  -0.0595 204 HOH A O   
797 O O   . HOH B .   ? 0.1800 0.2671 0.2616 0.0007  -0.0674 -0.0540 205 HOH A O   
798 O O   . HOH B .   ? 0.2238 0.2349 0.3059 0.1237  -0.0045 0.0583  206 HOH A O   
799 O O   . HOH B .   ? 0.2520 0.2735 0.3816 0.1197  -0.1150 -0.0332 207 HOH A O   
800 O O   . HOH B .   ? 0.1832 0.3929 0.2456 -0.1025 -0.0294 0.1194  208 HOH A O   
801 O O   . HOH B .   ? 0.2077 0.2618 0.2266 -0.0124 0.0505  0.0741  209 HOH A O   
802 O O   . HOH B .   ? 0.1185 0.3373 0.2597 0.0450  0.0298  0.1138  210 HOH A O   
803 O O   . HOH B .   ? 0.1332 0.2950 0.1950 0.0692  -0.0176 -0.0177 211 HOH A O   
804 O O   . HOH B .   ? 0.2643 0.3042 0.2692 -0.0097 0.0817  0.0865  212 HOH A O   
805 O O   . HOH B .   ? 0.1829 0.4879 0.2097 0.0390  -0.0038 0.1425  213 HOH A O   
806 O O   . HOH B .   ? 0.2515 0.3385 0.2581 0.1392  -0.0284 -0.0647 214 HOH A O   
807 O O   . HOH B .   ? 0.3687 0.2415 0.3104 0.0752  0.0205  -0.0900 215 HOH A O   
808 O O   . HOH B .   ? 0.2249 0.4096 0.2532 0.1059  -0.0329 0.0225  216 HOH A O   
809 O O   . HOH B .   ? 0.3009 0.1971 0.3759 -0.0044 -0.1355 -0.0213 217 HOH A O   
810 O O   . HOH B .   ? 0.2695 0.1981 0.3178 -0.0175 0.0305  -0.0463 218 HOH A O   
811 O O   . HOH B .   ? 0.4074 0.4372 0.3028 0.1930  -0.1196 -0.1740 219 HOH A O   
812 O O   . HOH B .   ? 0.2155 0.2229 0.4628 0.0018  -0.1544 0.0391  220 HOH A O   
813 O O   . HOH B .   ? 0.1823 0.2937 0.2881 -0.0358 0.0725  -0.0516 221 HOH A O   
814 O O   . HOH B .   ? 0.1930 0.3428 0.2485 0.0171  -0.0007 0.0039  222 HOH A O   
815 O O   . HOH B .   ? 0.4877 0.2580 0.4418 -0.1779 -0.0766 -0.0075 223 HOH A O   
816 O O   . HOH B .   ? 0.2788 0.4147 0.4037 0.0761  -0.1262 -0.2158 224 HOH A O   
817 O O   . HOH B .   ? 0.2654 0.3994 0.1808 -0.0029 -0.0123 0.0861  225 HOH A O   
818 O O   . HOH B .   ? 0.2808 0.2407 0.3182 -0.0514 0.0479  0.0756  226 HOH A O   
819 O O   . HOH B .   ? 0.4281 0.2781 0.2413 -0.0293 -0.0650 0.0084  227 HOH A O   
820 O O   . HOH B .   ? 0.3463 0.3811 0.3009 -0.0247 0.0692  -0.0856 228 HOH A O   
821 O O   . HOH B .   ? 0.2983 0.4397 0.4864 0.1462  0.1665  0.1917  229 HOH A O   
822 O O   . HOH B .   ? 0.2463 0.3429 0.4854 -0.0133 0.1206  0.0210  230 HOH A O   
823 O O   . HOH B .   ? 0.2797 0.4262 0.3666 0.0737  -0.0220 -0.0557 231 HOH A O   
824 O O   . HOH B .   ? 0.3073 0.3261 0.3277 -0.0277 0.0710  0.0199  232 HOH A O   
825 O O   . HOH B .   ? 0.3565 0.4121 0.2452 0.2190  0.0171  -0.0266 233 HOH A O   
826 O O   . HOH B .   ? 0.3451 0.4240 0.4058 -0.0429 -0.1966 0.0553  234 HOH A O   
827 O O   . HOH B .   ? 0.2094 0.3186 0.2948 -0.0475 0.0839  -0.0649 235 HOH A O   
828 O O   . HOH B .   ? 0.3548 0.3252 0.3526 -0.0830 0.0463  -0.0754 236 HOH A O   
829 O O   . HOH B .   ? 0.2858 0.2970 0.5859 0.0552  -0.1355 0.0039  237 HOH A O   
830 O O   . HOH B .   ? 0.4252 0.2480 0.6569 -0.1176 -0.1334 0.0097  238 HOH A O   
831 O O   . HOH B .   ? 0.5380 0.4454 0.3248 -0.2645 0.1072  -0.0195 239 HOH A O   
832 O O   . HOH B .   ? 0.6381 0.2800 0.3517 0.0237  -0.2252 -0.0626 240 HOH A O   
833 O O   . HOH B .   ? 0.4644 0.5129 0.2650 0.2295  -0.0800 -0.0257 241 HOH A O   
834 O O   . HOH B .   ? 0.5371 0.2934 0.4098 0.0269  0.0707  -0.1138 242 HOH A O   
835 O O   . HOH B .   ? 0.3175 0.3099 0.4010 0.0816  -0.0472 -0.0032 243 HOH A O   
836 O O   . HOH B .   ? 0.2913 0.4105 0.2993 0.0467  0.0490  0.0314  244 HOH A O   
837 O O   . HOH B .   ? 0.6231 0.2783 0.3281 -0.0734 -0.0427 0.0309  245 HOH A O   
838 O O   . HOH B .   ? 0.6380 0.2439 0.4178 -0.0147 0.0538  -0.0077 246 HOH A O   
839 O O   . HOH B .   ? 0.3939 0.3134 0.4860 -0.0221 0.1330  0.0671  247 HOH A O   
840 O O   . HOH B .   ? 0.5411 0.4072 0.3151 0.0803  0.0273  -0.1302 248 HOH A O   
841 O O   . HOH B .   ? 0.2917 0.3646 0.3789 -0.0391 -0.0750 -0.0339 249 HOH A O   
842 O O   . HOH B .   ? 0.3381 0.3108 0.7401 0.1252  0.0869  -0.0027 250 HOH A O   
843 O O   . HOH B .   ? 0.1910 0.4611 0.3511 0.0532  0.0149  -0.0813 251 HOH A O   
844 O O   . HOH B .   ? 0.2673 0.7185 0.3266 -0.1553 0.0724  -0.0639 252 HOH A O   
845 O O   . HOH B .   ? 0.5606 0.4967 0.4073 -0.2969 0.0168  0.0290  253 HOH A O   
846 O O   . HOH B .   ? 0.2096 0.4541 0.5599 0.0980  -0.1026 0.0211  254 HOH A O   
847 O O   . HOH B .   ? 0.3220 0.3301 0.3162 0.0056  0.1175  0.0475  255 HOH A O   
848 O O   . HOH B .   ? 0.5789 0.2903 0.4785 0.1070  0.2017  0.0232  256 HOH A O   
849 O O   . HOH B .   ? 0.4066 0.5419 0.5886 0.1845  -0.1867 0.0769  257 HOH A O   
850 O O   . HOH B .   ? 0.5007 0.5381 0.8761 -0.2626 -0.0952 0.1485  258 HOH A O   
851 O O   . HOH B .   ? 0.6357 0.2695 0.4869 0.0606  0.0308  0.0954  259 HOH A O   
852 O O   . HOH B .   ? 0.3458 0.3779 0.3712 0.1584  -0.0647 -0.1242 260 HOH A O   
853 O O   . HOH B .   ? 0.5463 0.3986 0.4695 -0.1391 0.1146  0.0212  261 HOH A O   
854 O O   . HOH B .   ? 0.3676 0.3436 0.8057 -0.0098 0.1623  0.1023  262 HOH A O   
855 O O   . HOH B .   ? 0.4714 0.5700 0.2497 -0.2811 0.0974  -0.1106 263 HOH A O   
856 O O   . HOH B .   ? 0.3910 0.6208 0.3688 0.0614  -0.0753 -0.1019 264 HOH A O   
857 O O   . HOH B .   ? 0.4185 0.3185 0.6742 -0.1158 0.1685  -0.0611 265 HOH A O   
858 O O   . HOH B .   ? 0.4672 0.3576 0.4652 -0.0762 0.2210  -0.1234 266 HOH A O   
859 O O   . HOH B .   ? 0.5268 0.3281 0.6176 -0.0431 0.0242  0.0304  267 HOH A O   
860 O O   . HOH B .   ? 0.5976 0.5298 0.5292 -0.1509 -0.0944 -0.0489 268 HOH A O   
861 O O   . HOH B .   ? 0.2378 0.3831 0.6817 0.1018  0.0168  -0.0903 269 HOH A O   
862 O O   . HOH B .   ? 0.5082 0.5394 0.3611 0.1351  -0.0703 0.0180  270 HOH A O   
863 O O   . HOH B .   ? 0.5407 0.4545 0.2596 0.0168  -0.0137 0.1359  271 HOH A O   
864 O O   . HOH B .   ? 0.7767 0.5804 0.4738 0.0667  -0.1875 -0.0077 272 HOH A O   
865 O O   . HOH B .   ? 0.3031 0.4586 0.8126 0.1274  0.1241  0.1421  273 HOH A O   
866 O O   . HOH B .   ? 0.5048 0.5542 0.6371 0.0722  0.0038  -0.1649 274 HOH A O   
867 O O   . HOH B .   ? 0.5432 0.5130 0.7313 0.0616  -0.2688 0.1530  275 HOH A O   
868 O O   . HOH B .   ? 0.4232 0.4718 0.3211 -0.1334 0.1007  0.0404  276 HOH A O   
869 O O   . HOH B .   ? 0.4901 0.6769 0.4202 -0.3133 -0.1376 0.1812  277 HOH A O   
870 O O   . HOH B .   ? 0.2483 0.7647 0.2790 -0.1122 0.0533  -0.1287 278 HOH A O   
871 O O   . HOH B .   ? 0.6303 0.6150 0.5498 0.2041  0.1843  0.0490  279 HOH A O   
872 O O   . HOH B .   ? 0.5293 0.7631 0.5534 -0.0655 -0.0766 -0.1093 280 HOH A O   
873 O O   . HOH B .   ? 0.6905 0.6562 0.5234 0.0012  -0.1508 -0.0902 281 HOH A O   
874 O O   . HOH B .   ? 0.6690 0.8219 0.2859 0.0843  0.0241  0.1827  282 HOH A O   
875 O O   . HOH B .   ? 0.7780 0.6592 0.8268 -0.1152 0.0112  0.0086  283 HOH A O   
876 O O   . HOH B .   ? 0.5299 0.5863 0.4596 0.2479  -0.0409 0.0996  284 HOH A O   
877 O O   . HOH B .   ? 0.6740 0.5291 0.7147 -0.1346 -0.0365 0.1063  285 HOH A O   
878 O O   . HOH B .   ? 0.7857 0.6262 0.3650 -0.0286 0.1137  -0.1236 286 HOH A O   
879 O O   . HOH B .   ? 0.4407 0.7504 0.2536 0.2409  0.0083  0.0937  287 HOH A O   
880 O O   . HOH B .   ? 0.2351 0.6469 0.6611 0.1304  -0.1041 0.0303  288 HOH A O   
881 O O   . HOH B .   ? 0.4731 0.3602 0.6209 0.2229  0.0890  -0.0116 289 HOH A O   
882 O O   . HOH B .   ? 0.8411 0.4988 0.7204 0.0469  0.1189  -0.0105 290 HOH A O   
883 O O   . HOH B .   ? 0.5931 0.5864 0.8206 -0.1799 0.2791  0.0470  291 HOH A O   
884 O O   . HOH B .   ? 0.5688 0.8040 0.6285 -0.1865 -0.0499 -0.1619 292 HOH A O   
885 O O   . HOH B .   ? 0.4026 0.4060 0.7720 0.2021  0.0577  -0.0162 293 HOH A O   
886 O O   . HOH B .   ? 0.4160 0.3024 0.3530 -0.0845 0.1020  -0.0308 294 HOH A O   
887 O O   . HOH B .   ? 0.4466 0.2822 0.4703 0.0433  0.1063  0.1330  295 HOH A O   
888 O O   . HOH B .   ? 0.3478 0.7113 0.4321 -0.0079 0.0589  0.0270  296 HOH A O   
889 O O   . HOH B .   ? 0.4888 0.7133 0.5523 0.1551  -0.2617 -0.0422 297 HOH A O   
890 O O   . HOH B .   ? 0.5268 0.8169 0.4900 -0.1973 -0.0418 0.0533  298 HOH A O   
891 O O   . HOH B .   ? 0.6117 0.4905 0.6948 -0.1060 0.0273  -0.0199 299 HOH A O   
892 O O   . HOH B .   ? 0.5762 0.7887 0.2345 -0.0941 -0.0104 -0.1080 300 HOH A O   
893 O O   . HOH B .   ? 0.4453 0.3819 0.7805 0.0158  -0.2643 -0.0200 301 HOH A O   
894 O O   . HOH B .   ? 0.3522 0.4915 0.7133 -0.0400 0.2142  -0.0977 302 HOH A O   
895 O O   . HOH B .   ? 0.4922 0.4030 0.9891 0.1715  -0.1619 -0.0513 303 HOH A O   
896 O O   . HOH B .   ? 0.4150 0.3167 0.9061 0.0874  -0.2483 -0.1560 304 HOH A O   
897 O O   . HOH B .   ? 0.4373 0.5952 0.5206 -0.2257 -0.1752 0.1814  305 HOH A O   
898 O O   . HOH B .   ? 0.4051 0.9690 0.3203 -0.0582 -0.0301 -0.0238 306 HOH A O   
899 O O   . HOH B .   ? 0.7239 0.4290 0.2966 0.1156  0.0370  0.0279  307 HOH A O   
900 O O   . HOH B .   ? 0.5882 0.3115 0.7417 0.1641  -0.0807 0.1198  308 HOH A O   
901 O O   . HOH B .   ? 0.7803 0.5405 0.5072 -0.0644 -0.0320 -0.1277 309 HOH A O   
902 O O   . HOH B .   ? 0.7085 0.4400 0.5529 0.1636  0.3531  0.1407  310 HOH A O   
903 O O   . HOH B .   ? 0.6289 0.4291 0.7878 0.2738  0.0784  0.1035  311 HOH A O   
904 O O   . HOH B .   ? 0.4974 0.7696 0.6257 0.0051  0.1623  0.0402  312 HOH A O   
905 O O   . HOH B .   ? 0.5530 0.8205 0.5410 -0.0188 0.3226  0.0446  313 HOH A O   
906 O O   . HOH B .   ? 0.6677 0.4892 0.5923 0.0594  -0.1544 -0.0482 314 HOH A O   
907 O O   . HOH B .   ? 0.5823 0.7590 0.6967 0.0698  -0.0791 -0.0749 315 HOH A O   
908 O O   . HOH B .   ? 0.5659 0.4959 0.5468 0.0062  0.3115  -0.1026 316 HOH A O   
909 O O   . HOH B .   ? 0.6958 0.8037 0.3490 0.0251  0.2093  -0.1436 317 HOH A O   
910 O O   . HOH B .   ? 0.5513 0.5009 0.5703 -0.0625 -0.0961 0.0016  318 HOH A O   
911 O O   . HOH B .   ? 0.2700 0.5005 0.6413 -0.0485 -0.0002 -0.1160 319 HOH A O   
912 O O   . HOH B .   ? 0.5330 0.7400 0.4928 0.2478  -0.2378 -0.2368 320 HOH A O   
913 O O   . HOH B .   ? 0.3980 0.6754 0.7367 -0.2260 -0.1679 -0.0880 321 HOH A O   
914 O O   . HOH B .   ? 0.6588 0.5500 0.5753 0.0330  -0.1553 -0.1688 322 HOH A O   
915 O O   . HOH B .   ? 0.4097 0.6418 0.6260 0.0549  -0.2133 0.1296  323 HOH A O   
916 O O   . HOH B .   ? 0.7715 0.7762 0.4619 -0.0016 -0.0187 -0.0661 324 HOH A O   
917 O O   . HOH B .   ? 0.6144 0.5711 0.7694 0.0238  0.0654  0.0569  325 HOH A O   
918 O O   . HOH B .   ? 0.8061 0.8714 0.4432 -0.1524 0.0081  -0.0863 326 HOH A O   
919 O O   . HOH B .   ? 0.5965 0.6356 0.7027 0.0751  -0.1071 0.0734  327 HOH A O   
920 O O   . HOH B .   ? 0.6826 0.8465 0.9334 0.0307  -0.0954 -0.0689 328 HOH A O   
921 O O   . HOH B .   ? 0.2437 0.6158 0.2468 0.0178  -0.0782 0.0151  329 HOH A O   
922 O O   . HOH B .   ? 0.2312 0.3642 0.3140 -0.0044 0.0325  0.1291  330 HOH A O   
923 O O   . HOH B .   ? 0.6268 0.7183 0.4787 -0.0746 0.3012  -0.1127 331 HOH A O   
924 O O   . HOH B .   ? 0.6766 0.5781 0.2650 -0.2180 0.1033  0.0325  332 HOH A O   
925 O O   . HOH B .   ? 0.7211 0.3974 0.6221 -0.0994 0.1285  -0.0536 333 HOH A O   
926 O O   . HOH B .   ? 0.4618 0.5144 0.6260 -0.0279 -0.0281 -0.0095 334 HOH A O   
927 O O   . HOH B .   ? 0.7331 0.7313 0.6702 0.0692  -0.0667 -0.0302 335 HOH A O   
928 O O   . HOH B .   ? 0.5302 0.4639 0.7726 -0.1334 -0.0363 0.2027  336 HOH A O   
929 O O   . HOH B .   ? 0.4548 0.3635 0.7218 -0.1424 0.0184  0.1862  337 HOH A O   
930 O O   . HOH B .   ? 0.6793 0.3546 0.5097 -0.1041 0.0171  0.0272  338 HOH A O   
931 O O   . HOH B .   ? 0.4702 0.5124 0.8506 -0.1134 -0.0281 -0.1436 339 HOH A O   
932 O O   . HOH B .   ? 0.6240 0.4396 0.7170 -0.2233 0.1043  -0.0488 340 HOH A O   
933 O O   . HOH B .   ? 0.7861 0.7586 0.4368 0.0560  0.0682  0.0009  341 HOH A O   
934 O O   . HOH B .   ? 0.7131 0.6520 0.6269 0.0606  -0.1507 0.0136  342 HOH A O   
935 O O   . HOH B .   ? 0.5752 0.5625 0.6950 -0.0219 0.0488  0.2798  343 HOH A O   
936 O O   . HOH B .   ? 0.5374 0.5840 0.5815 0.0006  0.0394  0.0620  344 HOH A O   
937 O O   . HOH B .   ? 0.5120 0.5228 0.8649 0.1703  0.1688  -0.1434 345 HOH A O   
938 O O   . HOH B .   ? 0.7270 0.5074 0.7943 -0.1549 0.0172  -0.1289 346 HOH A O   
939 O O   . HOH B .   ? 0.4464 0.6675 0.5862 -0.1406 0.1548  -0.0063 347 HOH A O   
940 O O   . HOH B .   ? 0.7063 0.6616 0.5660 0.1195  0.0467  -0.1201 348 HOH A O   
941 O O   . HOH B .   ? 0.7903 0.8077 0.3772 0.1292  -0.1234 -0.0787 349 HOH A O   
942 O O   . HOH B .   ? 0.7069 0.6594 0.5422 -0.1810 0.0988  -0.0057 350 HOH A O   
943 O O   . HOH B .   ? 0.7807 0.4773 0.5133 0.0914  0.1579  0.1624  351 HOH A O   
944 O O   . HOH B .   ? 0.5299 0.9011 0.4795 -0.2545 -0.0526 0.0339  352 HOH A O   
945 O O   . HOH B .   ? 0.6633 0.5288 0.5920 0.0002  -0.0871 0.1021  353 HOH A O   
946 O O   . HOH B .   ? 0.5121 0.8134 0.4429 -0.0640 0.2201  0.0260  354 HOH A O   
947 O O   . HOH B .   ? 0.6281 0.6681 0.4847 0.1510  -0.0686 0.0592  355 HOH A O   
948 O O   . HOH B .   ? 0.5675 0.5463 0.6010 0.0107  0.0021  0.0025  356 HOH A O   
# 
loop_
_pdbx_poly_seq_scheme.asym_id 
_pdbx_poly_seq_scheme.entity_id 
_pdbx_poly_seq_scheme.seq_id 
_pdbx_poly_seq_scheme.mon_id 
_pdbx_poly_seq_scheme.ndb_seq_num 
_pdbx_poly_seq_scheme.pdb_seq_num 
_pdbx_poly_seq_scheme.auth_seq_num 
_pdbx_poly_seq_scheme.pdb_mon_id 
_pdbx_poly_seq_scheme.auth_mon_id 
_pdbx_poly_seq_scheme.pdb_strand_id 
_pdbx_poly_seq_scheme.pdb_ins_code 
_pdbx_poly_seq_scheme.hetero 
A 1 1   MET 1   -1  ?   ?   ?   A . n 
A 1 2   LEU 2   0   ?   ?   ?   A . n 
A 1 3   MET 3   1   ?   ?   ?   A . n 
A 1 4   PRO 4   2   ?   ?   ?   A . n 
A 1 5   LYS 5   3   ?   ?   ?   A . n 
A 1 6   LYS 6   4   ?   ?   ?   A . n 
A 1 7   GLU 7   5   ?   ?   ?   A . n 
A 1 8   ARG 8   6   ?   ?   ?   A . n 
A 1 9   LYS 9   7   ?   ?   ?   A . n 
A 1 10  VAL 10  8   ?   ?   ?   A . n 
A 1 11  GLU 11  9   ?   ?   ?   A . n 
A 1 12  GLY 12  10  ?   ?   ?   A . n 
A 1 13  ASP 13  11  ?   ?   ?   A . n 
A 1 14  GLU 14  12  ?   ?   ?   A . n 
A 1 15  VAL 15  13  13  VAL VAL A . n 
A 1 16  ILE 16  14  14  ILE ILE A . n 
A 1 17  ARG 17  15  15  ARG ARG A . n 
A 1 18  VAL 18  16  16  VAL VAL A . n 
A 1 19  PRO 19  17  17  PRO PRO A . n 
A 1 20  LEU 20  18  18  LEU LEU A . n 
A 1 21  PRO 21  19  19  PRO PRO A . n 
A 1 22  GLU 22  20  20  GLU GLU A . n 
A 1 23  GLY 23  21  21  GLY GLY A . n 
A 1 24  ASN 24  22  22  ASN ASN A . n 
A 1 25  GLN 25  23  23  GLN GLN A . n 
A 1 26  LEU 26  24  24  LEU LEU A . n 
A 1 27  PHE 27  25  25  PHE PHE A . n 
A 1 28  GLY 28  26  26  GLY GLY A . n 
A 1 29  VAL 29  27  27  VAL VAL A . n 
A 1 30  VAL 30  28  28  VAL VAL A . n 
A 1 31  GLU 31  29  29  GLU GLU A . n 
A 1 32  GLN 32  30  30  GLN GLN A . n 
A 1 33  ALA 33  31  31  ALA ALA A . n 
A 1 34  LEU 34  32  32  LEU LEU A . n 
A 1 35  GLY 35  33  33  GLY GLY A . n 
A 1 36  ALA 36  34  34  ALA ALA A . n 
A 1 37  GLY 37  35  35  GLY GLY A . n 
A 1 38  TRP 38  36  36  TRP TRP A . n 
A 1 39  MET 39  37  37  MET MET A . n 
A 1 40  ASP 40  38  38  ASP ASP A . n 
A 1 41  VAL 41  39  39  VAL VAL A . n 
A 1 42  ARG 42  40  40  ARG ARG A . n 
A 1 43  CYS 43  41  41  CYS CYS A . n 
A 1 44  GLU 44  42  42  GLU GLU A . n 
A 1 45  ASP 45  43  43  ASP ASP A . n 
A 1 46  GLY 46  44  44  GLY GLY A . n 
A 1 47  LYS 47  45  45  LYS LYS A . n 
A 1 48  ILE 48  46  46  ILE ILE A . n 
A 1 49  ARG 49  47  47  ARG ARG A . n 
A 1 50  ARG 50  48  48  ARG ARG A . n 
A 1 51  CYS 51  49  49  CYS CYS A . n 
A 1 52  ARG 52  50  50  ARG ARG A . n 
A 1 53  ILE 53  51  51  ILE ILE A . n 
A 1 54  PRO 54  52  52  PRO PRO A . n 
A 1 55  GLY 55  53  53  GLY GLY A . n 
A 1 56  LYS 56  54  54  LYS LYS A . n 
A 1 57  LEU 57  55  55  LEU LEU A . n 
A 1 58  ARG 58  56  56  ARG ARG A . n 
A 1 59  ARG 59  57  57  ARG ARG A . n 
A 1 60  ARG 60  58  58  ARG ARG A . n 
A 1 61  VAL 61  59  59  VAL VAL A . n 
A 1 62  TRP 62  60  60  TRP TRP A . n 
A 1 63  ILE 63  61  61  ILE ILE A . n 
A 1 64  ARG 64  62  62  ARG ARG A . n 
A 1 65  VAL 65  63  63  VAL VAL A . n 
A 1 66  GLY 66  64  64  GLY GLY A . n 
A 1 67  ASP 67  65  65  ASP ASP A . n 
A 1 68  LEU 68  66  66  LEU LEU A . n 
A 1 69  VAL 69  67  67  VAL VAL A . n 
A 1 70  ILE 70  68  68  ILE ILE A . n 
A 1 71  VAL 71  69  69  VAL VAL A . n 
A 1 72  GLN 72  70  70  GLN GLN A . n 
A 1 73  PRO 73  71  71  PRO PRO A . n 
A 1 74  TRP 74  72  72  TRP TRP A . n 
A 1 75  PRO 75  73  73  PRO PRO A . n 
A 1 76  VAL 76  74  74  VAL VAL A . n 
A 1 77  GLN 77  75  75  GLN GLN A . n 
A 1 78  SER 78  76  76  SER SER A . n 
A 1 79  ASP 79  77  77  ASP ASP A . n 
A 1 80  LYS 80  78  78  LYS LYS A . n 
A 1 81  ARG 81  79  79  ARG ARG A . n 
A 1 82  GLY 82  80  80  GLY GLY A . n 
A 1 83  ASP 83  81  81  ASP ASP A . n 
A 1 84  ILE 84  82  82  ILE ILE A . n 
A 1 85  VAL 85  83  83  VAL VAL A . n 
A 1 86  TYR 86  84  84  TYR TYR A . n 
A 1 87  ARG 87  85  85  ARG ARG A . n 
A 1 88  TYR 88  86  86  TYR TYR A . n 
A 1 89  THR 89  87  87  THR THR A . n 
A 1 90  GLN 90  88  88  GLN GLN A . n 
A 1 91  THR 91  89  89  THR THR A . n 
A 1 92  GLN 92  90  90  GLN GLN A . n 
A 1 93  VAL 93  91  91  VAL VAL A . n 
A 1 94  ASP 94  92  92  ASP ASP A . n 
A 1 95  TRP 95  93  93  TRP TRP A . n 
A 1 96  LEU 96  94  94  LEU LEU A . n 
A 1 97  LEU 97  95  95  LEU LEU A . n 
A 1 98  ARG 98  96  96  ARG ARG A . n 
A 1 99  LYS 99  97  97  LYS LYS A . n 
A 1 100 GLY 100 98  98  GLY GLY A . n 
A 1 101 LYS 101 99  99  LYS LYS A . n 
A 1 102 ILE 102 100 100 ILE ILE A . n 
A 1 103 THR 103 101 101 THR THR A . n 
A 1 104 GLN 104 102 102 GLN GLN A . n 
A 1 105 GLU 105 103 103 GLU GLU A . n 
A 1 106 PHE 106 104 104 PHE PHE A . n 
A 1 107 LEU 107 105 105 LEU LEU A . n 
A 1 108 THR 108 106 106 THR THR A . n 
A 1 109 GLY 109 107 107 GLY GLY A . n 
A 1 110 GLY 110 108 ?   ?   ?   A . n 
A 1 111 SER 111 109 ?   ?   ?   A . n 
A 1 112 LEU 112 110 ?   ?   ?   A . n 
A 1 113 LEU 113 111 ?   ?   ?   A . n 
A 1 114 VAL 114 112 ?   ?   ?   A . n 
A 1 115 GLU 115 113 ?   ?   ?   A . n 
# 
loop_
_pdbx_nonpoly_scheme.asym_id 
_pdbx_nonpoly_scheme.entity_id 
_pdbx_nonpoly_scheme.mon_id 
_pdbx_nonpoly_scheme.ndb_seq_num 
_pdbx_nonpoly_scheme.pdb_seq_num 
_pdbx_nonpoly_scheme.auth_seq_num 
_pdbx_nonpoly_scheme.pdb_mon_id 
_pdbx_nonpoly_scheme.auth_mon_id 
_pdbx_nonpoly_scheme.pdb_strand_id 
_pdbx_nonpoly_scheme.pdb_ins_code 
B 2 HOH 1   201 201 HOH HOH A . 
B 2 HOH 2   202 202 HOH HOH A . 
B 2 HOH 3   203 203 HOH HOH A . 
B 2 HOH 4   204 204 HOH HOH A . 
B 2 HOH 5   205 205 HOH HOH A . 
B 2 HOH 6   206 206 HOH HOH A . 
B 2 HOH 7   207 207 HOH HOH A . 
B 2 HOH 8   208 208 HOH HOH A . 
B 2 HOH 9   209 209 HOH HOH A . 
B 2 HOH 10  210 210 HOH HOH A . 
B 2 HOH 11  211 211 HOH HOH A . 
B 2 HOH 12  212 212 HOH HOH A . 
B 2 HOH 13  213 213 HOH HOH A . 
B 2 HOH 14  214 214 HOH HOH A . 
B 2 HOH 15  215 215 HOH HOH A . 
B 2 HOH 16  216 216 HOH HOH A . 
B 2 HOH 17  217 217 HOH HOH A . 
B 2 HOH 18  218 218 HOH HOH A . 
B 2 HOH 19  219 219 HOH HOH A . 
B 2 HOH 20  220 220 HOH HOH A . 
B 2 HOH 21  221 221 HOH HOH A . 
B 2 HOH 22  222 222 HOH HOH A . 
B 2 HOH 23  223 223 HOH HOH A . 
B 2 HOH 24  224 224 HOH HOH A . 
B 2 HOH 25  225 225 HOH HOH A . 
B 2 HOH 26  226 226 HOH HOH A . 
B 2 HOH 27  227 227 HOH HOH A . 
B 2 HOH 28  228 228 HOH HOH A . 
B 2 HOH 29  229 229 HOH HOH A . 
B 2 HOH 30  230 230 HOH HOH A . 
B 2 HOH 31  231 231 HOH HOH A . 
B 2 HOH 32  232 232 HOH HOH A . 
B 2 HOH 33  233 233 HOH HOH A . 
B 2 HOH 34  234 234 HOH HOH A . 
B 2 HOH 35  235 235 HOH HOH A . 
B 2 HOH 36  236 236 HOH HOH A . 
B 2 HOH 37  237 237 HOH HOH A . 
B 2 HOH 38  238 238 HOH HOH A . 
B 2 HOH 39  239 239 HOH HOH A . 
B 2 HOH 40  240 240 HOH HOH A . 
B 2 HOH 41  241 241 HOH HOH A . 
B 2 HOH 42  242 242 HOH HOH A . 
B 2 HOH 43  243 243 HOH HOH A . 
B 2 HOH 44  244 244 HOH HOH A . 
B 2 HOH 45  245 245 HOH HOH A . 
B 2 HOH 46  246 246 HOH HOH A . 
B 2 HOH 47  247 247 HOH HOH A . 
B 2 HOH 48  248 248 HOH HOH A . 
B 2 HOH 49  249 249 HOH HOH A . 
B 2 HOH 50  250 250 HOH HOH A . 
B 2 HOH 51  251 251 HOH HOH A . 
B 2 HOH 52  252 252 HOH HOH A . 
B 2 HOH 53  253 253 HOH HOH A . 
B 2 HOH 54  254 254 HOH HOH A . 
B 2 HOH 55  255 255 HOH HOH A . 
B 2 HOH 56  256 256 HOH HOH A . 
B 2 HOH 57  257 257 HOH HOH A . 
B 2 HOH 58  258 258 HOH HOH A . 
B 2 HOH 59  259 259 HOH HOH A . 
B 2 HOH 60  260 260 HOH HOH A . 
B 2 HOH 61  261 261 HOH HOH A . 
B 2 HOH 62  262 262 HOH HOH A . 
B 2 HOH 63  263 263 HOH HOH A . 
B 2 HOH 64  264 264 HOH HOH A . 
B 2 HOH 65  265 265 HOH HOH A . 
B 2 HOH 66  266 266 HOH HOH A . 
B 2 HOH 67  267 267 HOH HOH A . 
B 2 HOH 68  268 268 HOH HOH A . 
B 2 HOH 69  269 269 HOH HOH A . 
B 2 HOH 70  270 270 HOH HOH A . 
B 2 HOH 71  271 271 HOH HOH A . 
B 2 HOH 72  272 272 HOH HOH A . 
B 2 HOH 73  273 273 HOH HOH A . 
B 2 HOH 74  274 274 HOH HOH A . 
B 2 HOH 75  275 275 HOH HOH A . 
B 2 HOH 76  276 276 HOH HOH A . 
B 2 HOH 77  277 277 HOH HOH A . 
B 2 HOH 78  278 278 HOH HOH A . 
B 2 HOH 79  279 279 HOH HOH A . 
B 2 HOH 80  280 280 HOH HOH A . 
B 2 HOH 81  281 281 HOH HOH A . 
B 2 HOH 82  282 282 HOH HOH A . 
B 2 HOH 83  283 283 HOH HOH A . 
B 2 HOH 84  284 284 HOH HOH A . 
B 2 HOH 85  285 285 HOH HOH A . 
B 2 HOH 86  286 286 HOH HOH A . 
B 2 HOH 87  287 287 HOH HOH A . 
B 2 HOH 88  288 288 HOH HOH A . 
B 2 HOH 89  289 289 HOH HOH A . 
B 2 HOH 90  290 290 HOH HOH A . 
B 2 HOH 91  291 291 HOH HOH A . 
B 2 HOH 92  292 292 HOH HOH A . 
B 2 HOH 93  293 293 HOH HOH A . 
B 2 HOH 94  294 294 HOH HOH A . 
B 2 HOH 95  295 295 HOH HOH A . 
B 2 HOH 96  296 296 HOH HOH A . 
B 2 HOH 97  297 297 HOH HOH A . 
B 2 HOH 98  298 298 HOH HOH A . 
B 2 HOH 99  299 299 HOH HOH A . 
B 2 HOH 100 300 300 HOH HOH A . 
B 2 HOH 101 301 301 HOH HOH A . 
B 2 HOH 102 302 302 HOH HOH A . 
B 2 HOH 103 303 303 HOH HOH A . 
B 2 HOH 104 304 304 HOH HOH A . 
B 2 HOH 105 305 305 HOH HOH A . 
B 2 HOH 106 306 306 HOH HOH A . 
B 2 HOH 107 307 307 HOH HOH A . 
B 2 HOH 108 308 308 HOH HOH A . 
B 2 HOH 109 309 309 HOH HOH A . 
B 2 HOH 110 310 310 HOH HOH A . 
B 2 HOH 111 311 311 HOH HOH A . 
B 2 HOH 112 312 312 HOH HOH A . 
B 2 HOH 113 313 313 HOH HOH A . 
B 2 HOH 114 314 314 HOH HOH A . 
B 2 HOH 115 315 315 HOH HOH A . 
B 2 HOH 116 316 316 HOH HOH A . 
B 2 HOH 117 317 317 HOH HOH A . 
B 2 HOH 118 318 318 HOH HOH A . 
B 2 HOH 119 319 319 HOH HOH A . 
B 2 HOH 120 320 320 HOH HOH A . 
B 2 HOH 121 321 321 HOH HOH A . 
B 2 HOH 122 322 322 HOH HOH A . 
B 2 HOH 123 323 323 HOH HOH A . 
B 2 HOH 124 324 324 HOH HOH A . 
B 2 HOH 125 325 325 HOH HOH A . 
B 2 HOH 126 326 326 HOH HOH A . 
B 2 HOH 127 327 327 HOH HOH A . 
B 2 HOH 128 328 328 HOH HOH A . 
B 2 HOH 129 329 329 HOH HOH A . 
B 2 HOH 130 330 330 HOH HOH A . 
B 2 HOH 131 331 333 HOH HOH A . 
B 2 HOH 132 332 334 HOH HOH A . 
B 2 HOH 133 333 335 HOH HOH A . 
B 2 HOH 134 334 336 HOH HOH A . 
B 2 HOH 135 335 337 HOH HOH A . 
B 2 HOH 136 336 338 HOH HOH A . 
B 2 HOH 137 337 339 HOH HOH A . 
B 2 HOH 138 338 340 HOH HOH A . 
B 2 HOH 139 339 341 HOH HOH A . 
B 2 HOH 140 340 342 HOH HOH A . 
B 2 HOH 141 341 343 HOH HOH A . 
B 2 HOH 142 342 344 HOH HOH A . 
B 2 HOH 143 343 345 HOH HOH A . 
B 2 HOH 144 344 346 HOH HOH A . 
B 2 HOH 145 345 347 HOH HOH A . 
B 2 HOH 146 346 348 HOH HOH A . 
B 2 HOH 147 347 349 HOH HOH A . 
B 2 HOH 148 348 350 HOH HOH A . 
B 2 HOH 149 349 351 HOH HOH A . 
B 2 HOH 150 350 352 HOH HOH A . 
B 2 HOH 151 351 353 HOH HOH A . 
B 2 HOH 152 352 354 HOH HOH A . 
B 2 HOH 153 353 355 HOH HOH A . 
B 2 HOH 154 354 356 HOH HOH A . 
B 2 HOH 155 355 357 HOH HOH A . 
B 2 HOH 156 356 358 HOH HOH A . 
# 
_pdbx_struct_assembly.id                   1 
_pdbx_struct_assembly.details              author_and_software_defined_assembly 
_pdbx_struct_assembly.method_details       PISA 
_pdbx_struct_assembly.oligomeric_details   monomeric 
_pdbx_struct_assembly.oligomeric_count     1 
# 
_pdbx_struct_assembly_gen.assembly_id       1 
_pdbx_struct_assembly_gen.oper_expression   1 
_pdbx_struct_assembly_gen.asym_id_list      A,B 
# 
_pdbx_struct_oper_list.id                   1 
_pdbx_struct_oper_list.type                 'identity operation' 
_pdbx_struct_oper_list.name                 1_555 
_pdbx_struct_oper_list.symmetry_operation   x,y,z 
_pdbx_struct_oper_list.matrix[1][1]         1.0000000000 
_pdbx_struct_oper_list.matrix[1][2]         0.0000000000 
_pdbx_struct_oper_list.matrix[1][3]         0.0000000000 
_pdbx_struct_oper_list.vector[1]            0.0000000000 
_pdbx_struct_oper_list.matrix[2][1]         0.0000000000 
_pdbx_struct_oper_list.matrix[2][2]         1.0000000000 
_pdbx_struct_oper_list.matrix[2][3]         0.0000000000 
_pdbx_struct_oper_list.vector[2]            0.0000000000 
_pdbx_struct_oper_list.matrix[3][1]         0.0000000000 
_pdbx_struct_oper_list.matrix[3][2]         0.0000000000 
_pdbx_struct_oper_list.matrix[3][3]         1.0000000000 
_pdbx_struct_oper_list.vector[3]            0.0000000000 
# 
loop_
_pdbx_audit_revision_history.ordinal 
_pdbx_audit_revision_history.data_content_type 
_pdbx_audit_revision_history.major_revision 
_pdbx_audit_revision_history.minor_revision 
_pdbx_audit_revision_history.revision_date 
1 'Structure model' 1 0 2014-09-17 
2 'Structure model' 1 1 2023-09-20 
# 
_pdbx_audit_revision_details.ordinal             1 
_pdbx_audit_revision_details.revision_ordinal    1 
_pdbx_audit_revision_details.data_content_type   'Structure model' 
_pdbx_audit_revision_details.provider            repository 
_pdbx_audit_revision_details.type                'Initial release' 
_pdbx_audit_revision_details.description         ? 
_pdbx_audit_revision_details.details             ? 
# 
loop_
_pdbx_audit_revision_group.ordinal 
_pdbx_audit_revision_group.revision_ordinal 
_pdbx_audit_revision_group.data_content_type 
_pdbx_audit_revision_group.group 
1 2 'Structure model' 'Data collection'        
2 2 'Structure model' 'Database references'    
3 2 'Structure model' 'Refinement description' 
# 
loop_
_pdbx_audit_revision_category.ordinal 
_pdbx_audit_revision_category.revision_ordinal 
_pdbx_audit_revision_category.data_content_type 
_pdbx_audit_revision_category.category 
1 2 'Structure model' chem_comp_atom                
2 2 'Structure model' chem_comp_bond                
3 2 'Structure model' database_2                    
4 2 'Structure model' pdbx_initial_refinement_model 
5 2 'Structure model' struct_ref_seq_dif            
# 
loop_
_pdbx_audit_revision_item.ordinal 
_pdbx_audit_revision_item.revision_ordinal 
_pdbx_audit_revision_item.data_content_type 
_pdbx_audit_revision_item.item 
1 2 'Structure model' '_database_2.pdbx_DOI'                
2 2 'Structure model' '_database_2.pdbx_database_accession' 
3 2 'Structure model' '_struct_ref_seq_dif.details'         
# 
loop_
_software.name 
_software.classification 
_software.version 
_software.citation_id 
_software.pdbx_ordinal 
ADSC   'data collection' Quantum           ? 1 
PHASER phasing           .                 ? 2 
PHENIX refinement        '(phenix.refine)' ? 3 
MOSFLM 'data reduction'  .                 ? 4 
SCALA  'data scaling'    .                 ? 5 
# 
loop_
_pdbx_validate_close_contact.id 
_pdbx_validate_close_contact.PDB_model_num 
_pdbx_validate_close_contact.auth_atom_id_1 
_pdbx_validate_close_contact.auth_asym_id_1 
_pdbx_validate_close_contact.auth_comp_id_1 
_pdbx_validate_close_contact.auth_seq_id_1 
_pdbx_validate_close_contact.PDB_ins_code_1 
_pdbx_validate_close_contact.label_alt_id_1 
_pdbx_validate_close_contact.auth_atom_id_2 
_pdbx_validate_close_contact.auth_asym_id_2 
_pdbx_validate_close_contact.auth_comp_id_2 
_pdbx_validate_close_contact.auth_seq_id_2 
_pdbx_validate_close_contact.PDB_ins_code_2 
_pdbx_validate_close_contact.label_alt_id_2 
_pdbx_validate_close_contact.dist 
1 1 O   A HOH 207 ? ? O A HOH 299 ? ? 2.00 
2 1 OE2 A GLU 20  ? ? O A HOH 236 ? ? 2.14 
3 1 NH2 A ARG 96  ? ? O A HOH 244 ? ? 2.16 
# 
loop_
_pdbx_validate_symm_contact.id 
_pdbx_validate_symm_contact.PDB_model_num 
_pdbx_validate_symm_contact.auth_atom_id_1 
_pdbx_validate_symm_contact.auth_asym_id_1 
_pdbx_validate_symm_contact.auth_comp_id_1 
_pdbx_validate_symm_contact.auth_seq_id_1 
_pdbx_validate_symm_contact.PDB_ins_code_1 
_pdbx_validate_symm_contact.label_alt_id_1 
_pdbx_validate_symm_contact.site_symmetry_1 
_pdbx_validate_symm_contact.auth_atom_id_2 
_pdbx_validate_symm_contact.auth_asym_id_2 
_pdbx_validate_symm_contact.auth_comp_id_2 
_pdbx_validate_symm_contact.auth_seq_id_2 
_pdbx_validate_symm_contact.PDB_ins_code_2 
_pdbx_validate_symm_contact.label_alt_id_2 
_pdbx_validate_symm_contact.site_symmetry_2 
_pdbx_validate_symm_contact.dist 
1 1 O A HOH 222 ? ? 1_555 O A HOH 330 ? ? 4_445 2.07 
2 1 O A HOH 238 ? ? 1_555 O A HOH 263 ? ? 2_454 2.12 
# 
loop_
_pdbx_unobs_or_zero_occ_residues.id 
_pdbx_unobs_or_zero_occ_residues.PDB_model_num 
_pdbx_unobs_or_zero_occ_residues.polymer_flag 
_pdbx_unobs_or_zero_occ_residues.occupancy_flag 
_pdbx_unobs_or_zero_occ_residues.auth_asym_id 
_pdbx_unobs_or_zero_occ_residues.auth_comp_id 
_pdbx_unobs_or_zero_occ_residues.auth_seq_id 
_pdbx_unobs_or_zero_occ_residues.PDB_ins_code 
_pdbx_unobs_or_zero_occ_residues.label_asym_id 
_pdbx_unobs_or_zero_occ_residues.label_comp_id 
_pdbx_unobs_or_zero_occ_residues.label_seq_id 
1  1 Y 1 A MET -1  ? A MET 1   
2  1 Y 1 A LEU 0   ? A LEU 2   
3  1 Y 1 A MET 1   ? A MET 3   
4  1 Y 1 A PRO 2   ? A PRO 4   
5  1 Y 1 A LYS 3   ? A LYS 5   
6  1 Y 1 A LYS 4   ? A LYS 6   
7  1 Y 1 A GLU 5   ? A GLU 7   
8  1 Y 1 A ARG 6   ? A ARG 8   
9  1 Y 1 A LYS 7   ? A LYS 9   
10 1 Y 1 A VAL 8   ? A VAL 10  
11 1 Y 1 A GLU 9   ? A GLU 11  
12 1 Y 1 A GLY 10  ? A GLY 12  
13 1 Y 1 A ASP 11  ? A ASP 13  
14 1 Y 1 A GLU 12  ? A GLU 14  
15 1 Y 1 A GLY 108 ? A GLY 110 
16 1 Y 1 A SER 109 ? A SER 111 
17 1 Y 1 A LEU 110 ? A LEU 112 
18 1 Y 1 A LEU 111 ? A LEU 113 
19 1 Y 1 A VAL 112 ? A VAL 114 
20 1 Y 1 A GLU 113 ? A GLU 115 
# 
loop_
_chem_comp_atom.comp_id 
_chem_comp_atom.atom_id 
_chem_comp_atom.type_symbol 
_chem_comp_atom.pdbx_aromatic_flag 
_chem_comp_atom.pdbx_stereo_config 
_chem_comp_atom.pdbx_ordinal 
ALA N    N N N 1   
ALA CA   C N S 2   
ALA C    C N N 3   
ALA O    O N N 4   
ALA CB   C N N 5   
ALA OXT  O N N 6   
ALA H    H N N 7   
ALA H2   H N N 8   
ALA HA   H N N 9   
ALA HB1  H N N 10  
ALA HB2  H N N 11  
ALA HB3  H N N 12  
ALA HXT  H N N 13  
ARG N    N N N 14  
ARG CA   C N S 15  
ARG C    C N N 16  
ARG O    O N N 17  
ARG CB   C N N 18  
ARG CG   C N N 19  
ARG CD   C N N 20  
ARG NE   N N N 21  
ARG CZ   C N N 22  
ARG NH1  N N N 23  
ARG NH2  N N N 24  
ARG OXT  O N N 25  
ARG H    H N N 26  
ARG H2   H N N 27  
ARG HA   H N N 28  
ARG HB2  H N N 29  
ARG HB3  H N N 30  
ARG HG2  H N N 31  
ARG HG3  H N N 32  
ARG HD2  H N N 33  
ARG HD3  H N N 34  
ARG HE   H N N 35  
ARG HH11 H N N 36  
ARG HH12 H N N 37  
ARG HH21 H N N 38  
ARG HH22 H N N 39  
ARG HXT  H N N 40  
ASN N    N N N 41  
ASN CA   C N S 42  
ASN C    C N N 43  
ASN O    O N N 44  
ASN CB   C N N 45  
ASN CG   C N N 46  
ASN OD1  O N N 47  
ASN ND2  N N N 48  
ASN OXT  O N N 49  
ASN H    H N N 50  
ASN H2   H N N 51  
ASN HA   H N N 52  
ASN HB2  H N N 53  
ASN HB3  H N N 54  
ASN HD21 H N N 55  
ASN HD22 H N N 56  
ASN HXT  H N N 57  
ASP N    N N N 58  
ASP CA   C N S 59  
ASP C    C N N 60  
ASP O    O N N 61  
ASP CB   C N N 62  
ASP CG   C N N 63  
ASP OD1  O N N 64  
ASP OD2  O N N 65  
ASP OXT  O N N 66  
ASP H    H N N 67  
ASP H2   H N N 68  
ASP HA   H N N 69  
ASP HB2  H N N 70  
ASP HB3  H N N 71  
ASP HD2  H N N 72  
ASP HXT  H N N 73  
CYS N    N N N 74  
CYS CA   C N R 75  
CYS C    C N N 76  
CYS O    O N N 77  
CYS CB   C N N 78  
CYS SG   S N N 79  
CYS OXT  O N N 80  
CYS H    H N N 81  
CYS H2   H N N 82  
CYS HA   H N N 83  
CYS HB2  H N N 84  
CYS HB3  H N N 85  
CYS HG   H N N 86  
CYS HXT  H N N 87  
GLN N    N N N 88  
GLN CA   C N S 89  
GLN C    C N N 90  
GLN O    O N N 91  
GLN CB   C N N 92  
GLN CG   C N N 93  
GLN CD   C N N 94  
GLN OE1  O N N 95  
GLN NE2  N N N 96  
GLN OXT  O N N 97  
GLN H    H N N 98  
GLN H2   H N N 99  
GLN HA   H N N 100 
GLN HB2  H N N 101 
GLN HB3  H N N 102 
GLN HG2  H N N 103 
GLN HG3  H N N 104 
GLN HE21 H N N 105 
GLN HE22 H N N 106 
GLN HXT  H N N 107 
GLU N    N N N 108 
GLU CA   C N S 109 
GLU C    C N N 110 
GLU O    O N N 111 
GLU CB   C N N 112 
GLU CG   C N N 113 
GLU CD   C N N 114 
GLU OE1  O N N 115 
GLU OE2  O N N 116 
GLU OXT  O N N 117 
GLU H    H N N 118 
GLU H2   H N N 119 
GLU HA   H N N 120 
GLU HB2  H N N 121 
GLU HB3  H N N 122 
GLU HG2  H N N 123 
GLU HG3  H N N 124 
GLU HE2  H N N 125 
GLU HXT  H N N 126 
GLY N    N N N 127 
GLY CA   C N N 128 
GLY C    C N N 129 
GLY O    O N N 130 
GLY OXT  O N N 131 
GLY H    H N N 132 
GLY H2   H N N 133 
GLY HA2  H N N 134 
GLY HA3  H N N 135 
GLY HXT  H N N 136 
HOH O    O N N 137 
HOH H1   H N N 138 
HOH H2   H N N 139 
ILE N    N N N 140 
ILE CA   C N S 141 
ILE C    C N N 142 
ILE O    O N N 143 
ILE CB   C N S 144 
ILE CG1  C N N 145 
ILE CG2  C N N 146 
ILE CD1  C N N 147 
ILE OXT  O N N 148 
ILE H    H N N 149 
ILE H2   H N N 150 
ILE HA   H N N 151 
ILE HB   H N N 152 
ILE HG12 H N N 153 
ILE HG13 H N N 154 
ILE HG21 H N N 155 
ILE HG22 H N N 156 
ILE HG23 H N N 157 
ILE HD11 H N N 158 
ILE HD12 H N N 159 
ILE HD13 H N N 160 
ILE HXT  H N N 161 
LEU N    N N N 162 
LEU CA   C N S 163 
LEU C    C N N 164 
LEU O    O N N 165 
LEU CB   C N N 166 
LEU CG   C N N 167 
LEU CD1  C N N 168 
LEU CD2  C N N 169 
LEU OXT  O N N 170 
LEU H    H N N 171 
LEU H2   H N N 172 
LEU HA   H N N 173 
LEU HB2  H N N 174 
LEU HB3  H N N 175 
LEU HG   H N N 176 
LEU HD11 H N N 177 
LEU HD12 H N N 178 
LEU HD13 H N N 179 
LEU HD21 H N N 180 
LEU HD22 H N N 181 
LEU HD23 H N N 182 
LEU HXT  H N N 183 
LYS N    N N N 184 
LYS CA   C N S 185 
LYS C    C N N 186 
LYS O    O N N 187 
LYS CB   C N N 188 
LYS CG   C N N 189 
LYS CD   C N N 190 
LYS CE   C N N 191 
LYS NZ   N N N 192 
LYS OXT  O N N 193 
LYS H    H N N 194 
LYS H2   H N N 195 
LYS HA   H N N 196 
LYS HB2  H N N 197 
LYS HB3  H N N 198 
LYS HG2  H N N 199 
LYS HG3  H N N 200 
LYS HD2  H N N 201 
LYS HD3  H N N 202 
LYS HE2  H N N 203 
LYS HE3  H N N 204 
LYS HZ1  H N N 205 
LYS HZ2  H N N 206 
LYS HZ3  H N N 207 
LYS HXT  H N N 208 
MET N    N N N 209 
MET CA   C N S 210 
MET C    C N N 211 
MET O    O N N 212 
MET CB   C N N 213 
MET CG   C N N 214 
MET SD   S N N 215 
MET CE   C N N 216 
MET OXT  O N N 217 
MET H    H N N 218 
MET H2   H N N 219 
MET HA   H N N 220 
MET HB2  H N N 221 
MET HB3  H N N 222 
MET HG2  H N N 223 
MET HG3  H N N 224 
MET HE1  H N N 225 
MET HE2  H N N 226 
MET HE3  H N N 227 
MET HXT  H N N 228 
PHE N    N N N 229 
PHE CA   C N S 230 
PHE C    C N N 231 
PHE O    O N N 232 
PHE CB   C N N 233 
PHE CG   C Y N 234 
PHE CD1  C Y N 235 
PHE CD2  C Y N 236 
PHE CE1  C Y N 237 
PHE CE2  C Y N 238 
PHE CZ   C Y N 239 
PHE OXT  O N N 240 
PHE H    H N N 241 
PHE H2   H N N 242 
PHE HA   H N N 243 
PHE HB2  H N N 244 
PHE HB3  H N N 245 
PHE HD1  H N N 246 
PHE HD2  H N N 247 
PHE HE1  H N N 248 
PHE HE2  H N N 249 
PHE HZ   H N N 250 
PHE HXT  H N N 251 
PRO N    N N N 252 
PRO CA   C N S 253 
PRO C    C N N 254 
PRO O    O N N 255 
PRO CB   C N N 256 
PRO CG   C N N 257 
PRO CD   C N N 258 
PRO OXT  O N N 259 
PRO H    H N N 260 
PRO HA   H N N 261 
PRO HB2  H N N 262 
PRO HB3  H N N 263 
PRO HG2  H N N 264 
PRO HG3  H N N 265 
PRO HD2  H N N 266 
PRO HD3  H N N 267 
PRO HXT  H N N 268 
SER N    N N N 269 
SER CA   C N S 270 
SER C    C N N 271 
SER O    O N N 272 
SER CB   C N N 273 
SER OG   O N N 274 
SER OXT  O N N 275 
SER H    H N N 276 
SER H2   H N N 277 
SER HA   H N N 278 
SER HB2  H N N 279 
SER HB3  H N N 280 
SER HG   H N N 281 
SER HXT  H N N 282 
THR N    N N N 283 
THR CA   C N S 284 
THR C    C N N 285 
THR O    O N N 286 
THR CB   C N R 287 
THR OG1  O N N 288 
THR CG2  C N N 289 
THR OXT  O N N 290 
THR H    H N N 291 
THR H2   H N N 292 
THR HA   H N N 293 
THR HB   H N N 294 
THR HG1  H N N 295 
THR HG21 H N N 296 
THR HG22 H N N 297 
THR HG23 H N N 298 
THR HXT  H N N 299 
TRP N    N N N 300 
TRP CA   C N S 301 
TRP C    C N N 302 
TRP O    O N N 303 
TRP CB   C N N 304 
TRP CG   C Y N 305 
TRP CD1  C Y N 306 
TRP CD2  C Y N 307 
TRP NE1  N Y N 308 
TRP CE2  C Y N 309 
TRP CE3  C Y N 310 
TRP CZ2  C Y N 311 
TRP CZ3  C Y N 312 
TRP CH2  C Y N 313 
TRP OXT  O N N 314 
TRP H    H N N 315 
TRP H2   H N N 316 
TRP HA   H N N 317 
TRP HB2  H N N 318 
TRP HB3  H N N 319 
TRP HD1  H N N 320 
TRP HE1  H N N 321 
TRP HE3  H N N 322 
TRP HZ2  H N N 323 
TRP HZ3  H N N 324 
TRP HH2  H N N 325 
TRP HXT  H N N 326 
TYR N    N N N 327 
TYR CA   C N S 328 
TYR C    C N N 329 
TYR O    O N N 330 
TYR CB   C N N 331 
TYR CG   C Y N 332 
TYR CD1  C Y N 333 
TYR CD2  C Y N 334 
TYR CE1  C Y N 335 
TYR CE2  C Y N 336 
TYR CZ   C Y N 337 
TYR OH   O N N 338 
TYR OXT  O N N 339 
TYR H    H N N 340 
TYR H2   H N N 341 
TYR HA   H N N 342 
TYR HB2  H N N 343 
TYR HB3  H N N 344 
TYR HD1  H N N 345 
TYR HD2  H N N 346 
TYR HE1  H N N 347 
TYR HE2  H N N 348 
TYR HH   H N N 349 
TYR HXT  H N N 350 
VAL N    N N N 351 
VAL CA   C N S 352 
VAL C    C N N 353 
VAL O    O N N 354 
VAL CB   C N N 355 
VAL CG1  C N N 356 
VAL CG2  C N N 357 
VAL OXT  O N N 358 
VAL H    H N N 359 
VAL H2   H N N 360 
VAL HA   H N N 361 
VAL HB   H N N 362 
VAL HG11 H N N 363 
VAL HG12 H N N 364 
VAL HG13 H N N 365 
VAL HG21 H N N 366 
VAL HG22 H N N 367 
VAL HG23 H N N 368 
VAL HXT  H N N 369 
# 
loop_
_chem_comp_bond.comp_id 
_chem_comp_bond.atom_id_1 
_chem_comp_bond.atom_id_2 
_chem_comp_bond.value_order 
_chem_comp_bond.pdbx_aromatic_flag 
_chem_comp_bond.pdbx_stereo_config 
_chem_comp_bond.pdbx_ordinal 
ALA N   CA   sing N N 1   
ALA N   H    sing N N 2   
ALA N   H2   sing N N 3   
ALA CA  C    sing N N 4   
ALA CA  CB   sing N N 5   
ALA CA  HA   sing N N 6   
ALA C   O    doub N N 7   
ALA C   OXT  sing N N 8   
ALA CB  HB1  sing N N 9   
ALA CB  HB2  sing N N 10  
ALA CB  HB3  sing N N 11  
ALA OXT HXT  sing N N 12  
ARG N   CA   sing N N 13  
ARG N   H    sing N N 14  
ARG N   H2   sing N N 15  
ARG CA  C    sing N N 16  
ARG CA  CB   sing N N 17  
ARG CA  HA   sing N N 18  
ARG C   O    doub N N 19  
ARG C   OXT  sing N N 20  
ARG CB  CG   sing N N 21  
ARG CB  HB2  sing N N 22  
ARG CB  HB3  sing N N 23  
ARG CG  CD   sing N N 24  
ARG CG  HG2  sing N N 25  
ARG CG  HG3  sing N N 26  
ARG CD  NE   sing N N 27  
ARG CD  HD2  sing N N 28  
ARG CD  HD3  sing N N 29  
ARG NE  CZ   sing N N 30  
ARG NE  HE   sing N N 31  
ARG CZ  NH1  sing N N 32  
ARG CZ  NH2  doub N N 33  
ARG NH1 HH11 sing N N 34  
ARG NH1 HH12 sing N N 35  
ARG NH2 HH21 sing N N 36  
ARG NH2 HH22 sing N N 37  
ARG OXT HXT  sing N N 38  
ASN N   CA   sing N N 39  
ASN N   H    sing N N 40  
ASN N   H2   sing N N 41  
ASN CA  C    sing N N 42  
ASN CA  CB   sing N N 43  
ASN CA  HA   sing N N 44  
ASN C   O    doub N N 45  
ASN C   OXT  sing N N 46  
ASN CB  CG   sing N N 47  
ASN CB  HB2  sing N N 48  
ASN CB  HB3  sing N N 49  
ASN CG  OD1  doub N N 50  
ASN CG  ND2  sing N N 51  
ASN ND2 HD21 sing N N 52  
ASN ND2 HD22 sing N N 53  
ASN OXT HXT  sing N N 54  
ASP N   CA   sing N N 55  
ASP N   H    sing N N 56  
ASP N   H2   sing N N 57  
ASP CA  C    sing N N 58  
ASP CA  CB   sing N N 59  
ASP CA  HA   sing N N 60  
ASP C   O    doub N N 61  
ASP C   OXT  sing N N 62  
ASP CB  CG   sing N N 63  
ASP CB  HB2  sing N N 64  
ASP CB  HB3  sing N N 65  
ASP CG  OD1  doub N N 66  
ASP CG  OD2  sing N N 67  
ASP OD2 HD2  sing N N 68  
ASP OXT HXT  sing N N 69  
CYS N   CA   sing N N 70  
CYS N   H    sing N N 71  
CYS N   H2   sing N N 72  
CYS CA  C    sing N N 73  
CYS CA  CB   sing N N 74  
CYS CA  HA   sing N N 75  
CYS C   O    doub N N 76  
CYS C   OXT  sing N N 77  
CYS CB  SG   sing N N 78  
CYS CB  HB2  sing N N 79  
CYS CB  HB3  sing N N 80  
CYS SG  HG   sing N N 81  
CYS OXT HXT  sing N N 82  
GLN N   CA   sing N N 83  
GLN N   H    sing N N 84  
GLN N   H2   sing N N 85  
GLN CA  C    sing N N 86  
GLN CA  CB   sing N N 87  
GLN CA  HA   sing N N 88  
GLN C   O    doub N N 89  
GLN C   OXT  sing N N 90  
GLN CB  CG   sing N N 91  
GLN CB  HB2  sing N N 92  
GLN CB  HB3  sing N N 93  
GLN CG  CD   sing N N 94  
GLN CG  HG2  sing N N 95  
GLN CG  HG3  sing N N 96  
GLN CD  OE1  doub N N 97  
GLN CD  NE2  sing N N 98  
GLN NE2 HE21 sing N N 99  
GLN NE2 HE22 sing N N 100 
GLN OXT HXT  sing N N 101 
GLU N   CA   sing N N 102 
GLU N   H    sing N N 103 
GLU N   H2   sing N N 104 
GLU CA  C    sing N N 105 
GLU CA  CB   sing N N 106 
GLU CA  HA   sing N N 107 
GLU C   O    doub N N 108 
GLU C   OXT  sing N N 109 
GLU CB  CG   sing N N 110 
GLU CB  HB2  sing N N 111 
GLU CB  HB3  sing N N 112 
GLU CG  CD   sing N N 113 
GLU CG  HG2  sing N N 114 
GLU CG  HG3  sing N N 115 
GLU CD  OE1  doub N N 116 
GLU CD  OE2  sing N N 117 
GLU OE2 HE2  sing N N 118 
GLU OXT HXT  sing N N 119 
GLY N   CA   sing N N 120 
GLY N   H    sing N N 121 
GLY N   H2   sing N N 122 
GLY CA  C    sing N N 123 
GLY CA  HA2  sing N N 124 
GLY CA  HA3  sing N N 125 
GLY C   O    doub N N 126 
GLY C   OXT  sing N N 127 
GLY OXT HXT  sing N N 128 
HOH O   H1   sing N N 129 
HOH O   H2   sing N N 130 
ILE N   CA   sing N N 131 
ILE N   H    sing N N 132 
ILE N   H2   sing N N 133 
ILE CA  C    sing N N 134 
ILE CA  CB   sing N N 135 
ILE CA  HA   sing N N 136 
ILE C   O    doub N N 137 
ILE C   OXT  sing N N 138 
ILE CB  CG1  sing N N 139 
ILE CB  CG2  sing N N 140 
ILE CB  HB   sing N N 141 
ILE CG1 CD1  sing N N 142 
ILE CG1 HG12 sing N N 143 
ILE CG1 HG13 sing N N 144 
ILE CG2 HG21 sing N N 145 
ILE CG2 HG22 sing N N 146 
ILE CG2 HG23 sing N N 147 
ILE CD1 HD11 sing N N 148 
ILE CD1 HD12 sing N N 149 
ILE CD1 HD13 sing N N 150 
ILE OXT HXT  sing N N 151 
LEU N   CA   sing N N 152 
LEU N   H    sing N N 153 
LEU N   H2   sing N N 154 
LEU CA  C    sing N N 155 
LEU CA  CB   sing N N 156 
LEU CA  HA   sing N N 157 
LEU C   O    doub N N 158 
LEU C   OXT  sing N N 159 
LEU CB  CG   sing N N 160 
LEU CB  HB2  sing N N 161 
LEU CB  HB3  sing N N 162 
LEU CG  CD1  sing N N 163 
LEU CG  CD2  sing N N 164 
LEU CG  HG   sing N N 165 
LEU CD1 HD11 sing N N 166 
LEU CD1 HD12 sing N N 167 
LEU CD1 HD13 sing N N 168 
LEU CD2 HD21 sing N N 169 
LEU CD2 HD22 sing N N 170 
LEU CD2 HD23 sing N N 171 
LEU OXT HXT  sing N N 172 
LYS N   CA   sing N N 173 
LYS N   H    sing N N 174 
LYS N   H2   sing N N 175 
LYS CA  C    sing N N 176 
LYS CA  CB   sing N N 177 
LYS CA  HA   sing N N 178 
LYS C   O    doub N N 179 
LYS C   OXT  sing N N 180 
LYS CB  CG   sing N N 181 
LYS CB  HB2  sing N N 182 
LYS CB  HB3  sing N N 183 
LYS CG  CD   sing N N 184 
LYS CG  HG2  sing N N 185 
LYS CG  HG3  sing N N 186 
LYS CD  CE   sing N N 187 
LYS CD  HD2  sing N N 188 
LYS CD  HD3  sing N N 189 
LYS CE  NZ   sing N N 190 
LYS CE  HE2  sing N N 191 
LYS CE  HE3  sing N N 192 
LYS NZ  HZ1  sing N N 193 
LYS NZ  HZ2  sing N N 194 
LYS NZ  HZ3  sing N N 195 
LYS OXT HXT  sing N N 196 
MET N   CA   sing N N 197 
MET N   H    sing N N 198 
MET N   H2   sing N N 199 
MET CA  C    sing N N 200 
MET CA  CB   sing N N 201 
MET CA  HA   sing N N 202 
MET C   O    doub N N 203 
MET C   OXT  sing N N 204 
MET CB  CG   sing N N 205 
MET CB  HB2  sing N N 206 
MET CB  HB3  sing N N 207 
MET CG  SD   sing N N 208 
MET CG  HG2  sing N N 209 
MET CG  HG3  sing N N 210 
MET SD  CE   sing N N 211 
MET CE  HE1  sing N N 212 
MET CE  HE2  sing N N 213 
MET CE  HE3  sing N N 214 
MET OXT HXT  sing N N 215 
PHE N   CA   sing N N 216 
PHE N   H    sing N N 217 
PHE N   H2   sing N N 218 
PHE CA  C    sing N N 219 
PHE CA  CB   sing N N 220 
PHE CA  HA   sing N N 221 
PHE C   O    doub N N 222 
PHE C   OXT  sing N N 223 
PHE CB  CG   sing N N 224 
PHE CB  HB2  sing N N 225 
PHE CB  HB3  sing N N 226 
PHE CG  CD1  doub Y N 227 
PHE CG  CD2  sing Y N 228 
PHE CD1 CE1  sing Y N 229 
PHE CD1 HD1  sing N N 230 
PHE CD2 CE2  doub Y N 231 
PHE CD2 HD2  sing N N 232 
PHE CE1 CZ   doub Y N 233 
PHE CE1 HE1  sing N N 234 
PHE CE2 CZ   sing Y N 235 
PHE CE2 HE2  sing N N 236 
PHE CZ  HZ   sing N N 237 
PHE OXT HXT  sing N N 238 
PRO N   CA   sing N N 239 
PRO N   CD   sing N N 240 
PRO N   H    sing N N 241 
PRO CA  C    sing N N 242 
PRO CA  CB   sing N N 243 
PRO CA  HA   sing N N 244 
PRO C   O    doub N N 245 
PRO C   OXT  sing N N 246 
PRO CB  CG   sing N N 247 
PRO CB  HB2  sing N N 248 
PRO CB  HB3  sing N N 249 
PRO CG  CD   sing N N 250 
PRO CG  HG2  sing N N 251 
PRO CG  HG3  sing N N 252 
PRO CD  HD2  sing N N 253 
PRO CD  HD3  sing N N 254 
PRO OXT HXT  sing N N 255 
SER N   CA   sing N N 256 
SER N   H    sing N N 257 
SER N   H2   sing N N 258 
SER CA  C    sing N N 259 
SER CA  CB   sing N N 260 
SER CA  HA   sing N N 261 
SER C   O    doub N N 262 
SER C   OXT  sing N N 263 
SER CB  OG   sing N N 264 
SER CB  HB2  sing N N 265 
SER CB  HB3  sing N N 266 
SER OG  HG   sing N N 267 
SER OXT HXT  sing N N 268 
THR N   CA   sing N N 269 
THR N   H    sing N N 270 
THR N   H2   sing N N 271 
THR CA  C    sing N N 272 
THR CA  CB   sing N N 273 
THR CA  HA   sing N N 274 
THR C   O    doub N N 275 
THR C   OXT  sing N N 276 
THR CB  OG1  sing N N 277 
THR CB  CG2  sing N N 278 
THR CB  HB   sing N N 279 
THR OG1 HG1  sing N N 280 
THR CG2 HG21 sing N N 281 
THR CG2 HG22 sing N N 282 
THR CG2 HG23 sing N N 283 
THR OXT HXT  sing N N 284 
TRP N   CA   sing N N 285 
TRP N   H    sing N N 286 
TRP N   H2   sing N N 287 
TRP CA  C    sing N N 288 
TRP CA  CB   sing N N 289 
TRP CA  HA   sing N N 290 
TRP C   O    doub N N 291 
TRP C   OXT  sing N N 292 
TRP CB  CG   sing N N 293 
TRP CB  HB2  sing N N 294 
TRP CB  HB3  sing N N 295 
TRP CG  CD1  doub Y N 296 
TRP CG  CD2  sing Y N 297 
TRP CD1 NE1  sing Y N 298 
TRP CD1 HD1  sing N N 299 
TRP CD2 CE2  doub Y N 300 
TRP CD2 CE3  sing Y N 301 
TRP NE1 CE2  sing Y N 302 
TRP NE1 HE1  sing N N 303 
TRP CE2 CZ2  sing Y N 304 
TRP CE3 CZ3  doub Y N 305 
TRP CE3 HE3  sing N N 306 
TRP CZ2 CH2  doub Y N 307 
TRP CZ2 HZ2  sing N N 308 
TRP CZ3 CH2  sing Y N 309 
TRP CZ3 HZ3  sing N N 310 
TRP CH2 HH2  sing N N 311 
TRP OXT HXT  sing N N 312 
TYR N   CA   sing N N 313 
TYR N   H    sing N N 314 
TYR N   H2   sing N N 315 
TYR CA  C    sing N N 316 
TYR CA  CB   sing N N 317 
TYR CA  HA   sing N N 318 
TYR C   O    doub N N 319 
TYR C   OXT  sing N N 320 
TYR CB  CG   sing N N 321 
TYR CB  HB2  sing N N 322 
TYR CB  HB3  sing N N 323 
TYR CG  CD1  doub Y N 324 
TYR CG  CD2  sing Y N 325 
TYR CD1 CE1  sing Y N 326 
TYR CD1 HD1  sing N N 327 
TYR CD2 CE2  doub Y N 328 
TYR CD2 HD2  sing N N 329 
TYR CE1 CZ   doub Y N 330 
TYR CE1 HE1  sing N N 331 
TYR CE2 CZ   sing Y N 332 
TYR CE2 HE2  sing N N 333 
TYR CZ  OH   sing N N 334 
TYR OH  HH   sing N N 335 
TYR OXT HXT  sing N N 336 
VAL N   CA   sing N N 337 
VAL N   H    sing N N 338 
VAL N   H2   sing N N 339 
VAL CA  C    sing N N 340 
VAL CA  CB   sing N N 341 
VAL CA  HA   sing N N 342 
VAL C   O    doub N N 343 
VAL C   OXT  sing N N 344 
VAL CB  CG1  sing N N 345 
VAL CB  CG2  sing N N 346 
VAL CB  HB   sing N N 347 
VAL CG1 HG11 sing N N 348 
VAL CG1 HG12 sing N N 349 
VAL CG1 HG13 sing N N 350 
VAL CG2 HG21 sing N N 351 
VAL CG2 HG22 sing N N 352 
VAL CG2 HG23 sing N N 353 
VAL OXT HXT  sing N N 354 
# 
_pdbx_entity_nonpoly.entity_id   2 
_pdbx_entity_nonpoly.name        water 
_pdbx_entity_nonpoly.comp_id     HOH 
# 
_pdbx_initial_refinement_model.id               1 
_pdbx_initial_refinement_model.entity_id_list   ? 
_pdbx_initial_refinement_model.type             'experimental model' 
_pdbx_initial_refinement_model.source_name      PDB 
_pdbx_initial_refinement_model.accession_code   2OQK 
_pdbx_initial_refinement_model.details          'PDB ENTRY 2OQK' 
# 
